data_2P70
# 
_entry.id   2P70 
# 
_audit_conform.dict_name       mmcif_pdbx.dic 
_audit_conform.dict_version    5.397 
_audit_conform.dict_location   http://mmcif.pdb.org/dictionaries/ascii/mmcif_pdbx.dic 
# 
loop_
_database_2.database_id 
_database_2.database_code 
_database_2.pdbx_database_accession 
_database_2.pdbx_DOI 
PDB   2P70         pdb_00002p70 10.2210/pdb2p70/pdb 
RCSB  RCSB042045   ?            ?                   
WWPDB D_1000042045 ?            ?                   
# 
loop_
_pdbx_audit_revision_history.ordinal 
_pdbx_audit_revision_history.data_content_type 
_pdbx_audit_revision_history.major_revision 
_pdbx_audit_revision_history.minor_revision 
_pdbx_audit_revision_history.revision_date 
1 'Structure model' 1 0 2007-04-10 
2 'Structure model' 1 1 2008-05-01 
3 'Structure model' 1 2 2011-07-13 
4 'Structure model' 1 3 2017-10-18 
5 'Structure model' 1 4 2023-08-30 
6 'Structure model' 1 5 2024-10-30 
# 
_pdbx_audit_revision_details.ordinal             1 
_pdbx_audit_revision_details.revision_ordinal    1 
_pdbx_audit_revision_details.data_content_type   'Structure model' 
_pdbx_audit_revision_details.provider            repository 
_pdbx_audit_revision_details.type                'Initial release' 
_pdbx_audit_revision_details.description         ? 
_pdbx_audit_revision_details.details             ? 
# 
loop_
_pdbx_audit_revision_group.ordinal 
_pdbx_audit_revision_group.revision_ordinal 
_pdbx_audit_revision_group.data_content_type 
_pdbx_audit_revision_group.group 
1 2 'Structure model' 'Version format compliance' 
2 3 'Structure model' 'Version format compliance' 
3 4 'Structure model' 'Refinement description'    
4 5 'Structure model' 'Data collection'           
5 5 'Structure model' 'Database references'       
6 5 'Structure model' 'Derived calculations'      
7 5 'Structure model' 'Refinement description'    
8 6 'Structure model' 'Structure summary'         
# 
loop_
_pdbx_audit_revision_category.ordinal 
_pdbx_audit_revision_category.revision_ordinal 
_pdbx_audit_revision_category.data_content_type 
_pdbx_audit_revision_category.category 
1 4 'Structure model' software                      
2 5 'Structure model' chem_comp_atom                
3 5 'Structure model' chem_comp_bond                
4 5 'Structure model' database_2                    
5 5 'Structure model' pdbx_initial_refinement_model 
6 5 'Structure model' struct_site                   
7 6 'Structure model' pdbx_entry_details            
8 6 'Structure model' pdbx_modification_feature     
# 
loop_
_pdbx_audit_revision_item.ordinal 
_pdbx_audit_revision_item.revision_ordinal 
_pdbx_audit_revision_item.data_content_type 
_pdbx_audit_revision_item.item 
1 5 'Structure model' '_database_2.pdbx_DOI'                
2 5 'Structure model' '_database_2.pdbx_database_accession' 
3 5 'Structure model' '_struct_site.pdbx_auth_asym_id'      
4 5 'Structure model' '_struct_site.pdbx_auth_comp_id'      
5 5 'Structure model' '_struct_site.pdbx_auth_seq_id'       
# 
_pdbx_database_status.entry_id                        2P70 
_pdbx_database_status.status_code                     REL 
_pdbx_database_status.status_code_sf                  REL 
_pdbx_database_status.recvd_initial_deposition_date   2007-03-19 
_pdbx_database_status.deposit_site                    RCSB 
_pdbx_database_status.process_site                    RCSB 
_pdbx_database_status.SG_entry                        N 
_pdbx_database_status.status_code_mr                  ? 
_pdbx_database_status.pdb_format_compatible           Y 
_pdbx_database_status.status_code_cs                  ? 
_pdbx_database_status.methods_development_category    ? 
_pdbx_database_status.status_code_nmr_data            ? 
# 
loop_
_pdbx_database_related.db_name 
_pdbx_database_related.db_id 
_pdbx_database_related.details 
_pdbx_database_related.content_type 
PDB 1DQE 'BmorPBP bound to bombykol'       unspecified 
PDB 2FJY 'unliganded crystal structure'    unspecified 
PDB 2P71 'BmorPBP bound to iodohexadecane' unspecified 
# 
loop_
_audit_author.name 
_audit_author.pdbx_ordinal 
'Lautenschlager, C.L.' 1 
'Clardy, J.'           2 
# 
_citation.id                        primary 
_citation.title                     
'Bombyx mori pheromone-binding protein binding nonpheromone ligands: implications for pheromone recognition.' 
_citation.journal_abbrev            Structure 
_citation.journal_volume            15 
_citation.page_first                1148 
_citation.page_last                 1154 
_citation.year                      2007 
_citation.journal_id_ASTM           STRUE6 
_citation.country                   UK 
_citation.journal_id_ISSN           0969-2126 
_citation.journal_id_CSD            2005 
_citation.book_publisher            ? 
_citation.pdbx_database_id_PubMed   17850754 
_citation.pdbx_database_id_DOI      10.1016/j.str.2007.07.013 
# 
loop_
_citation_author.citation_id 
_citation_author.name 
_citation_author.ordinal 
_citation_author.identifier_ORCID 
primary 'Lautenschlager, C.' 1 ? 
primary 'Leal, W.S.'         2 ? 
primary 'Clardy, J.'         3 ? 
# 
loop_
_entity.id 
_entity.type 
_entity.src_method 
_entity.pdbx_description 
_entity.formula_weight 
_entity.pdbx_number_of_molecules 
_entity.pdbx_ec 
_entity.pdbx_mutation 
_entity.pdbx_fragment 
_entity.details 
1 polymer     man 'pheromone-binding protein'  14921.991 1  ? ? ? ? 
2 non-polymer syn 2-ISOBUTYL-3-METHOXYPYRAZINE 166.220   2  ? ? ? ? 
3 water       nat water                        18.015    28 ? ? ? ? 
# 
_entity_name_com.entity_id   1 
_entity_name_com.name        PBP 
# 
_entity_poly.entity_id                      1 
_entity_poly.type                           'polypeptide(L)' 
_entity_poly.nstd_linkage                   no 
_entity_poly.nstd_monomer                   no 
_entity_poly.pdbx_seq_one_letter_code       
;SQEVMKNLSLNFGKALDECKKEMTLTDAINEDFYNFWKEGYEIKNRETGCAIMCLSTKLNMLDPEGNLHHGNAMEFAKKH
GADETMAQQLIDIVHGCEKSTPANDDKCIWTLGVATCFKAEIHKLNWAPSMD
;
_entity_poly.pdbx_seq_one_letter_code_can   
;SQEVMKNLSLNFGKALDECKKEMTLTDAINEDFYNFWKEGYEIKNRETGCAIMCLSTKLNMLDPEGNLHHGNAMEFAKKH
GADETMAQQLIDIVHGCEKSTPANDDKCIWTLGVATCFKAEIHKLNWAPSMD
;
_entity_poly.pdbx_strand_id                 A 
_entity_poly.pdbx_target_identifier         ? 
# 
loop_
_pdbx_entity_nonpoly.entity_id 
_pdbx_entity_nonpoly.name 
_pdbx_entity_nonpoly.comp_id 
2 2-ISOBUTYL-3-METHOXYPYRAZINE PRZ 
3 water                        HOH 
# 
loop_
_entity_poly_seq.entity_id 
_entity_poly_seq.num 
_entity_poly_seq.mon_id 
_entity_poly_seq.hetero 
1 1   SER n 
1 2   GLN n 
1 3   GLU n 
1 4   VAL n 
1 5   MET n 
1 6   LYS n 
1 7   ASN n 
1 8   LEU n 
1 9   SER n 
1 10  LEU n 
1 11  ASN n 
1 12  PHE n 
1 13  GLY n 
1 14  LYS n 
1 15  ALA n 
1 16  LEU n 
1 17  ASP n 
1 18  GLU n 
1 19  CYS n 
1 20  LYS n 
1 21  LYS n 
1 22  GLU n 
1 23  MET n 
1 24  THR n 
1 25  LEU n 
1 26  THR n 
1 27  ASP n 
1 28  ALA n 
1 29  ILE n 
1 30  ASN n 
1 31  GLU n 
1 32  ASP n 
1 33  PHE n 
1 34  TYR n 
1 35  ASN n 
1 36  PHE n 
1 37  TRP n 
1 38  LYS n 
1 39  GLU n 
1 40  GLY n 
1 41  TYR n 
1 42  GLU n 
1 43  ILE n 
1 44  LYS n 
1 45  ASN n 
1 46  ARG n 
1 47  GLU n 
1 48  THR n 
1 49  GLY n 
1 50  CYS n 
1 51  ALA n 
1 52  ILE n 
1 53  MET n 
1 54  CYS n 
1 55  LEU n 
1 56  SER n 
1 57  THR n 
1 58  LYS n 
1 59  LEU n 
1 60  ASN n 
1 61  MET n 
1 62  LEU n 
1 63  ASP n 
1 64  PRO n 
1 65  GLU n 
1 66  GLY n 
1 67  ASN n 
1 68  LEU n 
1 69  HIS n 
1 70  HIS n 
1 71  GLY n 
1 72  ASN n 
1 73  ALA n 
1 74  MET n 
1 75  GLU n 
1 76  PHE n 
1 77  ALA n 
1 78  LYS n 
1 79  LYS n 
1 80  HIS n 
1 81  GLY n 
1 82  ALA n 
1 83  ASP n 
1 84  GLU n 
1 85  THR n 
1 86  MET n 
1 87  ALA n 
1 88  GLN n 
1 89  GLN n 
1 90  LEU n 
1 91  ILE n 
1 92  ASP n 
1 93  ILE n 
1 94  VAL n 
1 95  HIS n 
1 96  GLY n 
1 97  CYS n 
1 98  GLU n 
1 99  LYS n 
1 100 SER n 
1 101 THR n 
1 102 PRO n 
1 103 ALA n 
1 104 ASN n 
1 105 ASP n 
1 106 ASP n 
1 107 LYS n 
1 108 CYS n 
1 109 ILE n 
1 110 TRP n 
1 111 THR n 
1 112 LEU n 
1 113 GLY n 
1 114 VAL n 
1 115 ALA n 
1 116 THR n 
1 117 CYS n 
1 118 PHE n 
1 119 LYS n 
1 120 ALA n 
1 121 GLU n 
1 122 ILE n 
1 123 HIS n 
1 124 LYS n 
1 125 LEU n 
1 126 ASN n 
1 127 TRP n 
1 128 ALA n 
1 129 PRO n 
1 130 SER n 
1 131 MET n 
1 132 ASP n 
# 
_entity_src_gen.entity_id                          1 
_entity_src_gen.pdbx_src_id                        1 
_entity_src_gen.pdbx_alt_source_flag               sample 
_entity_src_gen.pdbx_seq_type                      ? 
_entity_src_gen.pdbx_beg_seq_num                   ? 
_entity_src_gen.pdbx_end_seq_num                   ? 
_entity_src_gen.gene_src_common_name               'domestic silkworm' 
_entity_src_gen.gene_src_genus                     Bombyx 
_entity_src_gen.pdbx_gene_src_gene                 'pheromone binding protein' 
_entity_src_gen.gene_src_species                   ? 
_entity_src_gen.gene_src_strain                    ? 
_entity_src_gen.gene_src_tissue                    ? 
_entity_src_gen.gene_src_tissue_fraction           ? 
_entity_src_gen.gene_src_details                   ? 
_entity_src_gen.pdbx_gene_src_fragment             ? 
_entity_src_gen.pdbx_gene_src_scientific_name      'Bombyx mori' 
_entity_src_gen.pdbx_gene_src_ncbi_taxonomy_id     7091 
_entity_src_gen.pdbx_gene_src_variant              ? 
_entity_src_gen.pdbx_gene_src_cell_line            ? 
_entity_src_gen.pdbx_gene_src_atcc                 ? 
_entity_src_gen.pdbx_gene_src_organ                ? 
_entity_src_gen.pdbx_gene_src_organelle            ? 
_entity_src_gen.pdbx_gene_src_cell                 ? 
_entity_src_gen.pdbx_gene_src_cellular_location    ? 
_entity_src_gen.host_org_common_name               ? 
_entity_src_gen.pdbx_host_org_scientific_name      'Escherichia coli' 
_entity_src_gen.pdbx_host_org_ncbi_taxonomy_id     562 
_entity_src_gen.host_org_genus                     Escherichia 
_entity_src_gen.pdbx_host_org_gene                 ? 
_entity_src_gen.pdbx_host_org_organ                ? 
_entity_src_gen.host_org_species                   ? 
_entity_src_gen.pdbx_host_org_tissue               ? 
_entity_src_gen.pdbx_host_org_tissue_fraction      ? 
_entity_src_gen.pdbx_host_org_strain               ? 
_entity_src_gen.pdbx_host_org_variant              ? 
_entity_src_gen.pdbx_host_org_cell_line            ? 
_entity_src_gen.pdbx_host_org_atcc                 ? 
_entity_src_gen.pdbx_host_org_culture_collection   ? 
_entity_src_gen.pdbx_host_org_cell                 ? 
_entity_src_gen.pdbx_host_org_organelle            ? 
_entity_src_gen.pdbx_host_org_cellular_location    ? 
_entity_src_gen.pdbx_host_org_vector_type          plasmid 
_entity_src_gen.pdbx_host_org_vector               ? 
_entity_src_gen.host_org_details                   ? 
_entity_src_gen.expression_system_id               ? 
_entity_src_gen.plasmid_name                       ? 
_entity_src_gen.plasmid_details                    ? 
_entity_src_gen.pdbx_description                   untagged 
# 
loop_
_chem_comp.id 
_chem_comp.type 
_chem_comp.mon_nstd_flag 
_chem_comp.name 
_chem_comp.pdbx_synonyms 
_chem_comp.formula 
_chem_comp.formula_weight 
ALA 'L-peptide linking' y ALANINE                      ? 'C3 H7 N O2'     89.093  
ARG 'L-peptide linking' y ARGININE                     ? 'C6 H15 N4 O2 1' 175.209 
ASN 'L-peptide linking' y ASPARAGINE                   ? 'C4 H8 N2 O3'    132.118 
ASP 'L-peptide linking' y 'ASPARTIC ACID'              ? 'C4 H7 N O4'     133.103 
CYS 'L-peptide linking' y CYSTEINE                     ? 'C3 H7 N O2 S'   121.158 
GLN 'L-peptide linking' y GLUTAMINE                    ? 'C5 H10 N2 O3'   146.144 
GLU 'L-peptide linking' y 'GLUTAMIC ACID'              ? 'C5 H9 N O4'     147.129 
GLY 'peptide linking'   y GLYCINE                      ? 'C2 H5 N O2'     75.067  
HIS 'L-peptide linking' y HISTIDINE                    ? 'C6 H10 N3 O2 1' 156.162 
HOH non-polymer         . WATER                        ? 'H2 O'           18.015  
ILE 'L-peptide linking' y ISOLEUCINE                   ? 'C6 H13 N O2'    131.173 
LEU 'L-peptide linking' y LEUCINE                      ? 'C6 H13 N O2'    131.173 
LYS 'L-peptide linking' y LYSINE                       ? 'C6 H15 N2 O2 1' 147.195 
MET 'L-peptide linking' y METHIONINE                   ? 'C5 H11 N O2 S'  149.211 
PHE 'L-peptide linking' y PHENYLALANINE                ? 'C9 H11 N O2'    165.189 
PRO 'L-peptide linking' y PROLINE                      ? 'C5 H9 N O2'     115.130 
PRZ non-polymer         . 2-ISOBUTYL-3-METHOXYPYRAZINE ? 'C9 H14 N2 O'    166.220 
SER 'L-peptide linking' y SERINE                       ? 'C3 H7 N O3'     105.093 
THR 'L-peptide linking' y THREONINE                    ? 'C4 H9 N O3'     119.119 
TRP 'L-peptide linking' y TRYPTOPHAN                   ? 'C11 H12 N2 O2'  204.225 
TYR 'L-peptide linking' y TYROSINE                     ? 'C9 H11 N O3'    181.189 
VAL 'L-peptide linking' y VALINE                       ? 'C5 H11 N O2'    117.146 
# 
loop_
_pdbx_poly_seq_scheme.asym_id 
_pdbx_poly_seq_scheme.entity_id 
_pdbx_poly_seq_scheme.seq_id 
_pdbx_poly_seq_scheme.mon_id 
_pdbx_poly_seq_scheme.ndb_seq_num 
_pdbx_poly_seq_scheme.pdb_seq_num 
_pdbx_poly_seq_scheme.auth_seq_num 
_pdbx_poly_seq_scheme.pdb_mon_id 
_pdbx_poly_seq_scheme.auth_mon_id 
_pdbx_poly_seq_scheme.pdb_strand_id 
_pdbx_poly_seq_scheme.pdb_ins_code 
_pdbx_poly_seq_scheme.hetero 
A 1 1   SER 1   1   1   SER SER A . n 
A 1 2   GLN 2   2   2   GLN GLN A . n 
A 1 3   GLU 3   3   3   GLU GLU A . n 
A 1 4   VAL 4   4   4   VAL VAL A . n 
A 1 5   MET 5   5   5   MET MET A . n 
A 1 6   LYS 6   6   6   LYS LYS A . n 
A 1 7   ASN 7   7   7   ASN ASN A . n 
A 1 8   LEU 8   8   8   LEU LEU A . n 
A 1 9   SER 9   9   9   SER SER A . n 
A 1 10  LEU 10  10  10  LEU LEU A . n 
A 1 11  ASN 11  11  11  ASN ASN A . n 
A 1 12  PHE 12  12  12  PHE PHE A . n 
A 1 13  GLY 13  13  13  GLY GLY A . n 
A 1 14  LYS 14  14  14  LYS LYS A . n 
A 1 15  ALA 15  15  15  ALA ALA A . n 
A 1 16  LEU 16  16  16  LEU LEU A . n 
A 1 17  ASP 17  17  17  ASP ASP A . n 
A 1 18  GLU 18  18  18  GLU GLU A . n 
A 1 19  CYS 19  19  19  CYS CYS A . n 
A 1 20  LYS 20  20  20  LYS LYS A . n 
A 1 21  LYS 21  21  21  LYS LYS A . n 
A 1 22  GLU 22  22  22  GLU GLU A . n 
A 1 23  MET 23  23  23  MET MET A . n 
A 1 24  THR 24  24  24  THR THR A . n 
A 1 25  LEU 25  25  25  LEU LEU A . n 
A 1 26  THR 26  26  26  THR THR A . n 
A 1 27  ASP 27  27  27  ASP ASP A . n 
A 1 28  ALA 28  28  28  ALA ALA A . n 
A 1 29  ILE 29  29  29  ILE ILE A . n 
A 1 30  ASN 30  30  30  ASN ASN A . n 
A 1 31  GLU 31  31  31  GLU GLU A . n 
A 1 32  ASP 32  32  32  ASP ASP A . n 
A 1 33  PHE 33  33  33  PHE PHE A . n 
A 1 34  TYR 34  34  34  TYR TYR A . n 
A 1 35  ASN 35  35  35  ASN ASN A . n 
A 1 36  PHE 36  36  36  PHE PHE A . n 
A 1 37  TRP 37  37  37  TRP TRP A . n 
A 1 38  LYS 38  38  38  LYS LYS A . n 
A 1 39  GLU 39  39  39  GLU GLU A . n 
A 1 40  GLY 40  40  40  GLY GLY A . n 
A 1 41  TYR 41  41  41  TYR TYR A . n 
A 1 42  GLU 42  42  42  GLU GLU A . n 
A 1 43  ILE 43  43  43  ILE ILE A . n 
A 1 44  LYS 44  44  44  LYS LYS A . n 
A 1 45  ASN 45  45  45  ASN ASN A . n 
A 1 46  ARG 46  46  46  ARG ARG A . n 
A 1 47  GLU 47  47  47  GLU GLU A . n 
A 1 48  THR 48  48  48  THR THR A . n 
A 1 49  GLY 49  49  49  GLY GLY A . n 
A 1 50  CYS 50  50  50  CYS CYS A . n 
A 1 51  ALA 51  51  51  ALA ALA A . n 
A 1 52  ILE 52  52  52  ILE ILE A . n 
A 1 53  MET 53  53  53  MET MET A . n 
A 1 54  CYS 54  54  54  CYS CYS A . n 
A 1 55  LEU 55  55  55  LEU LEU A . n 
A 1 56  SER 56  56  56  SER SER A . n 
A 1 57  THR 57  57  57  THR THR A . n 
A 1 58  LYS 58  58  58  LYS LYS A . n 
A 1 59  LEU 59  59  59  LEU LEU A . n 
A 1 60  ASN 60  60  60  ASN ASN A . n 
A 1 61  MET 61  61  61  MET MET A . n 
A 1 62  LEU 62  62  62  LEU LEU A . n 
A 1 63  ASP 63  63  63  ASP ASP A . n 
A 1 64  PRO 64  64  64  PRO PRO A . n 
A 1 65  GLU 65  65  65  GLU GLU A . n 
A 1 66  GLY 66  66  66  GLY GLY A . n 
A 1 67  ASN 67  67  67  ASN ASN A . n 
A 1 68  LEU 68  68  68  LEU LEU A . n 
A 1 69  HIS 69  69  69  HIS HIS A . n 
A 1 70  HIS 70  70  70  HIS HIS A . n 
A 1 71  GLY 71  71  71  GLY GLY A . n 
A 1 72  ASN 72  72  72  ASN ASN A . n 
A 1 73  ALA 73  73  73  ALA ALA A . n 
A 1 74  MET 74  74  74  MET MET A . n 
A 1 75  GLU 75  75  75  GLU GLU A . n 
A 1 76  PHE 76  76  76  PHE PHE A . n 
A 1 77  ALA 77  77  77  ALA ALA A . n 
A 1 78  LYS 78  78  78  LYS LYS A . n 
A 1 79  LYS 79  79  79  LYS LYS A . n 
A 1 80  HIS 80  80  80  HIS HIS A . n 
A 1 81  GLY 81  81  81  GLY GLY A . n 
A 1 82  ALA 82  82  82  ALA ALA A . n 
A 1 83  ASP 83  83  83  ASP ASP A . n 
A 1 84  GLU 84  84  84  GLU GLU A . n 
A 1 85  THR 85  85  85  THR THR A . n 
A 1 86  MET 86  86  86  MET MET A . n 
A 1 87  ALA 87  87  87  ALA ALA A . n 
A 1 88  GLN 88  88  88  GLN GLN A . n 
A 1 89  GLN 89  89  89  GLN GLN A . n 
A 1 90  LEU 90  90  90  LEU LEU A . n 
A 1 91  ILE 91  91  91  ILE ILE A . n 
A 1 92  ASP 92  92  92  ASP ASP A . n 
A 1 93  ILE 93  93  93  ILE ILE A . n 
A 1 94  VAL 94  94  94  VAL VAL A . n 
A 1 95  HIS 95  95  95  HIS HIS A . n 
A 1 96  GLY 96  96  96  GLY GLY A . n 
A 1 97  CYS 97  97  97  CYS CYS A . n 
A 1 98  GLU 98  98  98  GLU GLU A . n 
A 1 99  LYS 99  99  99  LYS LYS A . n 
A 1 100 SER 100 100 100 SER SER A . n 
A 1 101 THR 101 101 101 THR THR A . n 
A 1 102 PRO 102 102 102 PRO PRO A . n 
A 1 103 ALA 103 103 103 ALA ALA A . n 
A 1 104 ASN 104 104 104 ASN ASN A . n 
A 1 105 ASP 105 105 105 ASP ASP A . n 
A 1 106 ASP 106 106 106 ASP ASP A . n 
A 1 107 LYS 107 107 107 LYS LYS A . n 
A 1 108 CYS 108 108 108 CYS CYS A . n 
A 1 109 ILE 109 109 109 ILE ILE A . n 
A 1 110 TRP 110 110 110 TRP TRP A . n 
A 1 111 THR 111 111 111 THR THR A . n 
A 1 112 LEU 112 112 112 LEU LEU A . n 
A 1 113 GLY 113 113 113 GLY GLY A . n 
A 1 114 VAL 114 114 114 VAL VAL A . n 
A 1 115 ALA 115 115 115 ALA ALA A . n 
A 1 116 THR 116 116 116 THR THR A . n 
A 1 117 CYS 117 117 117 CYS CYS A . n 
A 1 118 PHE 118 118 118 PHE PHE A . n 
A 1 119 LYS 119 119 119 LYS LYS A . n 
A 1 120 ALA 120 120 120 ALA ALA A . n 
A 1 121 GLU 121 121 121 GLU GLU A . n 
A 1 122 ILE 122 122 122 ILE ILE A . n 
A 1 123 HIS 123 123 123 HIS HIS A . n 
A 1 124 LYS 124 124 124 LYS LYS A . n 
A 1 125 LEU 125 125 125 LEU LEU A . n 
A 1 126 ASN 126 126 126 ASN ASN A . n 
A 1 127 TRP 127 127 127 TRP TRP A . n 
A 1 128 ALA 128 128 128 ALA ALA A . n 
A 1 129 PRO 129 129 129 PRO PRO A . n 
A 1 130 SER 130 130 130 SER SER A . n 
A 1 131 MET 131 131 131 MET MET A . n 
A 1 132 ASP 132 132 132 ASP ASP A . n 
# 
loop_
_pdbx_nonpoly_scheme.asym_id 
_pdbx_nonpoly_scheme.entity_id 
_pdbx_nonpoly_scheme.mon_id 
_pdbx_nonpoly_scheme.ndb_seq_num 
_pdbx_nonpoly_scheme.pdb_seq_num 
_pdbx_nonpoly_scheme.auth_seq_num 
_pdbx_nonpoly_scheme.pdb_mon_id 
_pdbx_nonpoly_scheme.auth_mon_id 
_pdbx_nonpoly_scheme.pdb_strand_id 
_pdbx_nonpoly_scheme.pdb_ins_code 
B 2 PRZ 1  2961 2961 PRZ PRZ A . 
C 2 PRZ 1  2962 2962 PRZ PRZ A . 
D 3 HOH 1  2963 1    HOH HOH A . 
D 3 HOH 2  2964 2    HOH HOH A . 
D 3 HOH 3  2965 3    HOH HOH A . 
D 3 HOH 4  2966 4    HOH HOH A . 
D 3 HOH 5  2967 5    HOH HOH A . 
D 3 HOH 6  2968 6    HOH HOH A . 
D 3 HOH 7  2969 7    HOH HOH A . 
D 3 HOH 8  2970 8    HOH HOH A . 
D 3 HOH 9  2971 9    HOH HOH A . 
D 3 HOH 10 2972 10   HOH HOH A . 
D 3 HOH 11 2973 11   HOH HOH A . 
D 3 HOH 12 2974 12   HOH HOH A . 
D 3 HOH 13 2975 13   HOH HOH A . 
D 3 HOH 14 2976 14   HOH HOH A . 
D 3 HOH 15 2977 15   HOH HOH A . 
D 3 HOH 16 2978 16   HOH HOH A . 
D 3 HOH 17 2979 17   HOH HOH A . 
D 3 HOH 18 2980 18   HOH HOH A . 
D 3 HOH 19 2981 19   HOH HOH A . 
D 3 HOH 20 2982 20   HOH HOH A . 
D 3 HOH 21 2983 21   HOH HOH A . 
D 3 HOH 22 2984 22   HOH HOH A . 
D 3 HOH 23 2985 23   HOH HOH A . 
D 3 HOH 24 2986 24   HOH HOH A . 
D 3 HOH 25 2987 25   HOH HOH A . 
D 3 HOH 26 2988 26   HOH HOH A . 
D 3 HOH 27 2989 27   HOH HOH A . 
D 3 HOH 28 2990 28   HOH HOH A . 
# 
loop_
_software.name 
_software.version 
_software.date 
_software.type 
_software.contact_author 
_software.contact_author_email 
_software.classification 
_software.location 
_software.language 
_software.citation_id 
_software.pdbx_ordinal 
DENZO       .       ?                package 'Zbyszek Otwinowski' zbyszek@mix.swmed.edu    'data reduction'  
http://www.lnls.br/infra/linhasluz/denzo-hkl.htm ?          ? 1 
SCALEPACK   .       ?                package 'Zbyszek Otwinowski' zbyszek@mix.swmed.edu    'data scaling'    
http://www.lnls.br/infra/linhasluz/denzo-hkl.htm ?          ? 2 
MOLREP      .       ?                other   'A. Vagin'           alexei@ysbl.york.ac.uk   phasing           
http://www.ccp4.ac.uk/dist/html/molrep.html      Fortran_77 ? 3 
REFMAC      .       ?                program 'Murshudov, G.N.'    ccp4@dl.ac.uk            refinement        
http://www.ccp4.ac.uk/main.html                  Fortran_77 ? 4 
PDB_EXTRACT 2.000   'April. 3, 2006' package PDB                  sw-help@rcsb.rutgers.edu 'data extraction' 
http://pdb.rutgers.edu/software/                 C++        ? 5 
ADSC        QUANTUM ?                ?       ?                    ?                        'data collection' ? ?          ? 6 
# 
_cell.length_a           83.850 
_cell.length_b           83.850 
_cell.length_c           34.820 
_cell.angle_alpha        90.000 
_cell.angle_beta         90.000 
_cell.angle_gamma        90.000 
_cell.entry_id           2P70 
_cell.Z_PDB              8 
_cell.pdbx_unique_axis   ? 
_cell.length_a_esd       ? 
_cell.length_b_esd       ? 
_cell.length_c_esd       ? 
_cell.angle_alpha_esd    ? 
_cell.angle_beta_esd     ? 
_cell.angle_gamma_esd    ? 
# 
_symmetry.space_group_name_H-M             'I 41' 
_symmetry.entry_id                         2P70 
_symmetry.pdbx_full_space_group_name_H-M   ? 
_symmetry.Int_Tables_number                80 
_symmetry.cell_setting                     ? 
_symmetry.space_group_name_Hall            ? 
# 
_exptl.crystals_number   1 
_exptl.entry_id          2P70 
_exptl.method            'X-RAY DIFFRACTION' 
# 
_exptl_crystal.id                    1 
_exptl_crystal.density_meas          ? 
_exptl_crystal.density_Matthews      2.05 
_exptl_crystal.density_percent_sol   40.01 
_exptl_crystal.description           ? 
_exptl_crystal.F_000                 ? 
_exptl_crystal.preparation           ? 
# 
_exptl_crystal_grow.crystal_id      1 
_exptl_crystal_grow.method          'VAPOR DIFFUSION, HANGING DROP' 
_exptl_crystal_grow.pH              8.0 
_exptl_crystal_grow.temp            295 
_exptl_crystal_grow.pdbx_details    'PEG 4000, Tris, MgSO4, pH 8.0, VAPOR DIFFUSION, HANGING DROP, temperature 295K' 
_exptl_crystal_grow.temp_details    ? 
_exptl_crystal_grow.pdbx_pH_range   . 
# 
_diffrn.id                     1 
_diffrn.ambient_temp           ? 
_diffrn.ambient_temp_details   ? 
_diffrn.crystal_id             1 
# 
_diffrn_radiation.diffrn_id                        1 
_diffrn_radiation.wavelength_id                    1 
_diffrn_radiation.pdbx_diffrn_protocol             'SINGLE WAVELENGTH' 
_diffrn_radiation.monochromator                    ? 
_diffrn_radiation.pdbx_monochromatic_or_laue_m_l   M 
_diffrn_radiation.pdbx_scattering_type             x-ray 
# 
_diffrn_radiation_wavelength.id           1 
_diffrn_radiation_wavelength.wavelength   0.95 
_diffrn_radiation_wavelength.wt           1.0 
# 
_diffrn_source.diffrn_id                   1 
_diffrn_source.source                      SYNCHROTRON 
_diffrn_source.type                        'CHESS BEAMLINE F1' 
_diffrn_source.pdbx_wavelength             ? 
_diffrn_source.pdbx_wavelength_list        0.95 
_diffrn_source.pdbx_synchrotron_site       CHESS 
_diffrn_source.pdbx_synchrotron_beamline   F1 
# 
_reflns.entry_id                     2P70 
_reflns.observed_criterion_sigma_F   2.7 
_reflns.observed_criterion_sigma_I   ? 
_reflns.d_resolution_high            2.10 
_reflns.d_resolution_low             59.760 
_reflns.number_all                   7245 
_reflns.number_obs                   6555 
_reflns.percent_possible_obs         94 
_reflns.pdbx_Rmerge_I_obs            0.115 
_reflns.pdbx_Rsym_value              0.115 
_reflns.pdbx_netI_over_sigmaI        3.77 
_reflns.B_iso_Wilson_estimate        30.99 
_reflns.pdbx_redundancy              ? 
_reflns.R_free_details               ? 
_reflns.limit_h_max                  ? 
_reflns.limit_h_min                  ? 
_reflns.limit_k_max                  ? 
_reflns.limit_k_min                  ? 
_reflns.limit_l_max                  ? 
_reflns.limit_l_min                  ? 
_reflns.observed_criterion_F_max     ? 
_reflns.observed_criterion_F_min     ? 
_reflns.pdbx_chi_squared             ? 
_reflns.pdbx_scaling_rejects         ? 
_reflns.pdbx_diffrn_id               1 
_reflns.pdbx_ordinal                 1 
# 
_refine.entry_id                                 2P70 
_refine.ls_d_res_high                            2.100 
_refine.ls_d_res_low                             59.760 
_refine.pdbx_ls_sigma_F                          0.00 
_refine.ls_percent_reflns_obs                    94.740 
_refine.ls_number_reflns_obs                     6866 
_refine.pdbx_ls_cross_valid_method               THROUGHOUT 
_refine.pdbx_R_Free_selection_details            RANDOM 
_refine.details                                  'HYDROGENS HAVE BEEN ADDED IN THE RIDING POSITIONS' 
_refine.ls_R_factor_obs                          0.205 
_refine.ls_R_factor_R_work                       0.203 
_refine.ls_R_factor_R_free                       0.247 
_refine.ls_percent_reflns_R_free                 4.500 
_refine.ls_number_reflns_R_free                  311 
_refine.B_iso_mean                               32.677 
_refine.aniso_B[1][1]                            -1.230 
_refine.aniso_B[2][2]                            -1.230 
_refine.aniso_B[3][3]                            2.470 
_refine.aniso_B[1][2]                            0.000 
_refine.aniso_B[1][3]                            0.000 
_refine.aniso_B[2][3]                            0.000 
_refine.correlation_coeff_Fo_to_Fc               0.925 
_refine.correlation_coeff_Fo_to_Fc_free          0.900 
_refine.pdbx_overall_ESU_R                       0.311 
_refine.pdbx_overall_ESU_R_Free                  0.218 
_refine.overall_SU_ML                            0.136 
_refine.overall_SU_B                             4.953 
_refine.solvent_model_details                    'BABINET MODEL WITH MASK' 
_refine.pdbx_solvent_vdw_probe_radii             1.400 
_refine.pdbx_solvent_ion_probe_radii             0.800 
_refine.pdbx_solvent_shrinkage_radii             0.800 
_refine.pdbx_stereochemistry_target_values       'MAXIMUM LIKELIHOOD' 
_refine.pdbx_ls_sigma_I                          ? 
_refine.ls_number_reflns_all                     ? 
_refine.ls_R_factor_all                          ? 
_refine.ls_redundancy_reflns_obs                 ? 
_refine.pdbx_data_cutoff_high_absF               ? 
_refine.pdbx_data_cutoff_low_absF                ? 
_refine.ls_number_parameters                     ? 
_refine.ls_number_restraints                     ? 
_refine.ls_R_factor_R_free_error                 ? 
_refine.ls_R_factor_R_free_error_details         ? 
_refine.pdbx_method_to_determine_struct          'MOLECULAR REPLACEMENT' 
_refine.pdbx_starting_model                      1DQE 
_refine.pdbx_stereochem_target_val_spec_case     ? 
_refine.solvent_model_param_bsol                 ? 
_refine.solvent_model_param_ksol                 ? 
_refine.occupancy_max                            ? 
_refine.occupancy_min                            ? 
_refine.pdbx_isotropic_thermal_model             ? 
_refine.B_iso_min                                ? 
_refine.B_iso_max                                ? 
_refine.overall_SU_R_Cruickshank_DPI             ? 
_refine.overall_SU_R_free                        ? 
_refine.pdbx_data_cutoff_high_rms_absF           ? 
_refine.ls_wR_factor_R_free                      ? 
_refine.ls_wR_factor_R_work                      ? 
_refine.overall_FOM_free_R_set                   ? 
_refine.overall_FOM_work_R_set                   ? 
_refine.pdbx_refine_id                           'X-RAY DIFFRACTION' 
_refine.pdbx_overall_phase_error                 ? 
_refine.pdbx_diffrn_id                           1 
_refine.pdbx_TLS_residual_ADP_flag               ? 
_refine.pdbx_overall_SU_R_free_Cruickshank_DPI   ? 
_refine.pdbx_overall_SU_R_Blow_DPI               ? 
_refine.pdbx_overall_SU_R_free_Blow_DPI          ? 
# 
_refine_hist.pdbx_refine_id                   'X-RAY DIFFRACTION' 
_refine_hist.cycle_id                         LAST 
_refine_hist.pdbx_number_atoms_protein        1038 
_refine_hist.pdbx_number_atoms_nucleic_acid   0 
_refine_hist.pdbx_number_atoms_ligand         24 
_refine_hist.number_atoms_solvent             28 
_refine_hist.number_atoms_total               1090 
_refine_hist.d_res_high                       2.100 
_refine_hist.d_res_low                        59.760 
# 
loop_
_refine_ls_restr.type 
_refine_ls_restr.number 
_refine_ls_restr.dev_ideal 
_refine_ls_restr.dev_ideal_target 
_refine_ls_restr.weight 
_refine_ls_restr.pdbx_refine_id 
_refine_ls_restr.pdbx_restraint_function 
r_bond_refined_d         1085 0.046 0.021 ? 'X-RAY DIFFRACTION' ? 
r_bond_other_d           931  0.004 0.020 ? 'X-RAY DIFFRACTION' ? 
r_angle_refined_deg      1459 2.918 1.964 ? 'X-RAY DIFFRACTION' ? 
r_angle_other_deg        2190 1.556 3.000 ? 'X-RAY DIFFRACTION' ? 
r_dihedral_angle_1_deg   131  7.253 5.000 ? 'X-RAY DIFFRACTION' ? 
r_chiral_restr           153  0.195 0.200 ? 'X-RAY DIFFRACTION' ? 
r_gen_planes_refined     1202 0.019 0.020 ? 'X-RAY DIFFRACTION' ? 
r_gen_planes_other       202  0.024 0.020 ? 'X-RAY DIFFRACTION' ? 
r_nbd_refined            283  0.270 0.200 ? 'X-RAY DIFFRACTION' ? 
r_nbd_other              1124 0.271 0.200 ? 'X-RAY DIFFRACTION' ? 
r_nbtor_other            601  0.118 0.200 ? 'X-RAY DIFFRACTION' ? 
r_xyhbond_nbd_refined    34   0.164 0.200 ? 'X-RAY DIFFRACTION' ? 
r_symmetry_vdw_refined   24   0.316 0.200 ? 'X-RAY DIFFRACTION' ? 
r_symmetry_vdw_other     58   0.267 0.200 ? 'X-RAY DIFFRACTION' ? 
r_symmetry_hbond_refined 5    0.064 0.200 ? 'X-RAY DIFFRACTION' ? 
r_mcbond_it              655  1.870 1.500 ? 'X-RAY DIFFRACTION' ? 
r_mcangle_it             1046 3.152 2.000 ? 'X-RAY DIFFRACTION' ? 
r_scbond_it              430  4.474 3.000 ? 'X-RAY DIFFRACTION' ? 
r_scangle_it             413  6.505 4.500 ? 'X-RAY DIFFRACTION' ? 
# 
_refine_ls_shell.d_res_high                       2.100 
_refine_ls_shell.d_res_low                        2.155 
_refine_ls_shell.pdbx_total_number_of_bins_used   20 
_refine_ls_shell.percent_reflns_obs               ? 
_refine_ls_shell.number_reflns_R_work             485 
_refine_ls_shell.R_factor_all                     ? 
_refine_ls_shell.R_factor_R_work                  0.188 
_refine_ls_shell.R_factor_R_free                  0.246 
_refine_ls_shell.percent_reflns_R_free            ? 
_refine_ls_shell.number_reflns_R_free             16 
_refine_ls_shell.R_factor_R_free_error            ? 
_refine_ls_shell.number_reflns_all                ? 
_refine_ls_shell.number_reflns_obs                501 
_refine_ls_shell.redundancy_reflns_obs            ? 
_refine_ls_shell.pdbx_refine_id                   'X-RAY DIFFRACTION' 
# 
_struct.entry_id                  2P70 
_struct.title                     'Bombyx mori pheromone binding protein bound to bell pepper odorant' 
_struct.pdbx_model_details        ? 
_struct.pdbx_CASP_flag            N 
_struct.pdbx_model_type_details   ? 
# 
_struct_keywords.entry_id        2P70 
_struct_keywords.pdbx_keywords   ATTRACTANT 
_struct_keywords.text            'alpha-helical, liganded, ATTRACTANT' 
# 
loop_
_struct_asym.id 
_struct_asym.pdbx_blank_PDB_chainid_flag 
_struct_asym.pdbx_modified 
_struct_asym.entity_id 
_struct_asym.details 
A N N 1 ? 
B N N 2 ? 
C N N 2 ? 
D N N 3 ? 
# 
_struct_ref.id                         1 
_struct_ref.entity_id                  1 
_struct_ref.db_name                    UNP 
_struct_ref.db_code                    PBP_BOMMO 
_struct_ref.pdbx_db_accession          P34174 
_struct_ref.pdbx_align_begin           23 
_struct_ref.pdbx_seq_one_letter_code   
;SQEVMKNLSLNFGKALDECKKEMTLTDAINEDFYNFWKEGYEIKNRETGCAIMCLSTKLNMLDPEGNLHHGNAMEFAKKH
GADETMAQQLIDIVHGCEKSTPANDDKCIWTLGVATCFKAEIHKLNWAPSMD
;
_struct_ref.pdbx_db_isoform            ? 
# 
_struct_ref_seq.align_id                      1 
_struct_ref_seq.ref_id                        1 
_struct_ref_seq.pdbx_PDB_id_code              2P70 
_struct_ref_seq.pdbx_strand_id                A 
_struct_ref_seq.seq_align_beg                 1 
_struct_ref_seq.pdbx_seq_align_beg_ins_code   ? 
_struct_ref_seq.seq_align_end                 132 
_struct_ref_seq.pdbx_seq_align_end_ins_code   ? 
_struct_ref_seq.pdbx_db_accession             P34174 
_struct_ref_seq.db_align_beg                  23 
_struct_ref_seq.pdbx_db_align_beg_ins_code    ? 
_struct_ref_seq.db_align_end                  154 
_struct_ref_seq.pdbx_db_align_end_ins_code    ? 
_struct_ref_seq.pdbx_auth_seq_align_beg       1 
_struct_ref_seq.pdbx_auth_seq_align_end       132 
# 
_pdbx_struct_assembly.id                   1 
_pdbx_struct_assembly.details              author_defined_assembly 
_pdbx_struct_assembly.method_details       ? 
_pdbx_struct_assembly.oligomeric_details   monomeric 
_pdbx_struct_assembly.oligomeric_count     1 
# 
_pdbx_struct_assembly_gen.assembly_id       1 
_pdbx_struct_assembly_gen.oper_expression   1 
_pdbx_struct_assembly_gen.asym_id_list      A,B,C,D 
# 
_pdbx_struct_oper_list.id                   1 
_pdbx_struct_oper_list.type                 'identity operation' 
_pdbx_struct_oper_list.name                 1_555 
_pdbx_struct_oper_list.symmetry_operation   x,y,z 
_pdbx_struct_oper_list.matrix[1][1]         1.0000000000 
_pdbx_struct_oper_list.matrix[1][2]         0.0000000000 
_pdbx_struct_oper_list.matrix[1][3]         0.0000000000 
_pdbx_struct_oper_list.vector[1]            0.0000000000 
_pdbx_struct_oper_list.matrix[2][1]         0.0000000000 
_pdbx_struct_oper_list.matrix[2][2]         1.0000000000 
_pdbx_struct_oper_list.matrix[2][3]         0.0000000000 
_pdbx_struct_oper_list.vector[2]            0.0000000000 
_pdbx_struct_oper_list.matrix[3][1]         0.0000000000 
_pdbx_struct_oper_list.matrix[3][2]         0.0000000000 
_pdbx_struct_oper_list.matrix[3][3]         1.0000000000 
_pdbx_struct_oper_list.vector[3]            0.0000000000 
# 
_struct_biol.id   1 
# 
loop_
_struct_conf.conf_type_id 
_struct_conf.id 
_struct_conf.pdbx_PDB_helix_id 
_struct_conf.beg_label_comp_id 
_struct_conf.beg_label_asym_id 
_struct_conf.beg_label_seq_id 
_struct_conf.pdbx_beg_PDB_ins_code 
_struct_conf.end_label_comp_id 
_struct_conf.end_label_asym_id 
_struct_conf.end_label_seq_id 
_struct_conf.pdbx_end_PDB_ins_code 
_struct_conf.beg_auth_comp_id 
_struct_conf.beg_auth_asym_id 
_struct_conf.beg_auth_seq_id 
_struct_conf.end_auth_comp_id 
_struct_conf.end_auth_asym_id 
_struct_conf.end_auth_seq_id 
_struct_conf.pdbx_PDB_helix_class 
_struct_conf.details 
_struct_conf.pdbx_PDB_helix_length 
HELX_P HELX_P1 1 SER A 1   ? LYS A 14  ? SER A 1   LYS A 14  1 ? 14 
HELX_P HELX_P2 2 ALA A 15  ? LYS A 20  ? ALA A 15  LYS A 20  1 ? 6  
HELX_P HELX_P3 3 ASP A 27  ? PHE A 36  ? ASP A 27  PHE A 36  1 ? 10 
HELX_P HELX_P4 4 ASN A 45  ? LEU A 59  ? ASN A 45  LEU A 59  1 ? 15 
HELX_P HELX_P5 5 HIS A 69  ? HIS A 80  ? HIS A 69  HIS A 80  1 ? 12 
HELX_P HELX_P6 6 ASP A 83  ? THR A 101 ? ASP A 83  THR A 101 1 ? 19 
HELX_P HELX_P7 7 ASP A 106 ? LEU A 125 ? ASP A 106 LEU A 125 1 ? 20 
# 
_struct_conf_type.id          HELX_P 
_struct_conf_type.criteria    ? 
_struct_conf_type.reference   ? 
# 
loop_
_struct_conn.id 
_struct_conn.conn_type_id 
_struct_conn.pdbx_leaving_atom_flag 
_struct_conn.pdbx_PDB_id 
_struct_conn.ptnr1_label_asym_id 
_struct_conn.ptnr1_label_comp_id 
_struct_conn.ptnr1_label_seq_id 
_struct_conn.ptnr1_label_atom_id 
_struct_conn.pdbx_ptnr1_label_alt_id 
_struct_conn.pdbx_ptnr1_PDB_ins_code 
_struct_conn.pdbx_ptnr1_standard_comp_id 
_struct_conn.ptnr1_symmetry 
_struct_conn.ptnr2_label_asym_id 
_struct_conn.ptnr2_label_comp_id 
_struct_conn.ptnr2_label_seq_id 
_struct_conn.ptnr2_label_atom_id 
_struct_conn.pdbx_ptnr2_label_alt_id 
_struct_conn.pdbx_ptnr2_PDB_ins_code 
_struct_conn.ptnr1_auth_asym_id 
_struct_conn.ptnr1_auth_comp_id 
_struct_conn.ptnr1_auth_seq_id 
_struct_conn.ptnr2_auth_asym_id 
_struct_conn.ptnr2_auth_comp_id 
_struct_conn.ptnr2_auth_seq_id 
_struct_conn.ptnr2_symmetry 
_struct_conn.pdbx_ptnr3_label_atom_id 
_struct_conn.pdbx_ptnr3_label_seq_id 
_struct_conn.pdbx_ptnr3_label_comp_id 
_struct_conn.pdbx_ptnr3_label_asym_id 
_struct_conn.pdbx_ptnr3_label_alt_id 
_struct_conn.pdbx_ptnr3_PDB_ins_code 
_struct_conn.details 
_struct_conn.pdbx_dist_value 
_struct_conn.pdbx_value_order 
_struct_conn.pdbx_role 
disulf1 disulf ? ? A CYS 19 SG ? ? ? 1_555 A CYS 54  SG ? ? A CYS 19 A CYS 54  1_555 ? ? ? ? ? ? ? 2.200 ? ? 
disulf2 disulf ? ? A CYS 50 SG ? ? ? 1_555 A CYS 108 SG ? ? A CYS 50 A CYS 108 1_555 ? ? ? ? ? ? ? 2.086 ? ? 
disulf3 disulf ? ? A CYS 97 SG ? ? ? 1_555 A CYS 117 SG ? ? A CYS 97 A CYS 117 1_555 ? ? ? ? ? ? ? 2.082 ? ? 
# 
_struct_conn_type.id          disulf 
_struct_conn_type.criteria    ? 
_struct_conn_type.reference   ? 
# 
loop_
_pdbx_modification_feature.ordinal 
_pdbx_modification_feature.label_comp_id 
_pdbx_modification_feature.label_asym_id 
_pdbx_modification_feature.label_seq_id 
_pdbx_modification_feature.label_alt_id 
_pdbx_modification_feature.modified_residue_label_comp_id 
_pdbx_modification_feature.modified_residue_label_asym_id 
_pdbx_modification_feature.modified_residue_label_seq_id 
_pdbx_modification_feature.modified_residue_label_alt_id 
_pdbx_modification_feature.auth_comp_id 
_pdbx_modification_feature.auth_asym_id 
_pdbx_modification_feature.auth_seq_id 
_pdbx_modification_feature.PDB_ins_code 
_pdbx_modification_feature.symmetry 
_pdbx_modification_feature.modified_residue_auth_comp_id 
_pdbx_modification_feature.modified_residue_auth_asym_id 
_pdbx_modification_feature.modified_residue_auth_seq_id 
_pdbx_modification_feature.modified_residue_PDB_ins_code 
_pdbx_modification_feature.modified_residue_symmetry 
_pdbx_modification_feature.comp_id_linking_atom 
_pdbx_modification_feature.modified_residue_id_linking_atom 
_pdbx_modification_feature.modified_residue_id 
_pdbx_modification_feature.ref_pcm_id 
_pdbx_modification_feature.ref_comp_id 
_pdbx_modification_feature.type 
_pdbx_modification_feature.category 
1 CYS A 19 ? CYS A 54  ? CYS A 19 ? 1_555 CYS A 54  ? 1_555 SG SG . . . None 'Disulfide bridge' 
2 CYS A 50 ? CYS A 108 ? CYS A 50 ? 1_555 CYS A 108 ? 1_555 SG SG . . . None 'Disulfide bridge' 
3 CYS A 97 ? CYS A 117 ? CYS A 97 ? 1_555 CYS A 117 ? 1_555 SG SG . . . None 'Disulfide bridge' 
# 
loop_
_struct_site.id 
_struct_site.pdbx_evidence_code 
_struct_site.pdbx_auth_asym_id 
_struct_site.pdbx_auth_comp_id 
_struct_site.pdbx_auth_seq_id 
_struct_site.pdbx_auth_ins_code 
_struct_site.pdbx_num_residues 
_struct_site.details 
AC1 Software A PRZ 2961 ? 6 'BINDING SITE FOR RESIDUE PRZ A 2961' 
AC2 Software A PRZ 2962 ? 6 'BINDING SITE FOR RESIDUE PRZ A 2962' 
# 
loop_
_struct_site_gen.id 
_struct_site_gen.site_id 
_struct_site_gen.pdbx_num_res 
_struct_site_gen.label_comp_id 
_struct_site_gen.label_asym_id 
_struct_site_gen.label_seq_id 
_struct_site_gen.pdbx_auth_ins_code 
_struct_site_gen.auth_comp_id 
_struct_site_gen.auth_asym_id 
_struct_site_gen.auth_seq_id 
_struct_site_gen.label_atom_id 
_struct_site_gen.label_alt_id 
_struct_site_gen.symmetry 
_struct_site_gen.details 
1  AC1 6 LEU A 68  ? LEU A 68   . ? 1_555 ? 
2  AC1 6 VAL A 94  ? VAL A 94   . ? 1_555 ? 
3  AC1 6 THR A 111 ? THR A 111  . ? 1_555 ? 
4  AC1 6 PHE A 118 ? PHE A 118  . ? 1_555 ? 
5  AC1 6 PRZ C .   ? PRZ A 2962 . ? 1_555 ? 
6  AC1 6 HOH D .   ? HOH A 2983 . ? 1_555 ? 
7  AC2 6 MET A 5   ? MET A 5    . ? 1_555 ? 
8  AC2 6 LEU A 8   ? LEU A 8    . ? 1_555 ? 
9  AC2 6 PHE A 12  ? PHE A 12   . ? 1_555 ? 
10 AC2 6 PHE A 36  ? PHE A 36   . ? 1_555 ? 
11 AC2 6 TRP A 37  ? TRP A 37   . ? 1_555 ? 
12 AC2 6 PRZ B .   ? PRZ A 2961 . ? 1_555 ? 
# 
_pdbx_entry_details.entry_id                   2P70 
_pdbx_entry_details.compound_details           ? 
_pdbx_entry_details.source_details             ? 
_pdbx_entry_details.nonpolymer_details         ? 
_pdbx_entry_details.sequence_details           ? 
_pdbx_entry_details.has_ligand_of_interest     ? 
_pdbx_entry_details.has_protein_modification   Y 
# 
_pdbx_validate_symm_contact.id                1 
_pdbx_validate_symm_contact.PDB_model_num     1 
_pdbx_validate_symm_contact.auth_atom_id_1    OE2 
_pdbx_validate_symm_contact.auth_asym_id_1    A 
_pdbx_validate_symm_contact.auth_comp_id_1    GLU 
_pdbx_validate_symm_contact.auth_seq_id_1     3 
_pdbx_validate_symm_contact.PDB_ins_code_1    ? 
_pdbx_validate_symm_contact.label_alt_id_1    ? 
_pdbx_validate_symm_contact.site_symmetry_1   1_555 
_pdbx_validate_symm_contact.auth_atom_id_2    O 
_pdbx_validate_symm_contact.auth_asym_id_2    A 
_pdbx_validate_symm_contact.auth_comp_id_2    GLU 
_pdbx_validate_symm_contact.auth_seq_id_2     22 
_pdbx_validate_symm_contact.PDB_ins_code_2    ? 
_pdbx_validate_symm_contact.label_alt_id_2    ? 
_pdbx_validate_symm_contact.site_symmetry_2   1_554 
_pdbx_validate_symm_contact.dist              1.91 
# 
loop_
_pdbx_validate_rmsd_bond.id 
_pdbx_validate_rmsd_bond.PDB_model_num 
_pdbx_validate_rmsd_bond.auth_atom_id_1 
_pdbx_validate_rmsd_bond.auth_asym_id_1 
_pdbx_validate_rmsd_bond.auth_comp_id_1 
_pdbx_validate_rmsd_bond.auth_seq_id_1 
_pdbx_validate_rmsd_bond.PDB_ins_code_1 
_pdbx_validate_rmsd_bond.label_alt_id_1 
_pdbx_validate_rmsd_bond.auth_atom_id_2 
_pdbx_validate_rmsd_bond.auth_asym_id_2 
_pdbx_validate_rmsd_bond.auth_comp_id_2 
_pdbx_validate_rmsd_bond.auth_seq_id_2 
_pdbx_validate_rmsd_bond.PDB_ins_code_2 
_pdbx_validate_rmsd_bond.label_alt_id_2 
_pdbx_validate_rmsd_bond.bond_value 
_pdbx_validate_rmsd_bond.bond_target_value 
_pdbx_validate_rmsd_bond.bond_deviation 
_pdbx_validate_rmsd_bond.bond_standard_deviation 
_pdbx_validate_rmsd_bond.linker_flag 
1 1 CB  A ASP 17 ? ? CG  A ASP 17 ? ? 1.651 1.513 0.138  0.021 N 
2 1 CD  A LYS 20 ? ? CE  A LYS 20 ? ? 1.697 1.508 0.189  0.025 N 
3 1 CZ  A PHE 33 ? ? CE2 A PHE 33 ? ? 1.248 1.369 -0.121 0.019 N 
4 1 CE2 A TYR 34 ? ? CD2 A TYR 34 ? ? 1.522 1.389 0.133  0.015 N 
5 1 SD  A MET 53 ? ? CE  A MET 53 ? ? 2.111 1.774 0.337  0.056 N 
6 1 SD  A MET 61 ? ? CE  A MET 61 ? ? 1.060 1.774 -0.714 0.056 N 
7 1 C   A HIS 80 ? ? O   A HIS 80 ? ? 1.113 1.229 -0.116 0.019 N 
# 
loop_
_pdbx_validate_rmsd_angle.id 
_pdbx_validate_rmsd_angle.PDB_model_num 
_pdbx_validate_rmsd_angle.auth_atom_id_1 
_pdbx_validate_rmsd_angle.auth_asym_id_1 
_pdbx_validate_rmsd_angle.auth_comp_id_1 
_pdbx_validate_rmsd_angle.auth_seq_id_1 
_pdbx_validate_rmsd_angle.PDB_ins_code_1 
_pdbx_validate_rmsd_angle.label_alt_id_1 
_pdbx_validate_rmsd_angle.auth_atom_id_2 
_pdbx_validate_rmsd_angle.auth_asym_id_2 
_pdbx_validate_rmsd_angle.auth_comp_id_2 
_pdbx_validate_rmsd_angle.auth_seq_id_2 
_pdbx_validate_rmsd_angle.PDB_ins_code_2 
_pdbx_validate_rmsd_angle.label_alt_id_2 
_pdbx_validate_rmsd_angle.auth_atom_id_3 
_pdbx_validate_rmsd_angle.auth_asym_id_3 
_pdbx_validate_rmsd_angle.auth_comp_id_3 
_pdbx_validate_rmsd_angle.auth_seq_id_3 
_pdbx_validate_rmsd_angle.PDB_ins_code_3 
_pdbx_validate_rmsd_angle.label_alt_id_3 
_pdbx_validate_rmsd_angle.angle_value 
_pdbx_validate_rmsd_angle.angle_target_value 
_pdbx_validate_rmsd_angle.angle_deviation 
_pdbx_validate_rmsd_angle.angle_standard_deviation 
_pdbx_validate_rmsd_angle.linker_flag 
1 1 CB  A ASP 17  ? ? CG A ASP 17  ? ? OD2 A ASP 17  ? ? 125.98 118.30 7.68   0.90 N 
2 1 CB  A ASP 27  ? ? CA A ASP 27  ? ? C   A ASP 27  ? ? 98.15  110.40 -12.25 2.00 N 
3 1 CB  A LEU 62  ? ? CG A LEU 62  ? ? CD2 A LEU 62  ? ? 121.63 111.00 10.63  1.70 N 
4 1 CB  A ASP 63  ? ? CG A ASP 63  ? ? OD2 A ASP 63  ? ? 123.73 118.30 5.43   0.90 N 
5 1 CB  A ASP 83  ? ? CG A ASP 83  ? ? OD2 A ASP 83  ? ? 130.63 118.30 12.33  0.90 N 
6 1 OG1 A THR 101 ? ? CB A THR 101 ? ? CG2 A THR 101 ? ? 95.43  110.00 -14.57 2.30 N 
7 1 CA  A CYS 108 ? ? CB A CYS 108 ? ? SG  A CYS 108 ? ? 122.27 114.20 8.07   1.10 N 
# 
loop_
_pdbx_validate_torsion.id 
_pdbx_validate_torsion.PDB_model_num 
_pdbx_validate_torsion.auth_comp_id 
_pdbx_validate_torsion.auth_asym_id 
_pdbx_validate_torsion.auth_seq_id 
_pdbx_validate_torsion.PDB_ins_code 
_pdbx_validate_torsion.label_alt_id 
_pdbx_validate_torsion.phi 
_pdbx_validate_torsion.psi 
1 1 LYS A 21  ? ? 78.67 -78.90 
2 1 THR A 24  ? ? 92.47 20.66  
3 1 ASN A 126 ? ? 82.39 29.26  
4 1 MET A 131 ? ? 2.96  97.83  
# 
loop_
_chem_comp_atom.comp_id 
_chem_comp_atom.atom_id 
_chem_comp_atom.type_symbol 
_chem_comp_atom.pdbx_aromatic_flag 
_chem_comp_atom.pdbx_stereo_config 
_chem_comp_atom.pdbx_ordinal 
ALA N    N N N 1   
ALA CA   C N S 2   
ALA C    C N N 3   
ALA O    O N N 4   
ALA CB   C N N 5   
ALA OXT  O N N 6   
ALA H    H N N 7   
ALA H2   H N N 8   
ALA HA   H N N 9   
ALA HB1  H N N 10  
ALA HB2  H N N 11  
ALA HB3  H N N 12  
ALA HXT  H N N 13  
ARG N    N N N 14  
ARG CA   C N S 15  
ARG C    C N N 16  
ARG O    O N N 17  
ARG CB   C N N 18  
ARG CG   C N N 19  
ARG CD   C N N 20  
ARG NE   N N N 21  
ARG CZ   C N N 22  
ARG NH1  N N N 23  
ARG NH2  N N N 24  
ARG OXT  O N N 25  
ARG H    H N N 26  
ARG H2   H N N 27  
ARG HA   H N N 28  
ARG HB2  H N N 29  
ARG HB3  H N N 30  
ARG HG2  H N N 31  
ARG HG3  H N N 32  
ARG HD2  H N N 33  
ARG HD3  H N N 34  
ARG HE   H N N 35  
ARG HH11 H N N 36  
ARG HH12 H N N 37  
ARG HH21 H N N 38  
ARG HH22 H N N 39  
ARG HXT  H N N 40  
ASN N    N N N 41  
ASN CA   C N S 42  
ASN C    C N N 43  
ASN O    O N N 44  
ASN CB   C N N 45  
ASN CG   C N N 46  
ASN OD1  O N N 47  
ASN ND2  N N N 48  
ASN OXT  O N N 49  
ASN H    H N N 50  
ASN H2   H N N 51  
ASN HA   H N N 52  
ASN HB2  H N N 53  
ASN HB3  H N N 54  
ASN HD21 H N N 55  
ASN HD22 H N N 56  
ASN HXT  H N N 57  
ASP N    N N N 58  
ASP CA   C N S 59  
ASP C    C N N 60  
ASP O    O N N 61  
ASP CB   C N N 62  
ASP CG   C N N 63  
ASP OD1  O N N 64  
ASP OD2  O N N 65  
ASP OXT  O N N 66  
ASP H    H N N 67  
ASP H2   H N N 68  
ASP HA   H N N 69  
ASP HB2  H N N 70  
ASP HB3  H N N 71  
ASP HD2  H N N 72  
ASP HXT  H N N 73  
CYS N    N N N 74  
CYS CA   C N R 75  
CYS C    C N N 76  
CYS O    O N N 77  
CYS CB   C N N 78  
CYS SG   S N N 79  
CYS OXT  O N N 80  
CYS H    H N N 81  
CYS H2   H N N 82  
CYS HA   H N N 83  
CYS HB2  H N N 84  
CYS HB3  H N N 85  
CYS HG   H N N 86  
CYS HXT  H N N 87  
GLN N    N N N 88  
GLN CA   C N S 89  
GLN C    C N N 90  
GLN O    O N N 91  
GLN CB   C N N 92  
GLN CG   C N N 93  
GLN CD   C N N 94  
GLN OE1  O N N 95  
GLN NE2  N N N 96  
GLN OXT  O N N 97  
GLN H    H N N 98  
GLN H2   H N N 99  
GLN HA   H N N 100 
GLN HB2  H N N 101 
GLN HB3  H N N 102 
GLN HG2  H N N 103 
GLN HG3  H N N 104 
GLN HE21 H N N 105 
GLN HE22 H N N 106 
GLN HXT  H N N 107 
GLU N    N N N 108 
GLU CA   C N S 109 
GLU C    C N N 110 
GLU O    O N N 111 
GLU CB   C N N 112 
GLU CG   C N N 113 
GLU CD   C N N 114 
GLU OE1  O N N 115 
GLU OE2  O N N 116 
GLU OXT  O N N 117 
GLU H    H N N 118 
GLU H2   H N N 119 
GLU HA   H N N 120 
GLU HB2  H N N 121 
GLU HB3  H N N 122 
GLU HG2  H N N 123 
GLU HG3  H N N 124 
GLU HE2  H N N 125 
GLU HXT  H N N 126 
GLY N    N N N 127 
GLY CA   C N N 128 
GLY C    C N N 129 
GLY O    O N N 130 
GLY OXT  O N N 131 
GLY H    H N N 132 
GLY H2   H N N 133 
GLY HA2  H N N 134 
GLY HA3  H N N 135 
GLY HXT  H N N 136 
HIS N    N N N 137 
HIS CA   C N S 138 
HIS C    C N N 139 
HIS O    O N N 140 
HIS CB   C N N 141 
HIS CG   C Y N 142 
HIS ND1  N Y N 143 
HIS CD2  C Y N 144 
HIS CE1  C Y N 145 
HIS NE2  N Y N 146 
HIS OXT  O N N 147 
HIS H    H N N 148 
HIS H2   H N N 149 
HIS HA   H N N 150 
HIS HB2  H N N 151 
HIS HB3  H N N 152 
HIS HD1  H N N 153 
HIS HD2  H N N 154 
HIS HE1  H N N 155 
HIS HE2  H N N 156 
HIS HXT  H N N 157 
HOH O    O N N 158 
HOH H1   H N N 159 
HOH H2   H N N 160 
ILE N    N N N 161 
ILE CA   C N S 162 
ILE C    C N N 163 
ILE O    O N N 164 
ILE CB   C N S 165 
ILE CG1  C N N 166 
ILE CG2  C N N 167 
ILE CD1  C N N 168 
ILE OXT  O N N 169 
ILE H    H N N 170 
ILE H2   H N N 171 
ILE HA   H N N 172 
ILE HB   H N N 173 
ILE HG12 H N N 174 
ILE HG13 H N N 175 
ILE HG21 H N N 176 
ILE HG22 H N N 177 
ILE HG23 H N N 178 
ILE HD11 H N N 179 
ILE HD12 H N N 180 
ILE HD13 H N N 181 
ILE HXT  H N N 182 
LEU N    N N N 183 
LEU CA   C N S 184 
LEU C    C N N 185 
LEU O    O N N 186 
LEU CB   C N N 187 
LEU CG   C N N 188 
LEU CD1  C N N 189 
LEU CD2  C N N 190 
LEU OXT  O N N 191 
LEU H    H N N 192 
LEU H2   H N N 193 
LEU HA   H N N 194 
LEU HB2  H N N 195 
LEU HB3  H N N 196 
LEU HG   H N N 197 
LEU HD11 H N N 198 
LEU HD12 H N N 199 
LEU HD13 H N N 200 
LEU HD21 H N N 201 
LEU HD22 H N N 202 
LEU HD23 H N N 203 
LEU HXT  H N N 204 
LYS N    N N N 205 
LYS CA   C N S 206 
LYS C    C N N 207 
LYS O    O N N 208 
LYS CB   C N N 209 
LYS CG   C N N 210 
LYS CD   C N N 211 
LYS CE   C N N 212 
LYS NZ   N N N 213 
LYS OXT  O N N 214 
LYS H    H N N 215 
LYS H2   H N N 216 
LYS HA   H N N 217 
LYS HB2  H N N 218 
LYS HB3  H N N 219 
LYS HG2  H N N 220 
LYS HG3  H N N 221 
LYS HD2  H N N 222 
LYS HD3  H N N 223 
LYS HE2  H N N 224 
LYS HE3  H N N 225 
LYS HZ1  H N N 226 
LYS HZ2  H N N 227 
LYS HZ3  H N N 228 
LYS HXT  H N N 229 
MET N    N N N 230 
MET CA   C N S 231 
MET C    C N N 232 
MET O    O N N 233 
MET CB   C N N 234 
MET CG   C N N 235 
MET SD   S N N 236 
MET CE   C N N 237 
MET OXT  O N N 238 
MET H    H N N 239 
MET H2   H N N 240 
MET HA   H N N 241 
MET HB2  H N N 242 
MET HB3  H N N 243 
MET HG2  H N N 244 
MET HG3  H N N 245 
MET HE1  H N N 246 
MET HE2  H N N 247 
MET HE3  H N N 248 
MET HXT  H N N 249 
PHE N    N N N 250 
PHE CA   C N S 251 
PHE C    C N N 252 
PHE O    O N N 253 
PHE CB   C N N 254 
PHE CG   C Y N 255 
PHE CD1  C Y N 256 
PHE CD2  C Y N 257 
PHE CE1  C Y N 258 
PHE CE2  C Y N 259 
PHE CZ   C Y N 260 
PHE OXT  O N N 261 
PHE H    H N N 262 
PHE H2   H N N 263 
PHE HA   H N N 264 
PHE HB2  H N N 265 
PHE HB3  H N N 266 
PHE HD1  H N N 267 
PHE HD2  H N N 268 
PHE HE1  H N N 269 
PHE HE2  H N N 270 
PHE HZ   H N N 271 
PHE HXT  H N N 272 
PRO N    N N N 273 
PRO CA   C N S 274 
PRO C    C N N 275 
PRO O    O N N 276 
PRO CB   C N N 277 
PRO CG   C N N 278 
PRO CD   C N N 279 
PRO OXT  O N N 280 
PRO H    H N N 281 
PRO HA   H N N 282 
PRO HB2  H N N 283 
PRO HB3  H N N 284 
PRO HG2  H N N 285 
PRO HG3  H N N 286 
PRO HD2  H N N 287 
PRO HD3  H N N 288 
PRO HXT  H N N 289 
PRZ N1   N Y N 290 
PRZ C2   C Y N 291 
PRZ C3   C Y N 292 
PRZ N4   N Y N 293 
PRZ C5   C Y N 294 
PRZ C6   C Y N 295 
PRZ C21  C N N 296 
PRZ C22  C N N 297 
PRZ C23  C N N 298 
PRZ C24  C N N 299 
PRZ O31  O N N 300 
PRZ C31  C N N 301 
PRZ H5   H N N 302 
PRZ H6   H N N 303 
PRZ H212 H N N 304 
PRZ H211 H N N 305 
PRZ H22  H N N 306 
PRZ H233 H N N 307 
PRZ H232 H N N 308 
PRZ H231 H N N 309 
PRZ H243 H N N 310 
PRZ H242 H N N 311 
PRZ H241 H N N 312 
PRZ H313 H N N 313 
PRZ H312 H N N 314 
PRZ H311 H N N 315 
SER N    N N N 316 
SER CA   C N S 317 
SER C    C N N 318 
SER O    O N N 319 
SER CB   C N N 320 
SER OG   O N N 321 
SER OXT  O N N 322 
SER H    H N N 323 
SER H2   H N N 324 
SER HA   H N N 325 
SER HB2  H N N 326 
SER HB3  H N N 327 
SER HG   H N N 328 
SER HXT  H N N 329 
THR N    N N N 330 
THR CA   C N S 331 
THR C    C N N 332 
THR O    O N N 333 
THR CB   C N R 334 
THR OG1  O N N 335 
THR CG2  C N N 336 
THR OXT  O N N 337 
THR H    H N N 338 
THR H2   H N N 339 
THR HA   H N N 340 
THR HB   H N N 341 
THR HG1  H N N 342 
THR HG21 H N N 343 
THR HG22 H N N 344 
THR HG23 H N N 345 
THR HXT  H N N 346 
TRP N    N N N 347 
TRP CA   C N S 348 
TRP C    C N N 349 
TRP O    O N N 350 
TRP CB   C N N 351 
TRP CG   C Y N 352 
TRP CD1  C Y N 353 
TRP CD2  C Y N 354 
TRP NE1  N Y N 355 
TRP CE2  C Y N 356 
TRP CE3  C Y N 357 
TRP CZ2  C Y N 358 
TRP CZ3  C Y N 359 
TRP CH2  C Y N 360 
TRP OXT  O N N 361 
TRP H    H N N 362 
TRP H2   H N N 363 
TRP HA   H N N 364 
TRP HB2  H N N 365 
TRP HB3  H N N 366 
TRP HD1  H N N 367 
TRP HE1  H N N 368 
TRP HE3  H N N 369 
TRP HZ2  H N N 370 
TRP HZ3  H N N 371 
TRP HH2  H N N 372 
TRP HXT  H N N 373 
TYR N    N N N 374 
TYR CA   C N S 375 
TYR C    C N N 376 
TYR O    O N N 377 
TYR CB   C N N 378 
TYR CG   C Y N 379 
TYR CD1  C Y N 380 
TYR CD2  C Y N 381 
TYR CE1  C Y N 382 
TYR CE2  C Y N 383 
TYR CZ   C Y N 384 
TYR OH   O N N 385 
TYR OXT  O N N 386 
TYR H    H N N 387 
TYR H2   H N N 388 
TYR HA   H N N 389 
TYR HB2  H N N 390 
TYR HB3  H N N 391 
TYR HD1  H N N 392 
TYR HD2  H N N 393 
TYR HE1  H N N 394 
TYR HE2  H N N 395 
TYR HH   H N N 396 
TYR HXT  H N N 397 
VAL N    N N N 398 
VAL CA   C N S 399 
VAL C    C N N 400 
VAL O    O N N 401 
VAL CB   C N N 402 
VAL CG1  C N N 403 
VAL CG2  C N N 404 
VAL OXT  O N N 405 
VAL H    H N N 406 
VAL H2   H N N 407 
VAL HA   H N N 408 
VAL HB   H N N 409 
VAL HG11 H N N 410 
VAL HG12 H N N 411 
VAL HG13 H N N 412 
VAL HG21 H N N 413 
VAL HG22 H N N 414 
VAL HG23 H N N 415 
VAL HXT  H N N 416 
# 
loop_
_chem_comp_bond.comp_id 
_chem_comp_bond.atom_id_1 
_chem_comp_bond.atom_id_2 
_chem_comp_bond.value_order 
_chem_comp_bond.pdbx_aromatic_flag 
_chem_comp_bond.pdbx_stereo_config 
_chem_comp_bond.pdbx_ordinal 
ALA N   CA   sing N N 1   
ALA N   H    sing N N 2   
ALA N   H2   sing N N 3   
ALA CA  C    sing N N 4   
ALA CA  CB   sing N N 5   
ALA CA  HA   sing N N 6   
ALA C   O    doub N N 7   
ALA C   OXT  sing N N 8   
ALA CB  HB1  sing N N 9   
ALA CB  HB2  sing N N 10  
ALA CB  HB3  sing N N 11  
ALA OXT HXT  sing N N 12  
ARG N   CA   sing N N 13  
ARG N   H    sing N N 14  
ARG N   H2   sing N N 15  
ARG CA  C    sing N N 16  
ARG CA  CB   sing N N 17  
ARG CA  HA   sing N N 18  
ARG C   O    doub N N 19  
ARG C   OXT  sing N N 20  
ARG CB  CG   sing N N 21  
ARG CB  HB2  sing N N 22  
ARG CB  HB3  sing N N 23  
ARG CG  CD   sing N N 24  
ARG CG  HG2  sing N N 25  
ARG CG  HG3  sing N N 26  
ARG CD  NE   sing N N 27  
ARG CD  HD2  sing N N 28  
ARG CD  HD3  sing N N 29  
ARG NE  CZ   sing N N 30  
ARG NE  HE   sing N N 31  
ARG CZ  NH1  sing N N 32  
ARG CZ  NH2  doub N N 33  
ARG NH1 HH11 sing N N 34  
ARG NH1 HH12 sing N N 35  
ARG NH2 HH21 sing N N 36  
ARG NH2 HH22 sing N N 37  
ARG OXT HXT  sing N N 38  
ASN N   CA   sing N N 39  
ASN N   H    sing N N 40  
ASN N   H2   sing N N 41  
ASN CA  C    sing N N 42  
ASN CA  CB   sing N N 43  
ASN CA  HA   sing N N 44  
ASN C   O    doub N N 45  
ASN C   OXT  sing N N 46  
ASN CB  CG   sing N N 47  
ASN CB  HB2  sing N N 48  
ASN CB  HB3  sing N N 49  
ASN CG  OD1  doub N N 50  
ASN CG  ND2  sing N N 51  
ASN ND2 HD21 sing N N 52  
ASN ND2 HD22 sing N N 53  
ASN OXT HXT  sing N N 54  
ASP N   CA   sing N N 55  
ASP N   H    sing N N 56  
ASP N   H2   sing N N 57  
ASP CA  C    sing N N 58  
ASP CA  CB   sing N N 59  
ASP CA  HA   sing N N 60  
ASP C   O    doub N N 61  
ASP C   OXT  sing N N 62  
ASP CB  CG   sing N N 63  
ASP CB  HB2  sing N N 64  
ASP CB  HB3  sing N N 65  
ASP CG  OD1  doub N N 66  
ASP CG  OD2  sing N N 67  
ASP OD2 HD2  sing N N 68  
ASP OXT HXT  sing N N 69  
CYS N   CA   sing N N 70  
CYS N   H    sing N N 71  
CYS N   H2   sing N N 72  
CYS CA  C    sing N N 73  
CYS CA  CB   sing N N 74  
CYS CA  HA   sing N N 75  
CYS C   O    doub N N 76  
CYS C   OXT  sing N N 77  
CYS CB  SG   sing N N 78  
CYS CB  HB2  sing N N 79  
CYS CB  HB3  sing N N 80  
CYS SG  HG   sing N N 81  
CYS OXT HXT  sing N N 82  
GLN N   CA   sing N N 83  
GLN N   H    sing N N 84  
GLN N   H2   sing N N 85  
GLN CA  C    sing N N 86  
GLN CA  CB   sing N N 87  
GLN CA  HA   sing N N 88  
GLN C   O    doub N N 89  
GLN C   OXT  sing N N 90  
GLN CB  CG   sing N N 91  
GLN CB  HB2  sing N N 92  
GLN CB  HB3  sing N N 93  
GLN CG  CD   sing N N 94  
GLN CG  HG2  sing N N 95  
GLN CG  HG3  sing N N 96  
GLN CD  OE1  doub N N 97  
GLN CD  NE2  sing N N 98  
GLN NE2 HE21 sing N N 99  
GLN NE2 HE22 sing N N 100 
GLN OXT HXT  sing N N 101 
GLU N   CA   sing N N 102 
GLU N   H    sing N N 103 
GLU N   H2   sing N N 104 
GLU CA  C    sing N N 105 
GLU CA  CB   sing N N 106 
GLU CA  HA   sing N N 107 
GLU C   O    doub N N 108 
GLU C   OXT  sing N N 109 
GLU CB  CG   sing N N 110 
GLU CB  HB2  sing N N 111 
GLU CB  HB3  sing N N 112 
GLU CG  CD   sing N N 113 
GLU CG  HG2  sing N N 114 
GLU CG  HG3  sing N N 115 
GLU CD  OE1  doub N N 116 
GLU CD  OE2  sing N N 117 
GLU OE2 HE2  sing N N 118 
GLU OXT HXT  sing N N 119 
GLY N   CA   sing N N 120 
GLY N   H    sing N N 121 
GLY N   H2   sing N N 122 
GLY CA  C    sing N N 123 
GLY CA  HA2  sing N N 124 
GLY CA  HA3  sing N N 125 
GLY C   O    doub N N 126 
GLY C   OXT  sing N N 127 
GLY OXT HXT  sing N N 128 
HIS N   CA   sing N N 129 
HIS N   H    sing N N 130 
HIS N   H2   sing N N 131 
HIS CA  C    sing N N 132 
HIS CA  CB   sing N N 133 
HIS CA  HA   sing N N 134 
HIS C   O    doub N N 135 
HIS C   OXT  sing N N 136 
HIS CB  CG   sing N N 137 
HIS CB  HB2  sing N N 138 
HIS CB  HB3  sing N N 139 
HIS CG  ND1  sing Y N 140 
HIS CG  CD2  doub Y N 141 
HIS ND1 CE1  doub Y N 142 
HIS ND1 HD1  sing N N 143 
HIS CD2 NE2  sing Y N 144 
HIS CD2 HD2  sing N N 145 
HIS CE1 NE2  sing Y N 146 
HIS CE1 HE1  sing N N 147 
HIS NE2 HE2  sing N N 148 
HIS OXT HXT  sing N N 149 
HOH O   H1   sing N N 150 
HOH O   H2   sing N N 151 
ILE N   CA   sing N N 152 
ILE N   H    sing N N 153 
ILE N   H2   sing N N 154 
ILE CA  C    sing N N 155 
ILE CA  CB   sing N N 156 
ILE CA  HA   sing N N 157 
ILE C   O    doub N N 158 
ILE C   OXT  sing N N 159 
ILE CB  CG1  sing N N 160 
ILE CB  CG2  sing N N 161 
ILE CB  HB   sing N N 162 
ILE CG1 CD1  sing N N 163 
ILE CG1 HG12 sing N N 164 
ILE CG1 HG13 sing N N 165 
ILE CG2 HG21 sing N N 166 
ILE CG2 HG22 sing N N 167 
ILE CG2 HG23 sing N N 168 
ILE CD1 HD11 sing N N 169 
ILE CD1 HD12 sing N N 170 
ILE CD1 HD13 sing N N 171 
ILE OXT HXT  sing N N 172 
LEU N   CA   sing N N 173 
LEU N   H    sing N N 174 
LEU N   H2   sing N N 175 
LEU CA  C    sing N N 176 
LEU CA  CB   sing N N 177 
LEU CA  HA   sing N N 178 
LEU C   O    doub N N 179 
LEU C   OXT  sing N N 180 
LEU CB  CG   sing N N 181 
LEU CB  HB2  sing N N 182 
LEU CB  HB3  sing N N 183 
LEU CG  CD1  sing N N 184 
LEU CG  CD2  sing N N 185 
LEU CG  HG   sing N N 186 
LEU CD1 HD11 sing N N 187 
LEU CD1 HD12 sing N N 188 
LEU CD1 HD13 sing N N 189 
LEU CD2 HD21 sing N N 190 
LEU CD2 HD22 sing N N 191 
LEU CD2 HD23 sing N N 192 
LEU OXT HXT  sing N N 193 
LYS N   CA   sing N N 194 
LYS N   H    sing N N 195 
LYS N   H2   sing N N 196 
LYS CA  C    sing N N 197 
LYS CA  CB   sing N N 198 
LYS CA  HA   sing N N 199 
LYS C   O    doub N N 200 
LYS C   OXT  sing N N 201 
LYS CB  CG   sing N N 202 
LYS CB  HB2  sing N N 203 
LYS CB  HB3  sing N N 204 
LYS CG  CD   sing N N 205 
LYS CG  HG2  sing N N 206 
LYS CG  HG3  sing N N 207 
LYS CD  CE   sing N N 208 
LYS CD  HD2  sing N N 209 
LYS CD  HD3  sing N N 210 
LYS CE  NZ   sing N N 211 
LYS CE  HE2  sing N N 212 
LYS CE  HE3  sing N N 213 
LYS NZ  HZ1  sing N N 214 
LYS NZ  HZ2  sing N N 215 
LYS NZ  HZ3  sing N N 216 
LYS OXT HXT  sing N N 217 
MET N   CA   sing N N 218 
MET N   H    sing N N 219 
MET N   H2   sing N N 220 
MET CA  C    sing N N 221 
MET CA  CB   sing N N 222 
MET CA  HA   sing N N 223 
MET C   O    doub N N 224 
MET C   OXT  sing N N 225 
MET CB  CG   sing N N 226 
MET CB  HB2  sing N N 227 
MET CB  HB3  sing N N 228 
MET CG  SD   sing N N 229 
MET CG  HG2  sing N N 230 
MET CG  HG3  sing N N 231 
MET SD  CE   sing N N 232 
MET CE  HE1  sing N N 233 
MET CE  HE2  sing N N 234 
MET CE  HE3  sing N N 235 
MET OXT HXT  sing N N 236 
PHE N   CA   sing N N 237 
PHE N   H    sing N N 238 
PHE N   H2   sing N N 239 
PHE CA  C    sing N N 240 
PHE CA  CB   sing N N 241 
PHE CA  HA   sing N N 242 
PHE C   O    doub N N 243 
PHE C   OXT  sing N N 244 
PHE CB  CG   sing N N 245 
PHE CB  HB2  sing N N 246 
PHE CB  HB3  sing N N 247 
PHE CG  CD1  doub Y N 248 
PHE CG  CD2  sing Y N 249 
PHE CD1 CE1  sing Y N 250 
PHE CD1 HD1  sing N N 251 
PHE CD2 CE2  doub Y N 252 
PHE CD2 HD2  sing N N 253 
PHE CE1 CZ   doub Y N 254 
PHE CE1 HE1  sing N N 255 
PHE CE2 CZ   sing Y N 256 
PHE CE2 HE2  sing N N 257 
PHE CZ  HZ   sing N N 258 
PHE OXT HXT  sing N N 259 
PRO N   CA   sing N N 260 
PRO N   CD   sing N N 261 
PRO N   H    sing N N 262 
PRO CA  C    sing N N 263 
PRO CA  CB   sing N N 264 
PRO CA  HA   sing N N 265 
PRO C   O    doub N N 266 
PRO C   OXT  sing N N 267 
PRO CB  CG   sing N N 268 
PRO CB  HB2  sing N N 269 
PRO CB  HB3  sing N N 270 
PRO CG  CD   sing N N 271 
PRO CG  HG2  sing N N 272 
PRO CG  HG3  sing N N 273 
PRO CD  HD2  sing N N 274 
PRO CD  HD3  sing N N 275 
PRO OXT HXT  sing N N 276 
PRZ N1  C2   doub Y N 277 
PRZ N1  C6   sing Y N 278 
PRZ C2  C3   sing Y N 279 
PRZ C2  C21  sing N N 280 
PRZ C3  N4   doub Y N 281 
PRZ C3  O31  sing N N 282 
PRZ N4  C5   sing Y N 283 
PRZ C5  C6   doub Y N 284 
PRZ C5  H5   sing N N 285 
PRZ C6  H6   sing N N 286 
PRZ C21 C22  sing N N 287 
PRZ C21 H212 sing N N 288 
PRZ C21 H211 sing N N 289 
PRZ C22 C23  sing N N 290 
PRZ C22 C24  sing N N 291 
PRZ C22 H22  sing N N 292 
PRZ C23 H233 sing N N 293 
PRZ C23 H232 sing N N 294 
PRZ C23 H231 sing N N 295 
PRZ C24 H243 sing N N 296 
PRZ C24 H242 sing N N 297 
PRZ C24 H241 sing N N 298 
PRZ O31 C31  sing N N 299 
PRZ C31 H313 sing N N 300 
PRZ C31 H312 sing N N 301 
PRZ C31 H311 sing N N 302 
SER N   CA   sing N N 303 
SER N   H    sing N N 304 
SER N   H2   sing N N 305 
SER CA  C    sing N N 306 
SER CA  CB   sing N N 307 
SER CA  HA   sing N N 308 
SER C   O    doub N N 309 
SER C   OXT  sing N N 310 
SER CB  OG   sing N N 311 
SER CB  HB2  sing N N 312 
SER CB  HB3  sing N N 313 
SER OG  HG   sing N N 314 
SER OXT HXT  sing N N 315 
THR N   CA   sing N N 316 
THR N   H    sing N N 317 
THR N   H2   sing N N 318 
THR CA  C    sing N N 319 
THR CA  CB   sing N N 320 
THR CA  HA   sing N N 321 
THR C   O    doub N N 322 
THR C   OXT  sing N N 323 
THR CB  OG1  sing N N 324 
THR CB  CG2  sing N N 325 
THR CB  HB   sing N N 326 
THR OG1 HG1  sing N N 327 
THR CG2 HG21 sing N N 328 
THR CG2 HG22 sing N N 329 
THR CG2 HG23 sing N N 330 
THR OXT HXT  sing N N 331 
TRP N   CA   sing N N 332 
TRP N   H    sing N N 333 
TRP N   H2   sing N N 334 
TRP CA  C    sing N N 335 
TRP CA  CB   sing N N 336 
TRP CA  HA   sing N N 337 
TRP C   O    doub N N 338 
TRP C   OXT  sing N N 339 
TRP CB  CG   sing N N 340 
TRP CB  HB2  sing N N 341 
TRP CB  HB3  sing N N 342 
TRP CG  CD1  doub Y N 343 
TRP CG  CD2  sing Y N 344 
TRP CD1 NE1  sing Y N 345 
TRP CD1 HD1  sing N N 346 
TRP CD2 CE2  doub Y N 347 
TRP CD2 CE3  sing Y N 348 
TRP NE1 CE2  sing Y N 349 
TRP NE1 HE1  sing N N 350 
TRP CE2 CZ2  sing Y N 351 
TRP CE3 CZ3  doub Y N 352 
TRP CE3 HE3  sing N N 353 
TRP CZ2 CH2  doub Y N 354 
TRP CZ2 HZ2  sing N N 355 
TRP CZ3 CH2  sing Y N 356 
TRP CZ3 HZ3  sing N N 357 
TRP CH2 HH2  sing N N 358 
TRP OXT HXT  sing N N 359 
TYR N   CA   sing N N 360 
TYR N   H    sing N N 361 
TYR N   H2   sing N N 362 
TYR CA  C    sing N N 363 
TYR CA  CB   sing N N 364 
TYR CA  HA   sing N N 365 
TYR C   O    doub N N 366 
TYR C   OXT  sing N N 367 
TYR CB  CG   sing N N 368 
TYR CB  HB2  sing N N 369 
TYR CB  HB3  sing N N 370 
TYR CG  CD1  doub Y N 371 
TYR CG  CD2  sing Y N 372 
TYR CD1 CE1  sing Y N 373 
TYR CD1 HD1  sing N N 374 
TYR CD2 CE2  doub Y N 375 
TYR CD2 HD2  sing N N 376 
TYR CE1 CZ   doub Y N 377 
TYR CE1 HE1  sing N N 378 
TYR CE2 CZ   sing Y N 379 
TYR CE2 HE2  sing N N 380 
TYR CZ  OH   sing N N 381 
TYR OH  HH   sing N N 382 
TYR OXT HXT  sing N N 383 
VAL N   CA   sing N N 384 
VAL N   H    sing N N 385 
VAL N   H2   sing N N 386 
VAL CA  C    sing N N 387 
VAL CA  CB   sing N N 388 
VAL CA  HA   sing N N 389 
VAL C   O    doub N N 390 
VAL C   OXT  sing N N 391 
VAL CB  CG1  sing N N 392 
VAL CB  CG2  sing N N 393 
VAL CB  HB   sing N N 394 
VAL CG1 HG11 sing N N 395 
VAL CG1 HG12 sing N N 396 
VAL CG1 HG13 sing N N 397 
VAL CG2 HG21 sing N N 398 
VAL CG2 HG22 sing N N 399 
VAL CG2 HG23 sing N N 400 
VAL OXT HXT  sing N N 401 
# 
_pdbx_initial_refinement_model.id               1 
_pdbx_initial_refinement_model.entity_id_list   ? 
_pdbx_initial_refinement_model.type             'experimental model' 
_pdbx_initial_refinement_model.source_name      PDB 
_pdbx_initial_refinement_model.accession_code   1DQE 
_pdbx_initial_refinement_model.details          ? 
# 
_atom_sites.entry_id                    2P70 
_atom_sites.fract_transf_matrix[1][1]   0.00592629 
_atom_sites.fract_transf_matrix[1][2]   -0.00363582 
_atom_sites.fract_transf_matrix[1][3]   0.00968965 
_atom_sites.fract_transf_matrix[2][1]   0.00311921 
_atom_sites.fract_transf_matrix[2][2]   0.01127411 
_atom_sites.fract_transf_matrix[2][3]   0.00232261 
_atom_sites.fract_transf_matrix[3][1]   -0.02376334 
_atom_sites.fract_transf_matrix[3][2]   0.00332351 
_atom_sites.fract_transf_matrix[3][3]   0.01578097 
_atom_sites.fract_transf_vector[1]      0.735756 
_atom_sites.fract_transf_vector[2]      0.494999 
_atom_sites.fract_transf_vector[3]      0.004102 
# 
loop_
_atom_type.symbol 
C 
N 
O 
S 
# 
loop_
_atom_site.group_PDB 
_atom_site.id 
_atom_site.type_symbol 
_atom_site.label_atom_id 
_atom_site.label_alt_id 
_atom_site.label_comp_id 
_atom_site.label_asym_id 
_atom_site.label_entity_id 
_atom_site.label_seq_id 
_atom_site.pdbx_PDB_ins_code 
_atom_site.Cartn_x 
_atom_site.Cartn_y 
_atom_site.Cartn_z 
_atom_site.occupancy 
_atom_site.B_iso_or_equiv 
_atom_site.pdbx_formal_charge 
_atom_site.auth_seq_id 
_atom_site.auth_comp_id 
_atom_site.auth_asym_id 
_atom_site.auth_atom_id 
_atom_site.pdbx_PDB_model_num 
ATOM   1    N N   . SER A 1 1   ? 14.063  1.672   -6.120  1.00 29.83 ? 1    SER A N   1 
ATOM   2    C CA  . SER A 1 1   ? 15.049  0.563   -5.849  1.00 31.98 ? 1    SER A CA  1 
ATOM   3    C C   . SER A 1 1   ? 14.316  -0.331  -4.891  1.00 31.83 ? 1    SER A C   1 
ATOM   4    O O   . SER A 1 1   ? 13.564  0.173   -4.000  1.00 32.31 ? 1    SER A O   1 
ATOM   5    C CB  . SER A 1 1   ? 16.332  1.099   -5.199  1.00 32.07 ? 1    SER A CB  1 
ATOM   6    O OG  . SER A 1 1   ? 16.304  1.292   -3.768  1.00 37.52 ? 1    SER A OG  1 
ATOM   7    N N   . GLN A 1 2   ? 14.511  -1.621  -5.062  1.00 30.29 ? 2    GLN A N   1 
ATOM   8    C CA  . GLN A 1 2   ? 14.031  -2.631  -4.172  1.00 30.31 ? 2    GLN A CA  1 
ATOM   9    C C   . GLN A 1 2   ? 14.272  -2.440  -2.738  1.00 30.29 ? 2    GLN A C   1 
ATOM   10   O O   . GLN A 1 2   ? 13.487  -2.867  -1.935  1.00 29.85 ? 2    GLN A O   1 
ATOM   11   C CB  . GLN A 1 2   ? 14.687  -4.037  -4.486  1.00 32.28 ? 2    GLN A CB  1 
ATOM   12   C CG  . GLN A 1 2   ? 14.386  -4.507  -5.870  1.00 32.03 ? 2    GLN A CG  1 
ATOM   13   C CD  . GLN A 1 2   ? 14.707  -5.944  -6.226  1.00 28.84 ? 2    GLN A CD  1 
ATOM   14   O OE1 . GLN A 1 2   ? 15.068  -6.784  -5.381  1.00 36.33 ? 2    GLN A OE1 1 
ATOM   15   N NE2 . GLN A 1 2   ? 14.699  -6.171  -7.525  1.00 27.68 ? 2    GLN A NE2 1 
ATOM   16   N N   . GLU A 1 3   ? 15.462  -1.970  -2.404  1.00 30.08 ? 3    GLU A N   1 
ATOM   17   C CA  . GLU A 1 3   ? 15.966  -1.810  -1.099  1.00 27.60 ? 3    GLU A CA  1 
ATOM   18   C C   . GLU A 1 3   ? 15.132  -0.814  -0.318  1.00 25.89 ? 3    GLU A C   1 
ATOM   19   O O   . GLU A 1 3   ? 14.743  -1.050  0.823   1.00 24.75 ? 3    GLU A O   1 
ATOM   20   C CB  . GLU A 1 3   ? 17.391  -1.185  -1.313  1.00 31.98 ? 3    GLU A CB  1 
ATOM   21   C CG  . GLU A 1 3   ? 18.358  -1.932  -2.364  1.00 35.87 ? 3    GLU A CG  1 
ATOM   22   C CD  . GLU A 1 3   ? 17.976  -1.995  -3.868  1.00 43.17 ? 3    GLU A CD  1 
ATOM   23   O OE1 . GLU A 1 3   ? 17.869  -0.972  -4.533  1.00 52.19 ? 3    GLU A OE1 1 
ATOM   24   O OE2 . GLU A 1 3   ? 17.853  -3.098  -4.431  1.00 45.75 ? 3    GLU A OE2 1 
ATOM   25   N N   . VAL A 1 4   ? 14.918  0.315   -0.956  1.00 25.98 ? 4    VAL A N   1 
ATOM   26   C CA  . VAL A 1 4   ? 13.937  1.320   -0.540  1.00 25.89 ? 4    VAL A CA  1 
ATOM   27   C C   . VAL A 1 4   ? 12.521  0.825   -0.353  1.00 25.79 ? 4    VAL A C   1 
ATOM   28   O O   . VAL A 1 4   ? 11.932  0.997   0.670   1.00 24.84 ? 4    VAL A O   1 
ATOM   29   C CB  . VAL A 1 4   ? 14.004  2.590   -1.388  1.00 27.15 ? 4    VAL A CB  1 
ATOM   30   C CG1 . VAL A 1 4   ? 12.924  3.646   -1.078  1.00 25.38 ? 4    VAL A CG1 1 
ATOM   31   C CG2 . VAL A 1 4   ? 15.356  3.294   -1.249  1.00 31.55 ? 4    VAL A CG2 1 
ATOM   32   N N   . MET A 1 5   ? 11.979  0.173   -1.365  1.00 27.31 ? 5    MET A N   1 
ATOM   33   C CA  . MET A 1 5   ? 10.691  -0.398  -1.299  1.00 25.83 ? 5    MET A CA  1 
ATOM   34   C C   . MET A 1 5   ? 10.523  -1.443  -0.185  1.00 24.67 ? 5    MET A C   1 
ATOM   35   O O   . MET A 1 5   ? 9.493   -1.462  0.587   1.00 23.32 ? 5    MET A O   1 
ATOM   36   C CB  . MET A 1 5   ? 10.395  -0.985  -2.683  1.00 25.62 ? 5    MET A CB  1 
ATOM   37   C CG  . MET A 1 5   ? 10.116  -0.103  -3.755  1.00 25.51 ? 5    MET A CG  1 
ATOM   38   S SD  . MET A 1 5   ? 8.869   1.112   -3.418  1.00 32.02 ? 5    MET A SD  1 
ATOM   39   C CE  . MET A 1 5   ? 7.611   0.114   -3.124  1.00 26.84 ? 5    MET A CE  1 
ATOM   40   N N   . LYS A 1 6   ? 11.597  -2.169  0.080   1.00 23.53 ? 6    LYS A N   1 
ATOM   41   C CA  . LYS A 1 6   ? 11.615  -3.056  1.222   1.00 25.44 ? 6    LYS A CA  1 
ATOM   42   C C   . LYS A 1 6   ? 11.441  -2.299  2.538   1.00 26.17 ? 6    LYS A C   1 
ATOM   43   O O   . LYS A 1 6   ? 10.516  -2.588  3.281   1.00 26.44 ? 6    LYS A O   1 
ATOM   44   C CB  . LYS A 1 6   ? 12.862  -4.016  1.281   1.00 26.38 ? 6    LYS A CB  1 
ATOM   45   C CG  . LYS A 1 6   ? 12.745  -4.929  2.491   1.00 30.40 ? 6    LYS A CG  1 
ATOM   46   C CD  . LYS A 1 6   ? 13.966  -5.729  3.050   1.00 38.54 ? 6    LYS A CD  1 
ATOM   47   C CE  . LYS A 1 6   ? 14.972  -5.883  1.925   1.00 49.03 ? 6    LYS A CE  1 
ATOM   48   N NZ  . LYS A 1 6   ? 16.040  -6.910  2.420   1.00 57.62 ? 6    LYS A NZ  1 
ATOM   49   N N   . ASN A 1 7   ? 12.281  -1.292  2.790   1.00 26.76 ? 7    ASN A N   1 
ATOM   50   C CA  . ASN A 1 7   ? 12.130  -0.464  3.961   1.00 27.69 ? 7    ASN A CA  1 
ATOM   51   C C   . ASN A 1 7   ? 10.752  0.274   4.035   1.00 25.70 ? 7    ASN A C   1 
ATOM   52   O O   . ASN A 1 7   ? 10.085  0.291   5.147   1.00 19.78 ? 7    ASN A O   1 
ATOM   53   C CB  . ASN A 1 7   ? 13.299  0.455   4.072   1.00 28.17 ? 7    ASN A CB  1 
ATOM   54   C CG  . ASN A 1 7   ? 13.352  1.131   5.351   1.00 31.79 ? 7    ASN A CG  1 
ATOM   55   O OD1 . ASN A 1 7   ? 13.380  2.421   5.396   1.00 37.51 ? 7    ASN A OD1 1 
ATOM   56   N ND2 . ASN A 1 7   ? 13.300  0.328   6.444   1.00 27.13 ? 7    ASN A ND2 1 
ATOM   57   N N   . LEU A 1 8   ? 10.253  0.741   2.896   1.00 24.04 ? 8    LEU A N   1 
ATOM   58   C CA  . LEU A 1 8   ? 8.907   1.364   2.925   1.00 24.76 ? 8    LEU A CA  1 
ATOM   59   C C   . LEU A 1 8   ? 7.834   0.421   3.402   1.00 25.30 ? 8    LEU A C   1 
ATOM   60   O O   . LEU A 1 8   ? 7.057   0.797   4.263   1.00 24.03 ? 8    LEU A O   1 
ATOM   61   C CB  . LEU A 1 8   ? 8.464   2.085   1.677   1.00 25.55 ? 8    LEU A CB  1 
ATOM   62   C CG  . LEU A 1 8   ? 8.975   3.499   1.357   1.00 28.76 ? 8    LEU A CG  1 
ATOM   63   C CD1 . LEU A 1 8   ? 10.373  3.715   1.653   1.00 38.45 ? 8    LEU A CD1 1 
ATOM   64   C CD2 . LEU A 1 8   ? 8.868   3.628   -0.085  1.00 30.83 ? 8    LEU A CD2 1 
ATOM   65   N N   . SER A 1 9   ? 7.819   -0.825  2.916   1.00 27.41 ? 9    SER A N   1 
ATOM   66   C CA  . SER A 1 9   ? 6.819   -1.772  3.233   1.00 29.19 ? 9    SER A CA  1 
ATOM   67   C C   . SER A 1 9   ? 6.914   -2.273  4.604   1.00 29.40 ? 9    SER A C   1 
ATOM   68   O O   . SER A 1 9   ? 5.889   -2.409  5.304   1.00 28.20 ? 9    SER A O   1 
ATOM   69   C CB  . SER A 1 9   ? 6.701   -2.929  2.213   1.00 33.34 ? 9    SER A CB  1 
ATOM   70   O OG  . SER A 1 9   ? 7.973   -3.233  1.864   1.00 42.66 ? 9    SER A OG  1 
ATOM   71   N N   . LEU A 1 10  ? 8.116   -2.462  5.097   1.00 27.00 ? 10   LEU A N   1 
ATOM   72   C CA  . LEU A 1 10  ? 8.295   -2.790  6.459   1.00 26.12 ? 10   LEU A CA  1 
ATOM   73   C C   . LEU A 1 10  ? 7.806   -1.698  7.319   1.00 24.95 ? 10   LEU A C   1 
ATOM   74   O O   . LEU A 1 10  ? 7.187   -1.982  8.357   1.00 25.39 ? 10   LEU A O   1 
ATOM   75   C CB  . LEU A 1 10  ? 9.795   -3.078  6.784   1.00 30.17 ? 10   LEU A CB  1 
ATOM   76   C CG  . LEU A 1 10  ? 10.244  -4.481  6.298   1.00 31.85 ? 10   LEU A CG  1 
ATOM   77   C CD1 . LEU A 1 10  ? 11.796  -4.762  6.300   1.00 40.06 ? 10   LEU A CD1 1 
ATOM   78   C CD2 . LEU A 1 10  ? 9.520   -5.555  7.170   1.00 36.20 ? 10   LEU A CD2 1 
ATOM   79   N N   . ASN A 1 11  ? 8.048   -0.439  6.954   1.00 23.38 ? 11   ASN A N   1 
ATOM   80   C CA  . ASN A 1 11  ? 7.594   0.589   7.799   1.00 24.58 ? 11   ASN A CA  1 
ATOM   81   C C   . ASN A 1 11  ? 6.068   0.860   7.633   1.00 24.97 ? 11   ASN A C   1 
ATOM   82   O O   . ASN A 1 11  ? 5.416   1.311   8.540   1.00 25.04 ? 11   ASN A O   1 
ATOM   83   C CB  . ASN A 1 11  ? 8.395   1.823   7.723   1.00 23.48 ? 11   ASN A CB  1 
ATOM   84   C CG  . ASN A 1 11  ? 9.696   1.710   8.598   1.00 26.83 ? 11   ASN A CG  1 
ATOM   85   O OD1 . ASN A 1 11  ? 9.686   1.899   9.820   1.00 24.16 ? 11   ASN A OD1 1 
ATOM   86   N ND2 . ASN A 1 11  ? 10.780  1.300   7.940   1.00 21.75 ? 11   ASN A ND2 1 
ATOM   87   N N   . PHE A 1 12  ? 5.543   0.625   6.434   1.00 27.33 ? 12   PHE A N   1 
ATOM   88   C CA  . PHE A 1 12  ? 4.102   0.802   6.278   1.00 29.52 ? 12   PHE A CA  1 
ATOM   89   C C   . PHE A 1 12  ? 3.385   -0.212  7.149   1.00 29.71 ? 12   PHE A C   1 
ATOM   90   O O   . PHE A 1 12  ? 2.360   0.083   7.706   1.00 32.49 ? 12   PHE A O   1 
ATOM   91   C CB  . PHE A 1 12  ? 3.767   0.603   4.832   1.00 28.29 ? 12   PHE A CB  1 
ATOM   92   C CG  . PHE A 1 12  ? 2.344   0.692   4.502   1.00 29.65 ? 12   PHE A CG  1 
ATOM   93   C CD1 . PHE A 1 12  ? 1.771   1.947   4.215   1.00 32.56 ? 12   PHE A CD1 1 
ATOM   94   C CD2 . PHE A 1 12  ? 1.529   -0.452  4.492   1.00 29.81 ? 12   PHE A CD2 1 
ATOM   95   C CE1 . PHE A 1 12  ? 0.488   2.030   3.811   1.00 34.97 ? 12   PHE A CE1 1 
ATOM   96   C CE2 . PHE A 1 12  ? 0.169   -0.343  4.094   1.00 26.81 ? 12   PHE A CE2 1 
ATOM   97   C CZ  . PHE A 1 12  ? -0.332  0.878   3.728   1.00 26.96 ? 12   PHE A CZ  1 
ATOM   98   N N   . GLY A 1 13  ? 3.913   -1.396  7.247   1.00 30.49 ? 13   GLY A N   1 
ATOM   99   C CA  . GLY A 1 13  ? 3.364   -2.448  8.027   1.00 30.88 ? 13   GLY A CA  1 
ATOM   100  C C   . GLY A 1 13  ? 3.467   -2.422  9.551   1.00 33.95 ? 13   GLY A C   1 
ATOM   101  O O   . GLY A 1 13  ? 2.717   -3.211  10.242  1.00 32.31 ? 13   GLY A O   1 
ATOM   102  N N   . LYS A 1 14  ? 4.353   -1.562  10.089  1.00 35.00 ? 14   LYS A N   1 
ATOM   103  C CA  . LYS A 1 14  ? 4.800   -1.617  11.503  1.00 37.48 ? 14   LYS A CA  1 
ATOM   104  C C   . LYS A 1 14  ? 3.580   -1.610  12.379  1.00 39.70 ? 14   LYS A C   1 
ATOM   105  O O   . LYS A 1 14  ? 3.551   -2.475  13.352  1.00 40.83 ? 14   LYS A O   1 
ATOM   106  C CB  . LYS A 1 14  ? 5.843   -0.516  11.967  1.00 36.92 ? 14   LYS A CB  1 
ATOM   107  C CG  . LYS A 1 14  ? 7.300   -0.959  11.877  0.01 37.49 ? 14   LYS A CG  1 
ATOM   108  C CD  . LYS A 1 14  ? 7.594   -2.149  12.788  0.01 37.70 ? 14   LYS A CD  1 
ATOM   109  C CE  . LYS A 1 14  ? 8.878   -1.955  13.579  0.01 37.80 ? 14   LYS A CE  1 
ATOM   110  N NZ  . LYS A 1 14  ? 9.278   -3.197  14.297  0.01 37.95 ? 14   LYS A NZ  1 
ATOM   111  N N   . ALA A 1 15  ? 2.607   -0.709  12.052  1.00 40.83 ? 15   ALA A N   1 
ATOM   112  C CA  . ALA A 1 15  ? 1.392   -0.461  12.905  1.00 43.43 ? 15   ALA A CA  1 
ATOM   113  C C   . ALA A 1 15  ? 0.209   -1.386  12.686  1.00 44.13 ? 15   ALA A C   1 
ATOM   114  O O   . ALA A 1 15  ? -0.866  -1.059  13.176  1.00 46.92 ? 15   ALA A O   1 
ATOM   115  C CB  . ALA A 1 15  ? 0.812   0.962   12.713  1.00 42.73 ? 15   ALA A CB  1 
ATOM   116  N N   . LEU A 1 16  ? 0.402   -2.476  11.983  1.00 42.69 ? 16   LEU A N   1 
ATOM   117  C CA  . LEU A 1 16  ? -0.601  -3.420  11.713  1.00 44.99 ? 16   LEU A CA  1 
ATOM   118  C C   . LEU A 1 16  ? -1.284  -3.862  13.027  1.00 49.21 ? 16   LEU A C   1 
ATOM   119  O O   . LEU A 1 16  ? -2.512  -3.819  13.182  1.00 49.20 ? 16   LEU A O   1 
ATOM   120  C CB  . LEU A 1 16  ? -0.008  -4.592  10.896  1.00 44.00 ? 16   LEU A CB  1 
ATOM   121  C CG  . LEU A 1 16  ? -1.101  -5.529  10.281  1.00 44.17 ? 16   LEU A CG  1 
ATOM   122  C CD1 . LEU A 1 16  ? -2.145  -4.786  9.330   1.00 40.90 ? 16   LEU A CD1 1 
ATOM   123  C CD2 . LEU A 1 16  ? -0.485  -6.785  9.599   1.00 43.76 ? 16   LEU A CD2 1 
ATOM   124  N N   . ASP A 1 17  ? -0.463  -4.219  13.991  1.00 51.82 ? 17   ASP A N   1 
ATOM   125  C CA  . ASP A 1 17  ? -0.907  -4.691  15.291  1.00 54.18 ? 17   ASP A CA  1 
ATOM   126  C C   . ASP A 1 17  ? -1.965  -3.703  15.927  1.00 54.57 ? 17   ASP A C   1 
ATOM   127  O O   . ASP A 1 17  ? -3.030  -4.107  16.428  1.00 54.93 ? 17   ASP A O   1 
ATOM   128  C CB  . ASP A 1 17  ? 0.386   -4.941  16.135  1.00 55.45 ? 17   ASP A CB  1 
ATOM   129  C CG  . ASP A 1 17  ? 1.679   -5.375  15.205  1.00 59.60 ? 17   ASP A CG  1 
ATOM   130  O OD1 . ASP A 1 17  ? 2.330   -6.444  15.464  1.00 69.99 ? 17   ASP A OD1 1 
ATOM   131  O OD2 . ASP A 1 17  ? 2.162   -4.707  14.249  1.00 55.01 ? 17   ASP A OD2 1 
ATOM   132  N N   . GLU A 1 18  ? -1.730  -2.405  15.851  1.00 54.57 ? 18   GLU A N   1 
ATOM   133  C CA  . GLU A 1 18  ? -2.737  -1.412  16.353  1.00 54.23 ? 18   GLU A CA  1 
ATOM   134  C C   . GLU A 1 18  ? -4.133  -1.315  15.684  1.00 50.81 ? 18   GLU A C   1 
ATOM   135  O O   . GLU A 1 18  ? -5.118  -0.879  16.319  1.00 49.77 ? 18   GLU A O   1 
ATOM   136  C CB  . GLU A 1 18  ? -2.143  -0.057  16.199  1.00 55.41 ? 18   GLU A CB  1 
ATOM   137  C CG  . GLU A 1 18  ? -3.122  1.076   15.971  1.00 61.11 ? 18   GLU A CG  1 
ATOM   138  C CD  . GLU A 1 18  ? -2.350  2.398   15.889  1.00 68.14 ? 18   GLU A CD  1 
ATOM   139  O OE1 . GLU A 1 18  ? -3.024  3.458   15.813  1.00 72.82 ? 18   GLU A OE1 1 
ATOM   140  O OE2 . GLU A 1 18  ? -1.063  2.375   15.927  1.00 71.13 ? 18   GLU A OE2 1 
ATOM   141  N N   . CYS A 1 19  ? -4.117  -1.588  14.379  1.00 47.73 ? 19   CYS A N   1 
ATOM   142  C CA  . CYS A 1 19  ? -5.220  -1.515  13.450  1.00 44.90 ? 19   CYS A CA  1 
ATOM   143  C C   . CYS A 1 19  ? -6.122  -2.616  13.879  1.00 48.19 ? 19   CYS A C   1 
ATOM   144  O O   . CYS A 1 19  ? -7.292  -2.628  13.605  1.00 44.46 ? 19   CYS A O   1 
ATOM   145  C CB  . CYS A 1 19  ? -4.776  -1.746  11.905  1.00 41.57 ? 19   CYS A CB  1 
ATOM   146  S SG  . CYS A 1 19  ? -4.201  -0.185  11.080  1.00 33.73 ? 19   CYS A SG  1 
ATOM   147  N N   . LYS A 1 20  ? -5.473  -3.653  14.397  1.00 53.82 ? 20   LYS A N   1 
ATOM   148  C CA  . LYS A 1 20  ? -6.086  -4.915  14.803  1.00 56.93 ? 20   LYS A CA  1 
ATOM   149  C C   . LYS A 1 20  ? -6.474  -4.479  16.173  1.00 58.79 ? 20   LYS A C   1 
ATOM   150  O O   . LYS A 1 20  ? -5.943  -3.529  16.695  1.00 58.77 ? 20   LYS A O   1 
ATOM   151  C CB  . LYS A 1 20  ? -5.023  -6.070  14.780  1.00 58.00 ? 20   LYS A CB  1 
ATOM   152  C CG  . LYS A 1 20  ? -4.922  -6.985  13.463  1.00 60.53 ? 20   LYS A CG  1 
ATOM   153  C CD  . LYS A 1 20  ? -3.671  -8.025  13.459  1.00 64.89 ? 20   LYS A CD  1 
ATOM   154  C CE  . LYS A 1 20  ? -2.609  -7.867  14.773  1.00 69.79 ? 20   LYS A CE  1 
ATOM   155  N NZ  . LYS A 1 20  ? -1.014  -8.116  14.667  1.00 67.62 ? 20   LYS A NZ  1 
ATOM   156  N N   . LYS A 1 21  ? -7.420  -5.106  16.797  1.00 62.06 ? 21   LYS A N   1 
ATOM   157  C CA  . LYS A 1 21  ? -7.991  -4.380  17.939  1.00 64.60 ? 21   LYS A CA  1 
ATOM   158  C C   . LYS A 1 21  ? -8.947  -3.350  17.367  1.00 65.72 ? 21   LYS A C   1 
ATOM   159  O O   . LYS A 1 21  ? -10.142 -3.600  17.330  1.00 67.06 ? 21   LYS A O   1 
ATOM   160  C CB  . LYS A 1 21  ? -6.910  -3.725  18.862  1.00 64.76 ? 21   LYS A CB  1 
ATOM   161  C CG  . LYS A 1 21  ? -5.818  -4.712  19.315  0.01 65.43 ? 21   LYS A CG  1 
ATOM   162  C CD  . LYS A 1 21  ? -5.401  -4.509  20.768  0.01 66.17 ? 21   LYS A CD  1 
ATOM   163  C CE  . LYS A 1 21  ? -6.227  -5.364  21.721  0.01 66.53 ? 21   LYS A CE  1 
ATOM   164  N NZ  . LYS A 1 21  ? -5.671  -5.348  23.102  0.01 66.70 ? 21   LYS A NZ  1 
ATOM   165  N N   . GLU A 1 22  ? -8.405  -2.232  16.868  1.00 67.01 ? 22   GLU A N   1 
ATOM   166  C CA  . GLU A 1 22  ? -9.152  -1.215  16.151  1.00 66.95 ? 22   GLU A CA  1 
ATOM   167  C C   . GLU A 1 22  ? -9.986  -1.702  14.895  1.00 66.83 ? 22   GLU A C   1 
ATOM   168  O O   . GLU A 1 22  ? -10.830 -0.951  14.395  1.00 67.44 ? 22   GLU A O   1 
ATOM   169  C CB  . GLU A 1 22  ? -8.178  -0.062  15.837  1.00 68.10 ? 22   GLU A CB  1 
ATOM   170  C CG  . GLU A 1 22  ? -8.180  0.531   14.414  1.00 70.53 ? 22   GLU A CG  1 
ATOM   171  C CD  . GLU A 1 22  ? -7.747  2.007   14.384  1.00 75.53 ? 22   GLU A CD  1 
ATOM   172  O OE1 . GLU A 1 22  ? -6.745  2.368   15.121  1.00 75.80 ? 22   GLU A OE1 1 
ATOM   173  O OE2 . GLU A 1 22  ? -8.409  2.783   13.612  1.00 73.13 ? 22   GLU A OE2 1 
ATOM   174  N N   . MET A 1 23  ? -9.838  -2.934  14.403  1.00 66.03 ? 23   MET A N   1 
ATOM   175  C CA  . MET A 1 23  ? -10.716 -3.387  13.287  1.00 66.26 ? 23   MET A CA  1 
ATOM   176  C C   . MET A 1 23  ? -11.319 -4.808  13.372  1.00 66.24 ? 23   MET A C   1 
ATOM   177  O O   . MET A 1 23  ? -12.358 -5.075  12.777  1.00 66.21 ? 23   MET A O   1 
ATOM   178  C CB  . MET A 1 23  ? -10.044 -3.202  11.915  1.00 66.38 ? 23   MET A CB  1 
ATOM   179  C CG  . MET A 1 23  ? -9.263  -1.850  11.685  1.00 67.21 ? 23   MET A CG  1 
ATOM   180  S SD  . MET A 1 23  ? -9.723  -0.763  10.344  1.00 64.02 ? 23   MET A SD  1 
ATOM   181  C CE  . MET A 1 23  ? -9.195  -1.649  9.096   1.00 62.35 ? 23   MET A CE  1 
ATOM   182  N N   . THR A 1 24  ? -10.702 -5.715  14.111  1.00 66.46 ? 24   THR A N   1 
ATOM   183  C CA  . THR A 1 24  ? -11.288 -7.054  14.330  1.00 66.16 ? 24   THR A CA  1 
ATOM   184  C C   . THR A 1 24  ? -10.748 -7.977  13.275  1.00 65.78 ? 24   THR A C   1 
ATOM   185  O O   . THR A 1 24  ? -11.383 -9.050  12.973  1.00 65.18 ? 24   THR A O   1 
ATOM   186  C CB  . THR A 1 24  ? -12.869 -7.182  14.195  1.00 67.03 ? 24   THR A CB  1 
ATOM   187  O OG1 . THR A 1 24  ? -13.632 -5.944  14.422  1.00 65.98 ? 24   THR A OG1 1 
ATOM   188  C CG2 . THR A 1 24  ? -13.311 -8.221  15.204  1.00 67.59 ? 24   THR A CG2 1 
ATOM   189  N N   . LEU A 1 25  ? -9.603  -7.586  12.681  1.00 63.56 ? 25   LEU A N   1 
ATOM   190  C CA  . LEU A 1 25  ? -9.128  -8.247  11.484  1.00 61.25 ? 25   LEU A CA  1 
ATOM   191  C C   . LEU A 1 25  ? -8.537  -9.624  11.834  1.00 59.63 ? 25   LEU A C   1 
ATOM   192  O O   . LEU A 1 25  ? -8.061  -9.799  12.919  1.00 59.24 ? 25   LEU A O   1 
ATOM   193  C CB  . LEU A 1 25  ? -8.109  -7.364  10.795  1.00 61.06 ? 25   LEU A CB  1 
ATOM   194  C CG  . LEU A 1 25  ? -8.586  -5.977  10.396  1.00 60.94 ? 25   LEU A CG  1 
ATOM   195  C CD1 . LEU A 1 25  ? -7.353  -5.001  10.285  1.00 62.72 ? 25   LEU A CD1 1 
ATOM   196  C CD2 . LEU A 1 25  ? -9.410  -5.929  9.178   1.00 58.48 ? 25   LEU A CD2 1 
ATOM   197  N N   . THR A 1 26  ? -8.586  -10.567 10.892  1.00 57.84 ? 26   THR A N   1 
ATOM   198  C CA  . THR A 1 26  ? -8.069  -11.950 11.012  1.00 56.82 ? 26   THR A CA  1 
ATOM   199  C C   . THR A 1 26  ? -6.586  -12.135 10.650  1.00 55.22 ? 26   THR A C   1 
ATOM   200  O O   . THR A 1 26  ? -5.961  -11.203 10.271  1.00 55.98 ? 26   THR A O   1 
ATOM   201  C CB  . THR A 1 26  ? -8.830  -12.787 10.012  1.00 56.57 ? 26   THR A CB  1 
ATOM   202  O OG1 . THR A 1 26  ? -8.423  -12.435 8.684   1.00 53.50 ? 26   THR A OG1 1 
ATOM   203  C CG2 . THR A 1 26  ? -10.290 -12.458 10.063  1.00 57.93 ? 26   THR A CG2 1 
ATOM   204  N N   . ASP A 1 27  ? -6.099  -13.375 10.710  1.00 53.98 ? 27   ASP A N   1 
ATOM   205  C CA  . ASP A 1 27  ? -4.793  -13.881 10.196  1.00 51.77 ? 27   ASP A CA  1 
ATOM   206  C C   . ASP A 1 27  ? -4.664  -14.146 8.674   1.00 48.75 ? 27   ASP A C   1 
ATOM   207  O O   . ASP A 1 27  ? -3.597  -14.512 8.217   1.00 45.81 ? 27   ASP A O   1 
ATOM   208  C CB  . ASP A 1 27  ? -4.560  -15.344 10.696  1.00 53.28 ? 27   ASP A CB  1 
ATOM   209  C CG  . ASP A 1 27  ? -4.228  -15.484 12.186  1.00 56.89 ? 27   ASP A CG  1 
ATOM   210  O OD1 . ASP A 1 27  ? -3.511  -14.576 12.786  1.00 58.49 ? 27   ASP A OD1 1 
ATOM   211  O OD2 . ASP A 1 27  ? -4.635  -16.550 12.783  1.00 60.67 ? 27   ASP A OD2 1 
ATOM   212  N N   . ALA A 1 28  ? -5.786  -14.161 7.941   1.00 45.02 ? 28   ALA A N   1 
ATOM   213  C CA  . ALA A 1 28  ? -5.781  -14.173 6.483   1.00 40.80 ? 28   ALA A CA  1 
ATOM   214  C C   . ALA A 1 28  ? -5.087  -12.936 6.036   1.00 36.59 ? 28   ALA A C   1 
ATOM   215  O O   . ALA A 1 28  ? -4.472  -12.955 5.017   1.00 34.66 ? 28   ALA A O   1 
ATOM   216  C CB  . ALA A 1 28  ? -7.262  -14.177 5.917   1.00 42.09 ? 28   ALA A CB  1 
ATOM   217  N N   . ILE A 1 29  ? -5.164  -11.860 6.809   1.00 32.59 ? 29   ILE A N   1 
ATOM   218  C CA  . ILE A 1 29  ? -4.514  -10.717 6.443   1.00 31.73 ? 29   ILE A CA  1 
ATOM   219  C C   . ILE A 1 29  ? -2.980  -10.842 6.601   1.00 30.49 ? 29   ILE A C   1 
ATOM   220  O O   . ILE A 1 29  ? -2.285  -10.197 5.831   1.00 29.54 ? 29   ILE A O   1 
ATOM   221  C CB  . ILE A 1 29  ? -5.080  -9.374  7.036   1.00 32.97 ? 29   ILE A CB  1 
ATOM   222  C CG1 . ILE A 1 29  ? -4.303  -8.935  8.231   1.00 34.99 ? 29   ILE A CG1 1 
ATOM   223  C CG2 . ILE A 1 29  ? -6.542  -9.409  7.174   1.00 32.92 ? 29   ILE A CG2 1 
ATOM   224  C CD1 . ILE A 1 29  ? -4.942  -8.276  9.225   1.00 39.62 ? 29   ILE A CD1 1 
ATOM   225  N N   . ASN A 1 30  ? -2.463  -11.632 7.538   1.00 28.29 ? 30   ASN A N   1 
ATOM   226  C CA  . ASN A 1 30  ? -1.011  -11.625 7.782   1.00 28.97 ? 30   ASN A CA  1 
ATOM   227  C C   . ASN A 1 30  ? -0.443  -12.400 6.653   1.00 27.90 ? 30   ASN A C   1 
ATOM   228  O O   . ASN A 1 30  ? 0.661   -12.138 6.205   1.00 27.92 ? 30   ASN A O   1 
ATOM   229  C CB  . ASN A 1 30  ? -0.752  -12.267 9.109   1.00 32.14 ? 30   ASN A CB  1 
ATOM   230  C CG  . ASN A 1 30  ? -1.427  -11.505 10.297  1.00 33.21 ? 30   ASN A CG  1 
ATOM   231  O OD1 . ASN A 1 30  ? -1.375  -10.308 10.319  1.00 42.91 ? 30   ASN A OD1 1 
ATOM   232  N ND2 . ASN A 1 30  ? -1.939  -12.225 11.310  1.00 37.66 ? 30   ASN A ND2 1 
ATOM   233  N N   . GLU A 1 31  ? -1.210  -13.341 6.132   1.00 26.98 ? 31   GLU A N   1 
ATOM   234  C CA  . GLU A 1 31  ? -0.712  -14.193 5.024   1.00 29.65 ? 31   GLU A CA  1 
ATOM   235  C C   . GLU A 1 31  ? -0.705  -13.342 3.783   1.00 30.63 ? 31   GLU A C   1 
ATOM   236  O O   . GLU A 1 31  ? 0.242   -13.355 3.006   1.00 30.10 ? 31   GLU A O   1 
ATOM   237  C CB  . GLU A 1 31  ? -1.612  -15.418 4.821   1.00 31.09 ? 31   GLU A CB  1 
ATOM   238  C CG  . GLU A 1 31  ? -1.281  -16.180 3.596   1.00 35.56 ? 31   GLU A CG  1 
ATOM   239  C CD  . GLU A 1 31  ? -2.143  -17.423 3.409   1.00 40.68 ? 31   GLU A CD  1 
ATOM   240  O OE1 . GLU A 1 31  ? -1.919  -18.465 3.956   1.00 35.17 ? 31   GLU A OE1 1 
ATOM   241  O OE2 . GLU A 1 31  ? -3.051  -17.335 2.606   1.00 50.74 ? 31   GLU A OE2 1 
ATOM   242  N N   . ASP A 1 32  ? -1.709  -12.477 3.609   1.00 28.10 ? 32   ASP A N   1 
ATOM   243  C CA  . ASP A 1 32  ? -1.644  -11.543 2.485   1.00 27.92 ? 32   ASP A CA  1 
ATOM   244  C C   . ASP A 1 32  ? -0.483  -10.477 2.535   1.00 26.58 ? 32   ASP A C   1 
ATOM   245  O O   . ASP A 1 32  ? 0.216   -10.157 1.487   1.00 23.11 ? 32   ASP A O   1 
ATOM   246  C CB  . ASP A 1 32  ? -3.015  -10.796 2.415   1.00 28.94 ? 32   ASP A CB  1 
ATOM   247  C CG  . ASP A 1 32  ? -4.070  -11.512 1.721   1.00 28.94 ? 32   ASP A CG  1 
ATOM   248  O OD1 . ASP A 1 32  ? -3.854  -12.618 1.148   1.00 31.63 ? 32   ASP A OD1 1 
ATOM   249  O OD2 . ASP A 1 32  ? -5.217  -11.022 1.671   1.00 29.79 ? 32   ASP A OD2 1 
ATOM   250  N N   . PHE A 1 33  ? -0.253  -9.917  3.740   1.00 23.78 ? 33   PHE A N   1 
ATOM   251  C CA  . PHE A 1 33  ? 0.897   -9.033  3.888   1.00 24.06 ? 33   PHE A CA  1 
ATOM   252  C C   . PHE A 1 33  ? 2.203   -9.847  3.659   1.00 24.10 ? 33   PHE A C   1 
ATOM   253  O O   . PHE A 1 33  ? 3.088   -9.383  2.994   1.00 23.41 ? 33   PHE A O   1 
ATOM   254  C CB  . PHE A 1 33  ? 0.951   -8.354  5.257   1.00 25.26 ? 33   PHE A CB  1 
ATOM   255  C CG  . PHE A 1 33  ? -0.045  -7.215  5.368   1.00 32.33 ? 33   PHE A CG  1 
ATOM   256  C CD1 . PHE A 1 33  ? 0.112   -6.072  4.663   1.00 43.68 ? 33   PHE A CD1 1 
ATOM   257  C CD2 . PHE A 1 33  ? -1.271  -7.410  5.920   1.00 37.94 ? 33   PHE A CD2 1 
ATOM   258  C CE1 . PHE A 1 33  ? -0.918  -5.099  4.689   1.00 42.78 ? 33   PHE A CE1 1 
ATOM   259  C CE2 . PHE A 1 33  ? -2.223  -6.374  5.932   1.00 41.11 ? 33   PHE A CE2 1 
ATOM   260  C CZ  . PHE A 1 33  ? -2.054  -5.301  5.318   1.00 31.54 ? 33   PHE A CZ  1 
ATOM   261  N N   . TYR A 1 34  ? 2.309   -11.025 4.221   1.00 24.33 ? 34   TYR A N   1 
ATOM   262  C CA  . TYR A 1 34  ? 3.581   -11.798 4.108   1.00 25.93 ? 34   TYR A CA  1 
ATOM   263  C C   . TYR A 1 34  ? 3.952   -12.041 2.604   1.00 27.12 ? 34   TYR A C   1 
ATOM   264  O O   . TYR A 1 34  ? 5.065   -11.964 2.184   1.00 27.15 ? 34   TYR A O   1 
ATOM   265  C CB  . TYR A 1 34  ? 3.429   -13.144 4.884   1.00 24.04 ? 34   TYR A CB  1 
ATOM   266  C CG  . TYR A 1 34  ? 4.644   -14.113 4.649   1.00 29.35 ? 34   TYR A CG  1 
ATOM   267  C CD1 . TYR A 1 34  ? 5.917   -13.817 5.269   1.00 28.13 ? 34   TYR A CD1 1 
ATOM   268  C CD2 . TYR A 1 34  ? 4.648   -15.153 3.653   1.00 25.98 ? 34   TYR A CD2 1 
ATOM   269  C CE1 . TYR A 1 34  ? 7.028   -14.597 5.093   1.00 22.87 ? 34   TYR A CE1 1 
ATOM   270  C CE2 . TYR A 1 34  ? 5.955   -15.895 3.408   1.00 22.83 ? 34   TYR A CE2 1 
ATOM   271  C CZ  . TYR A 1 34  ? 7.068   -15.591 4.212   1.00 23.62 ? 34   TYR A CZ  1 
ATOM   272  O OH  . TYR A 1 34  ? 8.297   -16.265 4.101   1.00 30.21 ? 34   TYR A OH  1 
ATOM   273  N N   . ASN A 1 35  ? 2.917   -12.314 1.818   1.00 28.26 ? 35   ASN A N   1 
ATOM   274  C CA  . ASN A 1 35  ? 2.974   -12.611 0.376   1.00 28.33 ? 35   ASN A CA  1 
ATOM   275  C C   . ASN A 1 35  ? 2.870   -11.432 -0.648  1.00 23.75 ? 35   ASN A C   1 
ATOM   276  O O   . ASN A 1 35  ? 2.979   -11.586 -1.852  1.00 17.76 ? 35   ASN A O   1 
ATOM   277  C CB  . ASN A 1 35  ? 1.886   -13.618 0.085   1.00 25.68 ? 35   ASN A CB  1 
ATOM   278  C CG  . ASN A 1 35  ? 2.233   -15.007 0.598   1.00 28.23 ? 35   ASN A CG  1 
ATOM   279  O OD1 . ASN A 1 35  ? 3.398   -15.486 0.462   1.00 24.93 ? 35   ASN A OD1 1 
ATOM   280  N ND2 . ASN A 1 35  ? 1.255   -15.669 1.147   1.00 23.38 ? 35   ASN A ND2 1 
ATOM   281  N N   . PHE A 1 36  ? 2.693   -10.285 -0.110  1.00 22.36 ? 36   PHE A N   1 
ATOM   282  C CA  . PHE A 1 36  ? 2.286   -9.145  -0.975  1.00 22.40 ? 36   PHE A CA  1 
ATOM   283  C C   . PHE A 1 36  ? 3.120   -8.949  -2.232  1.00 23.21 ? 36   PHE A C   1 
ATOM   284  O O   . PHE A 1 36  ? 2.537   -8.751  -3.322  1.00 25.05 ? 36   PHE A O   1 
ATOM   285  C CB  . PHE A 1 36  ? 2.298   -7.827  -0.247  1.00 22.27 ? 36   PHE A CB  1 
ATOM   286  C CG  . PHE A 1 36  ? 1.693   -6.711  -1.054  1.00 22.70 ? 36   PHE A CG  1 
ATOM   287  C CD1 . PHE A 1 36  ? 0.324   -6.486  -1.005  1.00 29.46 ? 36   PHE A CD1 1 
ATOM   288  C CD2 . PHE A 1 36  ? 2.446   -5.887  -1.771  1.00 24.31 ? 36   PHE A CD2 1 
ATOM   289  C CE1 . PHE A 1 36  ? -0.261  -5.445  -1.789  1.00 29.31 ? 36   PHE A CE1 1 
ATOM   290  C CE2 . PHE A 1 36  ? 1.944   -4.766  -2.439  1.00 28.61 ? 36   PHE A CE2 1 
ATOM   291  C CZ  . PHE A 1 36  ? 0.563   -4.579  -2.508  1.00 32.10 ? 36   PHE A CZ  1 
ATOM   292  N N   . TRP A 1 37  ? 4.433   -8.918  -2.057  1.00 23.80 ? 37   TRP A N   1 
ATOM   293  C CA  . TRP A 1 37  ? 5.401   -8.668  -3.144  1.00 25.06 ? 37   TRP A CA  1 
ATOM   294  C C   . TRP A 1 37  ? 5.801   -9.914  -3.939  1.00 24.52 ? 37   TRP A C   1 
ATOM   295  O O   . TRP A 1 37  ? 6.472   -9.839  -4.958  1.00 26.52 ? 37   TRP A O   1 
ATOM   296  C CB  . TRP A 1 37  ? 6.651   -8.085  -2.513  1.00 24.09 ? 37   TRP A CB  1 
ATOM   297  C CG  . TRP A 1 37  ? 6.384   -6.659  -2.117  1.00 26.34 ? 37   TRP A CG  1 
ATOM   298  C CD1 . TRP A 1 37  ? 6.462   -6.163  -0.858  1.00 29.11 ? 37   TRP A CD1 1 
ATOM   299  C CD2 . TRP A 1 37  ? 6.004   -5.563  -2.971  1.00 23.90 ? 37   TRP A CD2 1 
ATOM   300  N NE1 . TRP A 1 37  ? 6.169   -4.833  -0.874  1.00 27.99 ? 37   TRP A NE1 1 
ATOM   301  C CE2 . TRP A 1 37  ? 5.877   -4.436  -2.145  1.00 24.28 ? 37   TRP A CE2 1 
ATOM   302  C CE3 . TRP A 1 37  ? 5.745   -5.428  -4.341  1.00 26.56 ? 37   TRP A CE3 1 
ATOM   303  C CZ2 . TRP A 1 37  ? 5.494   -3.228  -2.611  1.00 23.40 ? 37   TRP A CZ2 1 
ATOM   304  C CZ3 . TRP A 1 37  ? 5.344   -4.229  -4.829  1.00 23.88 ? 37   TRP A CZ3 1 
ATOM   305  C CH2 . TRP A 1 37  ? 5.211   -3.094  -3.952  1.00 26.61 ? 37   TRP A CH2 1 
ATOM   306  N N   . LYS A 1 38  ? 5.246   -11.035 -3.594  1.00 26.61 ? 38   LYS A N   1 
ATOM   307  C CA  . LYS A 1 38  ? 5.394   -12.215 -4.482  1.00 27.02 ? 38   LYS A CA  1 
ATOM   308  C C   . LYS A 1 38  ? 4.853   -12.108 -5.907  1.00 29.94 ? 38   LYS A C   1 
ATOM   309  O O   . LYS A 1 38  ? 3.735   -11.717 -6.132  1.00 27.93 ? 38   LYS A O   1 
ATOM   310  C CB  . LYS A 1 38  ? 4.898   -13.457 -3.775  1.00 24.77 ? 38   LYS A CB  1 
ATOM   311  C CG  . LYS A 1 38  ? 5.817   -13.965 -2.598  1.00 28.08 ? 38   LYS A CG  1 
ATOM   312  C CD  . LYS A 1 38  ? 5.454   -15.362 -2.138  0.01 26.85 ? 38   LYS A CD  1 
ATOM   313  C CE  . LYS A 1 38  ? 6.343   -15.811 -0.984  0.01 26.81 ? 38   LYS A CE  1 
ATOM   314  N NZ  . LYS A 1 38  ? 6.231   -14.931 0.211   0.01 25.92 ? 38   LYS A NZ  1 
ATOM   315  N N   . GLU A 1 39  ? 5.655   -12.539 -6.905  1.00 34.30 ? 39   GLU A N   1 
ATOM   316  C CA  . GLU A 1 39  ? 5.279   -12.410 -8.320  1.00 36.99 ? 39   GLU A CA  1 
ATOM   317  C C   . GLU A 1 39  ? 4.047   -13.308 -8.543  1.00 36.20 ? 39   GLU A C   1 
ATOM   318  O O   . GLU A 1 39  ? 3.941   -14.478 -8.083  1.00 34.89 ? 39   GLU A O   1 
ATOM   319  C CB  . GLU A 1 39  ? 6.503   -12.830 -9.218  1.00 39.92 ? 39   GLU A CB  1 
ATOM   320  C CG  . GLU A 1 39  ? 6.377   -12.698 -10.751 1.00 48.97 ? 39   GLU A CG  1 
ATOM   321  C CD  . GLU A 1 39  ? 6.172   -11.237 -11.327 1.00 58.46 ? 39   GLU A CD  1 
ATOM   322  O OE1 . GLU A 1 39  ? 7.068   -10.299 -11.133 1.00 57.98 ? 39   GLU A OE1 1 
ATOM   323  O OE2 . GLU A 1 39  ? 5.137   -11.056 -12.071 1.00 61.32 ? 39   GLU A OE2 1 
ATOM   324  N N   . GLY A 1 40  ? 3.081   -12.726 -9.200  1.00 36.20 ? 40   GLY A N   1 
ATOM   325  C CA  . GLY A 1 40  ? 1.800   -13.338 -9.441  1.00 35.99 ? 40   GLY A CA  1 
ATOM   326  C C   . GLY A 1 40  ? 0.881   -13.547 -8.257  1.00 36.88 ? 40   GLY A C   1 
ATOM   327  O O   . GLY A 1 40  ? -0.232  -14.095 -8.504  1.00 35.98 ? 40   GLY A O   1 
ATOM   328  N N   . TYR A 1 41  ? 1.270   -13.144 -7.012  1.00 32.47 ? 41   TYR A N   1 
ATOM   329  C CA  . TYR A 1 41  ? 0.374   -13.457 -5.880  1.00 31.39 ? 41   TYR A CA  1 
ATOM   330  C C   . TYR A 1 41  ? -0.858  -12.504 -5.939  1.00 27.22 ? 41   TYR A C   1 
ATOM   331  O O   . TYR A 1 41  ? -0.727  -11.405 -6.317  1.00 28.83 ? 41   TYR A O   1 
ATOM   332  C CB  . TYR A 1 41  ? 1.098   -13.217 -4.562  1.00 31.27 ? 41   TYR A CB  1 
ATOM   333  C CG  . TYR A 1 41  ? 0.263   -13.501 -3.349  1.00 30.09 ? 41   TYR A CG  1 
ATOM   334  C CD1 . TYR A 1 41  ? 0.018   -14.788 -2.956  1.00 31.12 ? 41   TYR A CD1 1 
ATOM   335  C CD2 . TYR A 1 41  ? -0.333  -12.402 -2.599  1.00 27.86 ? 41   TYR A CD2 1 
ATOM   336  C CE1 . TYR A 1 41  ? -0.831  -15.078 -1.813  1.00 33.78 ? 41   TYR A CE1 1 
ATOM   337  C CE2 . TYR A 1 41  ? -1.204  -12.663 -1.537  1.00 28.90 ? 41   TYR A CE2 1 
ATOM   338  C CZ  . TYR A 1 41  ? -1.397  -14.012 -1.124  1.00 29.10 ? 41   TYR A CZ  1 
ATOM   339  O OH  . TYR A 1 41  ? -2.088  -14.326 -0.011  1.00 33.61 ? 41   TYR A OH  1 
ATOM   340  N N   . GLU A 1 42  ? -2.033  -12.962 -5.584  1.00 27.60 ? 42   GLU A N   1 
ATOM   341  C CA  . GLU A 1 42  ? -3.252  -12.212 -5.852  1.00 29.97 ? 42   GLU A CA  1 
ATOM   342  C C   . GLU A 1 42  ? -4.028  -12.111 -4.516  1.00 27.97 ? 42   GLU A C   1 
ATOM   343  O O   . GLU A 1 42  ? -4.163  -13.026 -3.803  1.00 25.71 ? 42   GLU A O   1 
ATOM   344  C CB  . GLU A 1 42  ? -4.053  -13.032 -6.892  1.00 32.86 ? 42   GLU A CB  1 
ATOM   345  C CG  . GLU A 1 42  ? -3.904  -12.686 -8.370  1.00 39.01 ? 42   GLU A CG  1 
ATOM   346  C CD  . GLU A 1 42  ? -4.810  -13.662 -9.171  1.00 47.45 ? 42   GLU A CD  1 
ATOM   347  O OE1 . GLU A 1 42  ? -5.700  -13.222 -9.855  1.00 54.45 ? 42   GLU A OE1 1 
ATOM   348  O OE2 . GLU A 1 42  ? -4.682  -14.907 -9.049  1.00 53.77 ? 42   GLU A OE2 1 
ATOM   349  N N   . ILE A 1 43  ? -4.335  -10.931 -4.098  1.00 28.48 ? 43   ILE A N   1 
ATOM   350  C CA  . ILE A 1 43  ? -4.913  -10.721 -2.772  1.00 29.78 ? 43   ILE A CA  1 
ATOM   351  C C   . ILE A 1 43  ? -6.386  -10.908 -2.949  1.00 27.29 ? 43   ILE A C   1 
ATOM   352  O O   . ILE A 1 43  ? -6.980  -10.333 -3.818  1.00 27.01 ? 43   ILE A O   1 
ATOM   353  C CB  . ILE A 1 43  ? -4.588  -9.335  -2.215  1.00 27.95 ? 43   ILE A CB  1 
ATOM   354  C CG1 . ILE A 1 43  ? -3.214  -9.359  -1.734  1.00 33.40 ? 43   ILE A CG1 1 
ATOM   355  C CG2 . ILE A 1 43  ? -5.322  -9.020  -0.910  1.00 29.26 ? 43   ILE A CG2 1 
ATOM   356  C CD1 . ILE A 1 43  ? -2.787  -7.956  -1.370  1.00 40.13 ? 43   ILE A CD1 1 
ATOM   357  N N   . LYS A 1 44  ? -6.923  -11.776 -2.166  1.00 27.05 ? 44   LYS A N   1 
ATOM   358  C CA  . LYS A 1 44  ? -8.308  -12.120 -2.342  1.00 27.78 ? 44   LYS A CA  1 
ATOM   359  C C   . LYS A 1 44  ? -9.227  -11.710 -1.166  1.00 28.87 ? 44   LYS A C   1 
ATOM   360  O O   . LYS A 1 44  ? -10.505 -11.754 -1.262  1.00 29.62 ? 44   LYS A O   1 
ATOM   361  C CB  . LYS A 1 44  ? -8.413  -13.622 -2.616  1.00 29.19 ? 44   LYS A CB  1 
ATOM   362  C CG  . LYS A 1 44  ? -7.804  -14.138 -3.986  1.00 27.95 ? 44   LYS A CG  1 
ATOM   363  C CD  . LYS A 1 44  ? -6.728  -15.196 -3.749  0.01 28.55 ? 44   LYS A CD  1 
ATOM   364  C CE  . LYS A 1 44  ? -5.973  -15.547 -5.024  0.01 28.53 ? 44   LYS A CE  1 
ATOM   365  N NZ  . LYS A 1 44  ? -6.611  -16.667 -5.766  0.01 28.52 ? 44   LYS A NZ  1 
ATOM   366  N N   . ASN A 1 45  ? -8.615  -11.242 -0.094  1.00 25.83 ? 45   ASN A N   1 
ATOM   367  C CA  . ASN A 1 45  ? -9.394  -11.032 1.034   1.00 27.32 ? 45   ASN A CA  1 
ATOM   368  C C   . ASN A 1 45  ? -9.733  -9.530  1.135   1.00 24.49 ? 45   ASN A C   1 
ATOM   369  O O   . ASN A 1 45  ? -8.872  -8.704  1.302   1.00 23.36 ? 45   ASN A O   1 
ATOM   370  C CB  . ASN A 1 45  ? -8.679  -11.555 2.301   1.00 28.48 ? 45   ASN A CB  1 
ATOM   371  C CG  . ASN A 1 45  ? -8.490  -13.057 2.314   1.00 31.68 ? 45   ASN A CG  1 
ATOM   372  O OD1 . ASN A 1 45  ? -9.441  -13.814 2.447   1.00 39.83 ? 45   ASN A OD1 1 
ATOM   373  N ND2 . ASN A 1 45  ? -7.268  -13.484 2.092   1.00 36.59 ? 45   ASN A ND2 1 
ATOM   374  N N   . ARG A 1 46  ? -11.039 -9.226  1.107   1.00 23.66 ? 46   ARG A N   1 
ATOM   375  C CA  . ARG A 1 46  ? -11.541 -7.915  1.415   1.00 23.64 ? 46   ARG A CA  1 
ATOM   376  C C   . ARG A 1 46  ? -10.955 -7.174  2.581   1.00 20.96 ? 46   ARG A C   1 
ATOM   377  O O   . ARG A 1 46  ? -10.653 -6.052  2.509   1.00 22.17 ? 46   ARG A O   1 
ATOM   378  C CB  . ARG A 1 46  ? -13.083 -7.890  1.532   1.00 25.62 ? 46   ARG A CB  1 
ATOM   379  C CG  . ARG A 1 46  ? -13.619 -6.389  1.739   1.00 24.84 ? 46   ARG A CG  1 
ATOM   380  C CD  . ARG A 1 46  ? -15.099 -6.415  1.747   1.00 26.90 ? 46   ARG A CD  1 
ATOM   381  N NE  . ARG A 1 46  ? -15.553 -5.178  2.150   1.00 32.18 ? 46   ARG A NE  1 
ATOM   382  C CZ  . ARG A 1 46  ? -15.601 -4.784  3.378   1.00 32.12 ? 46   ARG A CZ  1 
ATOM   383  N NH1 . ARG A 1 46  ? -15.243 -5.595  4.360   1.00 37.85 ? 46   ARG A NH1 1 
ATOM   384  N NH2 . ARG A 1 46  ? -16.072 -3.605  3.608   1.00 33.16 ? 46   ARG A NH2 1 
ATOM   385  N N   . GLU A 1 47  ? -10.764 -7.846  3.607   1.00 21.56 ? 47   GLU A N   1 
ATOM   386  C CA  . GLU A 1 47  ? -10.335 -7.391  4.893   1.00 27.74 ? 47   GLU A CA  1 
ATOM   387  C C   . GLU A 1 47  ? -8.869  -6.950  4.874   1.00 26.07 ? 47   GLU A C   1 
ATOM   388  O O   . GLU A 1 47  ? -8.510  -6.043  5.596   1.00 24.73 ? 47   GLU A O   1 
ATOM   389  C CB  . GLU A 1 47  ? -10.465 -8.592  5.840   1.00 30.88 ? 47   GLU A CB  1 
ATOM   390  C CG  . GLU A 1 47  ? -11.715 -8.539  6.699   1.00 38.78 ? 47   GLU A CG  1 
ATOM   391  C CD  . GLU A 1 47  ? -11.653 -9.572  7.838   1.00 44.55 ? 47   GLU A CD  1 
ATOM   392  O OE1 . GLU A 1 47  ? -11.795 -10.825 7.565   1.00 53.11 ? 47   GLU A OE1 1 
ATOM   393  O OE2 . GLU A 1 47  ? -11.498 -9.117  8.983   1.00 52.18 ? 47   GLU A OE2 1 
ATOM   394  N N   . THR A 1 48  ? -8.119  -7.372  3.870   1.00 24.66 ? 48   THR A N   1 
ATOM   395  C CA  . THR A 1 48  ? -6.740  -6.931  3.673   1.00 21.78 ? 48   THR A CA  1 
ATOM   396  C C   . THR A 1 48  ? -6.765  -5.587  3.136   1.00 23.72 ? 48   THR A C   1 
ATOM   397  O O   . THR A 1 48  ? -5.919  -4.746  3.506   1.00 24.52 ? 48   THR A O   1 
ATOM   398  C CB  . THR A 1 48  ? -6.035  -7.801  2.686   1.00 21.87 ? 48   THR A CB  1 
ATOM   399  O OG1 . THR A 1 48  ? -5.922  -9.102  3.193   1.00 24.23 ? 48   THR A OG1 1 
ATOM   400  C CG2 . THR A 1 48  ? -4.600  -7.379  2.606   1.00 25.09 ? 48   THR A CG2 1 
ATOM   401  N N   . GLY A 1 49  ? -7.762  -5.273  2.235   1.00 26.27 ? 49   GLY A N   1 
ATOM   402  C CA  . GLY A 1 49  ? -7.980  -3.894  1.779   1.00 23.31 ? 49   GLY A CA  1 
ATOM   403  C C   . GLY A 1 49  ? -8.330  -2.953  2.935   1.00 23.92 ? 49   GLY A C   1 
ATOM   404  O O   . GLY A 1 49  ? -7.808  -1.822  3.001   1.00 21.52 ? 49   GLY A O   1 
ATOM   405  N N   . CYS A 1 50  ? -9.289  -3.352  3.780   1.00 23.81 ? 50   CYS A N   1 
ATOM   406  C CA  . CYS A 1 50  ? -9.509  -2.681  5.037   1.00 27.15 ? 50   CYS A CA  1 
ATOM   407  C C   . CYS A 1 50  ? -8.223  -2.390  5.863   1.00 25.08 ? 50   CYS A C   1 
ATOM   408  O O   . CYS A 1 50  ? -8.044  -1.333  6.380   1.00 24.05 ? 50   CYS A O   1 
ATOM   409  C CB  . CYS A 1 50  ? -10.524 -3.433  5.952   1.00 27.87 ? 50   CYS A CB  1 
ATOM   410  S SG  . CYS A 1 50  ? -12.195 -3.605  5.159   1.00 34.59 ? 50   CYS A SG  1 
ATOM   411  N N   . ALA A 1 51  ? -7.338  -3.348  5.966   1.00 27.24 ? 51   ALA A N   1 
ATOM   412  C CA  . ALA A 1 51  ? -6.115  -3.161  6.761   1.00 25.35 ? 51   ALA A CA  1 
ATOM   413  C C   . ALA A 1 51  ? -5.149  -2.158  6.105   1.00 24.28 ? 51   ALA A C   1 
ATOM   414  O O   . ALA A 1 51  ? -4.722  -1.172  6.717   1.00 24.14 ? 51   ALA A O   1 
ATOM   415  C CB  . ALA A 1 51  ? -5.488  -4.565  7.080   1.00 25.08 ? 51   ALA A CB  1 
ATOM   416  N N   . ILE A 1 52  ? -4.982  -2.231  4.808   1.00 22.58 ? 52   ILE A N   1 
ATOM   417  C CA  . ILE A 1 52  ? -4.210  -1.193  4.097   1.00 23.00 ? 52   ILE A CA  1 
ATOM   418  C C   . ILE A 1 52  ? -4.750  0.198   4.279   1.00 25.11 ? 52   ILE A C   1 
ATOM   419  O O   . ILE A 1 52  ? -4.076  1.114   4.574   1.00 24.51 ? 52   ILE A O   1 
ATOM   420  C CB  . ILE A 1 52  ? -4.172  -1.498  2.591   1.00 22.10 ? 52   ILE A CB  1 
ATOM   421  C CG1 . ILE A 1 52  ? -3.460  -2.825  2.274   1.00 30.83 ? 52   ILE A CG1 1 
ATOM   422  C CG2 . ILE A 1 52  ? -3.572  -0.231  1.737   1.00 24.16 ? 52   ILE A CG2 1 
ATOM   423  C CD1 . ILE A 1 52  ? -2.184  -2.995  2.941   1.00 40.66 ? 52   ILE A CD1 1 
ATOM   424  N N   . MET A 1 53  ? -6.029  0.420   4.020   1.00 26.83 ? 53   MET A N   1 
ATOM   425  C CA  . MET A 1 53  ? -6.654  1.693   4.309   1.00 27.59 ? 53   MET A CA  1 
ATOM   426  C C   . MET A 1 53  ? -6.413  2.181   5.760   1.00 26.71 ? 53   MET A C   1 
ATOM   427  O O   . MET A 1 53  ? -6.099  3.312   6.005   1.00 27.27 ? 53   MET A O   1 
ATOM   428  C CB  . MET A 1 53  ? -8.199  1.450   3.987   1.00 28.75 ? 53   MET A CB  1 
ATOM   429  C CG  . MET A 1 53  ? -8.935  2.560   3.426   1.00 38.04 ? 53   MET A CG  1 
ATOM   430  S SD  . MET A 1 53  ? -10.611 2.036   2.931   1.00 47.76 ? 53   MET A SD  1 
ATOM   431  C CE  . MET A 1 53  ? -11.510 1.815   4.828   1.00 46.16 ? 53   MET A CE  1 
ATOM   432  N N   . CYS A 1 54  ? -6.574  1.311   6.748   1.00 28.28 ? 54   CYS A N   1 
ATOM   433  C CA  . CYS A 1 54  ? -6.272  1.633   8.197   1.00 27.06 ? 54   CYS A CA  1 
ATOM   434  C C   . CYS A 1 54  ? -4.860  1.955   8.372   1.00 26.90 ? 54   CYS A C   1 
ATOM   435  O O   . CYS A 1 54  ? -4.538  3.010   8.897   1.00 24.26 ? 54   CYS A O   1 
ATOM   436  C CB  . CYS A 1 54  ? -6.727  0.528   9.156   1.00 28.18 ? 54   CYS A CB  1 
ATOM   437  S SG  . CYS A 1 54  ? -6.175  0.751   10.829  1.00 32.84 ? 54   CYS A SG  1 
ATOM   438  N N   . LEU A 1 55  ? -3.961  1.281   7.651   1.00 26.12 ? 55   LEU A N   1 
ATOM   439  C CA  . LEU A 1 55  ? -2.574  1.667   7.819   1.00 24.37 ? 55   LEU A CA  1 
ATOM   440  C C   . LEU A 1 55  ? -2.298  2.907   7.238   1.00 23.72 ? 55   LEU A C   1 
ATOM   441  O O   . LEU A 1 55  ? -1.562  3.680   7.871   1.00 22.95 ? 55   LEU A O   1 
ATOM   442  C CB  . LEU A 1 55  ? -1.536  0.642   7.286   1.00 26.84 ? 55   LEU A CB  1 
ATOM   443  C CG  . LEU A 1 55  ? -1.529  -0.734  7.926   1.00 21.17 ? 55   LEU A CG  1 
ATOM   444  C CD1 . LEU A 1 55  ? -0.790  -1.807  7.040   1.00 16.91 ? 55   LEU A CD1 1 
ATOM   445  C CD2 . LEU A 1 55  ? -0.926  -0.650  9.214   1.00 28.74 ? 55   LEU A CD2 1 
ATOM   446  N N   . SER A 1 56  ? -2.748  3.144   6.014   1.00 25.19 ? 56   SER A N   1 
ATOM   447  C CA  . SER A 1 56  ? -2.458  4.417   5.309   1.00 26.22 ? 56   SER A CA  1 
ATOM   448  C C   . SER A 1 56  ? -3.004  5.653   6.053   1.00 28.55 ? 56   SER A C   1 
ATOM   449  O O   . SER A 1 56  ? -2.379  6.750   6.148   1.00 26.46 ? 56   SER A O   1 
ATOM   450  C CB  . SER A 1 56  ? -2.955  4.390   3.823   1.00 26.89 ? 56   SER A CB  1 
ATOM   451  O OG  . SER A 1 56  ? -2.391  3.293   3.202   1.00 33.62 ? 56   SER A OG  1 
ATOM   452  N N   . THR A 1 57  ? -4.174  5.458   6.618   1.00 30.33 ? 57   THR A N   1 
ATOM   453  C CA  . THR A 1 57  ? -4.899  6.561   7.336   1.00 32.77 ? 57   THR A CA  1 
ATOM   454  C C   . THR A 1 57  ? -4.123  7.001   8.539   1.00 33.55 ? 57   THR A C   1 
ATOM   455  O O   . THR A 1 57  ? -3.694  8.175   8.623   1.00 37.48 ? 57   THR A O   1 
ATOM   456  C CB  . THR A 1 57  ? -6.278  6.023   7.703   1.00 33.44 ? 57   THR A CB  1 
ATOM   457  O OG1 . THR A 1 57  ? -6.940  5.690   6.484   1.00 29.29 ? 57   THR A OG1 1 
ATOM   458  C CG2 . THR A 1 57  ? -7.177  7.025   8.275   1.00 38.27 ? 57   THR A CG2 1 
ATOM   459  N N   . LYS A 1 58  ? -3.813  6.050   9.410   1.00 34.88 ? 58   LYS A N   1 
ATOM   460  C CA  . LYS A 1 58  ? -2.882  6.192   10.567  1.00 35.41 ? 58   LYS A CA  1 
ATOM   461  C C   . LYS A 1 58  ? -1.539  6.876   10.213  1.00 36.60 ? 58   LYS A C   1 
ATOM   462  O O   . LYS A 1 58  ? -1.009  7.616   11.043  1.00 38.24 ? 58   LYS A O   1 
ATOM   463  C CB  . LYS A 1 58  ? -2.517  4.831   11.196  1.00 34.58 ? 58   LYS A CB  1 
ATOM   464  C CG  . LYS A 1 58  ? -3.590  4.031   12.035  1.00 38.38 ? 58   LYS A CG  1 
ATOM   465  C CD  . LYS A 1 58  ? -4.547  4.928   12.849  1.00 48.84 ? 58   LYS A CD  1 
ATOM   466  C CE  . LYS A 1 58  ? -5.768  4.186   13.315  1.00 51.91 ? 58   LYS A CE  1 
ATOM   467  N NZ  . LYS A 1 58  ? -6.740  3.953   12.178  1.00 55.94 ? 58   LYS A NZ  1 
ATOM   468  N N   . LEU A 1 59  ? -1.033  6.676   8.980   1.00 34.64 ? 59   LEU A N   1 
ATOM   469  C CA  . LEU A 1 59  ? 0.131   7.413   8.482   1.00 34.37 ? 59   LEU A CA  1 
ATOM   470  C C   . LEU A 1 59  ? -0.110  8.750   7.829   1.00 34.54 ? 59   LEU A C   1 
ATOM   471  O O   . LEU A 1 59  ? 0.830   9.305   7.254   1.00 33.10 ? 59   LEU A O   1 
ATOM   472  C CB  . LEU A 1 59  ? 0.870   6.594   7.514   1.00 33.09 ? 59   LEU A CB  1 
ATOM   473  C CG  . LEU A 1 59  ? 1.301   5.343   8.122   1.00 36.88 ? 59   LEU A CG  1 
ATOM   474  C CD1 . LEU A 1 59  ? 1.763   4.457   6.981   1.00 37.30 ? 59   LEU A CD1 1 
ATOM   475  C CD2 . LEU A 1 59  ? 2.376   5.648   9.144   1.00 45.11 ? 59   LEU A CD2 1 
ATOM   476  N N   . ASN A 1 60  ? -1.360  9.204   7.865   1.00 35.79 ? 60   ASN A N   1 
ATOM   477  C CA  . ASN A 1 60  ? -1.820  10.451  7.243   1.00 37.46 ? 60   ASN A CA  1 
ATOM   478  C C   . ASN A 1 60  ? -1.652  10.569  5.772   1.00 36.98 ? 60   ASN A C   1 
ATOM   479  O O   . ASN A 1 60  ? -1.436  11.650  5.275   1.00 39.74 ? 60   ASN A O   1 
ATOM   480  C CB  . ASN A 1 60  ? -1.140  11.608  7.868   1.00 39.35 ? 60   ASN A CB  1 
ATOM   481  C CG  . ASN A 1 60  ? -1.426  11.701  9.272   1.00 41.36 ? 60   ASN A CG  1 
ATOM   482  O OD1 . ASN A 1 60  ? -2.587  11.917  9.671   1.00 53.49 ? 60   ASN A OD1 1 
ATOM   483  N ND2 . ASN A 1 60  ? -0.411  11.558  10.063  1.00 47.59 ? 60   ASN A ND2 1 
ATOM   484  N N   . MET A 1 61  ? -1.726  9.445   5.098   1.00 33.47 ? 61   MET A N   1 
ATOM   485  C CA  . MET A 1 61  ? -1.585  9.411   3.693   1.00 33.39 ? 61   MET A CA  1 
ATOM   486  C C   . MET A 1 61  ? -2.911  9.310   3.005   1.00 33.03 ? 61   MET A C   1 
ATOM   487  O O   . MET A 1 61  ? -2.859  9.242   1.858   1.00 29.89 ? 61   MET A O   1 
ATOM   488  C CB  . MET A 1 61  ? -0.790  8.140   3.300   1.00 32.29 ? 61   MET A CB  1 
ATOM   489  C CG  . MET A 1 61  ? 0.630   8.356   3.577   1.00 32.06 ? 61   MET A CG  1 
ATOM   490  S SD  . MET A 1 61  ? 1.618   7.016   3.181   1.00 35.84 ? 61   MET A SD  1 
ATOM   491  C CE  . MET A 1 61  ? 2.001   7.491   2.315   1.00 28.30 ? 61   MET A CE  1 
ATOM   492  N N   . LEU A 1 62  ? -4.046  9.217   3.745   1.00 33.29 ? 62   LEU A N   1 
ATOM   493  C CA  . LEU A 1 62  ? -5.292  8.847   3.166   1.00 35.50 ? 62   LEU A CA  1 
ATOM   494  C C   . LEU A 1 62  ? -6.341  9.723   3.693   1.00 36.33 ? 62   LEU A C   1 
ATOM   495  O O   . LEU A 1 62  ? -6.447  9.811   4.928   1.00 37.34 ? 62   LEU A O   1 
ATOM   496  C CB  . LEU A 1 62  ? -5.705  7.428   3.536   1.00 34.94 ? 62   LEU A CB  1 
ATOM   497  C CG  . LEU A 1 62  ? -5.524  6.220   2.660   1.00 39.63 ? 62   LEU A CG  1 
ATOM   498  C CD1 . LEU A 1 62  ? -6.733  5.405   2.911   1.00 38.66 ? 62   LEU A CD1 1 
ATOM   499  C CD2 . LEU A 1 62  ? -5.348  6.340   1.233   1.00 39.24 ? 62   LEU A CD2 1 
ATOM   500  N N   . ASP A 1 63  ? -7.180  10.262  2.811   1.00 36.29 ? 63   ASP A N   1 
ATOM   501  C CA  . ASP A 1 63  ? -8.381  11.061  3.293   1.00 38.14 ? 63   ASP A CA  1 
ATOM   502  C C   . ASP A 1 63  ? -9.526  10.135  3.623   1.00 39.94 ? 63   ASP A C   1 
ATOM   503  O O   . ASP A 1 63  ? -9.455  8.960   3.392   1.00 36.92 ? 63   ASP A O   1 
ATOM   504  C CB  . ASP A 1 63  ? -8.852  12.153  2.310   1.00 35.90 ? 63   ASP A CB  1 
ATOM   505  C CG  . ASP A 1 63  ? -9.287  11.623  0.994   1.00 40.30 ? 63   ASP A CG  1 
ATOM   506  O OD1 . ASP A 1 63  ? -9.054  12.295  -0.034  1.00 43.87 ? 63   ASP A OD1 1 
ATOM   507  O OD2 . ASP A 1 63  ? -9.830  10.504  0.840   1.00 46.70 ? 63   ASP A OD2 1 
ATOM   508  N N   . PRO A 1 64  ? -10.653 10.650  4.098   1.00 44.59 ? 64   PRO A N   1 
ATOM   509  C CA  . PRO A 1 64  ? -11.633 9.712   4.675   1.00 46.40 ? 64   PRO A CA  1 
ATOM   510  C C   . PRO A 1 64  ? -12.394 8.969   3.572   1.00 46.99 ? 64   PRO A C   1 
ATOM   511  O O   . PRO A 1 64  ? -13.436 8.499   3.851   1.00 49.88 ? 64   PRO A O   1 
ATOM   512  C CB  . PRO A 1 64  ? -12.541 10.638  5.509   1.00 47.59 ? 64   PRO A CB  1 
ATOM   513  C CG  . PRO A 1 64  ? -11.745 12.007  5.547   1.00 47.26 ? 64   PRO A CG  1 
ATOM   514  C CD  . PRO A 1 64  ? -11.124 12.041  4.139   1.00 43.94 ? 64   PRO A CD  1 
ATOM   515  N N   . GLU A 1 65  ? -11.948 9.009   2.329   1.00 46.71 ? 65   GLU A N   1 
ATOM   516  C CA  . GLU A 1 65  ? -12.657 8.437   1.210   1.00 45.35 ? 65   GLU A CA  1 
ATOM   517  C C   . GLU A 1 65  ? -11.710 7.555   0.522   1.00 42.52 ? 65   GLU A C   1 
ATOM   518  O O   . GLU A 1 65  ? -12.029 6.914   -0.434  1.00 42.05 ? 65   GLU A O   1 
ATOM   519  C CB  . GLU A 1 65  ? -13.072 9.610   0.313   1.00 47.08 ? 65   GLU A CB  1 
ATOM   520  C CG  . GLU A 1 65  ? -13.808 9.315   -0.972  1.00 47.70 ? 65   GLU A CG  1 
ATOM   521  C CD  . GLU A 1 65  ? -13.993 10.545  -1.844  0.01 47.60 ? 65   GLU A CD  1 
ATOM   522  O OE1 . GLU A 1 65  ? -14.417 11.596  -1.318  0.01 47.49 ? 65   GLU A OE1 1 
ATOM   523  O OE2 . GLU A 1 65  ? -13.716 10.458  -3.060  0.01 47.59 ? 65   GLU A OE2 1 
ATOM   524  N N   . GLY A 1 66  ? -10.520 7.494   1.029   1.00 40.67 ? 66   GLY A N   1 
ATOM   525  C CA  . GLY A 1 66  ? -9.590  6.504   0.585   1.00 40.73 ? 66   GLY A CA  1 
ATOM   526  C C   . GLY A 1 66  ? -8.560  7.055   -0.393  1.00 39.51 ? 66   GLY A C   1 
ATOM   527  O O   . GLY A 1 66  ? -7.700  6.320   -0.845  1.00 42.06 ? 66   GLY A O   1 
ATOM   528  N N   . ASN A 1 67  ? -8.597  8.323   -0.673  1.00 34.96 ? 67   ASN A N   1 
ATOM   529  C CA  . ASN A 1 67  ? -7.678  8.822   -1.641  1.00 36.81 ? 67   ASN A CA  1 
ATOM   530  C C   . ASN A 1 67  ? -6.311  9.195   -1.072  1.00 34.54 ? 67   ASN A C   1 
ATOM   531  O O   . ASN A 1 67  ? -6.280  9.601   -0.022  1.00 35.10 ? 67   ASN A O   1 
ATOM   532  C CB  . ASN A 1 67  ? -8.325  10.062  -2.323  1.00 36.37 ? 67   ASN A CB  1 
ATOM   533  C CG  . ASN A 1 67  ? -9.615  9.716   -3.020  1.00 39.39 ? 67   ASN A CG  1 
ATOM   534  O OD1 . ASN A 1 67  ? -9.615  9.001   -4.024  1.00 38.68 ? 67   ASN A OD1 1 
ATOM   535  N ND2 . ASN A 1 67  ? -10.731 10.217  -2.479  1.00 44.79 ? 67   ASN A ND2 1 
ATOM   536  N N   . LEU A 1 68  ? -5.233  9.238   -1.889  1.00 32.78 ? 68   LEU A N   1 
ATOM   537  C CA  . LEU A 1 68  ? -3.958  9.520   -1.422  1.00 32.32 ? 68   LEU A CA  1 
ATOM   538  C C   . LEU A 1 68  ? -3.840  10.992  -1.194  1.00 30.51 ? 68   LEU A C   1 
ATOM   539  O O   . LEU A 1 68  ? -4.109  11.787  -2.083  1.00 29.50 ? 68   LEU A O   1 
ATOM   540  C CB  . LEU A 1 68  ? -2.870  9.128   -2.440  1.00 32.60 ? 68   LEU A CB  1 
ATOM   541  C CG  . LEU A 1 68  ? -1.478  8.868   -1.906  1.00 33.19 ? 68   LEU A CG  1 
ATOM   542  C CD1 . LEU A 1 68  ? -1.358  7.714   -0.974  1.00 28.83 ? 68   LEU A CD1 1 
ATOM   543  C CD2 . LEU A 1 68  ? -0.290  8.865   -2.978  1.00 32.62 ? 68   LEU A CD2 1 
ATOM   544  N N   . HIS A 1 69  ? -3.209  11.329  -0.058  1.00 28.98 ? 69   HIS A N   1 
ATOM   545  C CA  . HIS A 1 69  ? -2.711  12.673  0.176   1.00 26.42 ? 69   HIS A CA  1 
ATOM   546  C C   . HIS A 1 69  ? -1.330  12.722  -0.436  1.00 25.80 ? 69   HIS A C   1 
ATOM   547  O O   . HIS A 1 69  ? -0.489  12.105  0.081   1.00 29.28 ? 69   HIS A O   1 
ATOM   548  C CB  . HIS A 1 69  ? -2.764  13.034  1.696   1.00 23.48 ? 69   HIS A CB  1 
ATOM   549  C CG  . HIS A 1 69  ? -2.395  14.459  2.005   1.00 24.67 ? 69   HIS A CG  1 
ATOM   550  N ND1 . HIS A 1 69  ? -1.157  14.999  1.700   1.00 20.47 ? 69   HIS A ND1 1 
ATOM   551  C CD2 . HIS A 1 69  ? -3.045  15.427  2.710   1.00 27.85 ? 69   HIS A CD2 1 
ATOM   552  C CE1 . HIS A 1 69  ? -1.057  16.222  2.191   1.00 28.34 ? 69   HIS A CE1 1 
ATOM   553  N NE2 . HIS A 1 69  ? -2.192  16.516  2.805   1.00 27.65 ? 69   HIS A NE2 1 
ATOM   554  N N   . HIS A 1 70  ? -1.085  13.470  -1.499  1.00 25.26 ? 70   HIS A N   1 
ATOM   555  C CA  . HIS A 1 70  ? 0.193   13.285  -2.208  1.00 24.33 ? 70   HIS A CA  1 
ATOM   556  C C   . HIS A 1 70  ? 1.368   13.815  -1.328  1.00 25.90 ? 70   HIS A C   1 
ATOM   557  O O   . HIS A 1 70  ? 2.433   13.177  -1.152  1.00 24.57 ? 70   HIS A O   1 
ATOM   558  C CB  . HIS A 1 70  ? 0.164   14.016  -3.511  1.00 26.58 ? 70   HIS A CB  1 
ATOM   559  C CG  . HIS A 1 70  ? -0.753  13.439  -4.555  1.00 24.02 ? 70   HIS A CG  1 
ATOM   560  N ND1 . HIS A 1 70  ? -0.558  13.699  -5.896  1.00 21.74 ? 70   HIS A ND1 1 
ATOM   561  C CD2 . HIS A 1 70  ? -1.864  12.673  -4.484  1.00 21.49 ? 70   HIS A CD2 1 
ATOM   562  C CE1 . HIS A 1 70  ? -1.487  13.086  -6.609  1.00 22.65 ? 70   HIS A CE1 1 
ATOM   563  N NE2 . HIS A 1 70  ? -2.277  12.428  -5.789  1.00 24.24 ? 70   HIS A NE2 1 
ATOM   564  N N   . GLY A 1 71  ? 1.182   14.976  -0.755  1.00 23.90 ? 71   GLY A N   1 
ATOM   565  C CA  . GLY A 1 71  ? 2.177   15.524  0.116   1.00 24.58 ? 71   GLY A CA  1 
ATOM   566  C C   . GLY A 1 71  ? 2.550   14.644  1.266   1.00 25.31 ? 71   GLY A C   1 
ATOM   567  O O   . GLY A 1 71  ? 3.756   14.418  1.568   1.00 25.02 ? 71   GLY A O   1 
ATOM   568  N N   . ASN A 1 72  ? 1.541   14.024  1.922   1.00 21.37 ? 72   ASN A N   1 
ATOM   569  C CA  . ASN A 1 72  ? 1.912   13.217  3.019   1.00 22.95 ? 72   ASN A CA  1 
ATOM   570  C C   . ASN A 1 72  ? 2.558   11.949  2.541   1.00 21.07 ? 72   ASN A C   1 
ATOM   571  O O   . ASN A 1 72  ? 3.312   11.329  3.249   1.00 23.31 ? 72   ASN A O   1 
ATOM   572  C CB  . ASN A 1 72  ? 0.794   13.019  4.052   1.00 23.78 ? 72   ASN A CB  1 
ATOM   573  C CG  . ASN A 1 72  ? 0.397   14.361  4.777   1.00 24.57 ? 72   ASN A CG  1 
ATOM   574  O OD1 . ASN A 1 72  ? 1.139   15.250  4.807   1.00 23.70 ? 72   ASN A OD1 1 
ATOM   575  N ND2 . ASN A 1 72  ? -0.849  14.465  5.286   1.00 21.84 ? 72   ASN A ND2 1 
ATOM   576  N N   . ALA A 1 73  ? 2.138   11.425  1.441   1.00 22.96 ? 73   ALA A N   1 
ATOM   577  C CA  . ALA A 1 73  ? 2.755   10.223  0.926   1.00 22.53 ? 73   ALA A CA  1 
ATOM   578  C C   . ALA A 1 73  ? 4.300   10.368  0.496   1.00 24.85 ? 73   ALA A C   1 
ATOM   579  O O   . ALA A 1 73  ? 5.124   9.462   0.764   1.00 25.85 ? 73   ALA A O   1 
ATOM   580  C CB  . ALA A 1 73  ? 1.931   9.627   -0.134  1.00 23.80 ? 73   ALA A CB  1 
ATOM   581  N N   . MET A 1 74  ? 4.642   11.481  -0.075  1.00 25.60 ? 74   MET A N   1 
ATOM   582  C CA  . MET A 1 74  ? 6.001   11.924  -0.284  1.00 29.52 ? 74   MET A CA  1 
ATOM   583  C C   . MET A 1 74  ? 6.828   12.008  1.004   1.00 28.04 ? 74   MET A C   1 
ATOM   584  O O   . MET A 1 74  ? 7.966   11.494  1.022   1.00 24.14 ? 74   MET A O   1 
ATOM   585  C CB  . MET A 1 74  ? 5.989   13.319  -0.929  1.00 29.48 ? 74   MET A CB  1 
ATOM   586  C CG  . MET A 1 74  ? 7.362   14.034  -1.039  1.00 38.87 ? 74   MET A CG  1 
ATOM   587  S SD  . MET A 1 74  ? 8.625   13.488  -2.308  1.00 52.89 ? 74   MET A SD  1 
ATOM   588  C CE  . MET A 1 74  ? 8.050   14.257  -4.084  1.00 39.30 ? 74   MET A CE  1 
ATOM   589  N N   . GLU A 1 75  ? 6.284   12.691  2.029   1.00 26.90 ? 75   GLU A N   1 
ATOM   590  C CA  . GLU A 1 75  ? 6.842   12.721  3.347   1.00 29.91 ? 75   GLU A CA  1 
ATOM   591  C C   . GLU A 1 75  ? 7.083   11.339  3.886   1.00 27.49 ? 75   GLU A C   1 
ATOM   592  O O   . GLU A 1 75  ? 8.143   11.129  4.427   1.00 31.38 ? 75   GLU A O   1 
ATOM   593  C CB  . GLU A 1 75  ? 6.000   13.535  4.374   1.00 29.78 ? 75   GLU A CB  1 
ATOM   594  C CG  . GLU A 1 75  ? 6.705   13.872  5.674   1.00 34.34 ? 75   GLU A CG  1 
ATOM   595  C CD  . GLU A 1 75  ? 7.919   14.768  5.500   0.01 32.72 ? 75   GLU A CD  1 
ATOM   596  O OE1 . GLU A 1 75  ? 8.032   15.450  4.460   0.01 32.71 ? 75   GLU A OE1 1 
ATOM   597  O OE2 . GLU A 1 75  ? 8.765   14.790  6.416   0.01 32.65 ? 75   GLU A OE2 1 
ATOM   598  N N   . PHE A 1 76  ? 6.134   10.438  3.846   1.00 25.54 ? 76   PHE A N   1 
ATOM   599  C CA  . PHE A 1 76  ? 6.356   8.996   4.321   1.00 24.67 ? 76   PHE A CA  1 
ATOM   600  C C   . PHE A 1 76  ? 7.537   8.300   3.500   1.00 26.31 ? 76   PHE A C   1 
ATOM   601  O O   . PHE A 1 76  ? 8.483   7.683   4.084   1.00 27.35 ? 76   PHE A O   1 
ATOM   602  C CB  . PHE A 1 76  ? 5.062   8.196   4.244   1.00 22.58 ? 76   PHE A CB  1 
ATOM   603  C CG  . PHE A 1 76  ? 5.196   6.683   4.587   1.00 26.54 ? 76   PHE A CG  1 
ATOM   604  C CD1 . PHE A 1 76  ? 5.067   6.210   5.875   1.00 31.91 ? 76   PHE A CD1 1 
ATOM   605  C CD2 . PHE A 1 76  ? 5.530   5.769   3.614   1.00 31.45 ? 76   PHE A CD2 1 
ATOM   606  C CE1 . PHE A 1 76  ? 5.230   4.896   6.189   1.00 29.95 ? 76   PHE A CE1 1 
ATOM   607  C CE2 . PHE A 1 76  ? 5.688   4.424   3.948   1.00 26.96 ? 76   PHE A CE2 1 
ATOM   608  C CZ  . PHE A 1 76  ? 5.526   4.000   5.185   1.00 26.35 ? 76   PHE A CZ  1 
ATOM   609  N N   . ALA A 1 77  ? 7.497   8.456   2.176   1.00 25.29 ? 77   ALA A N   1 
ATOM   610  C CA  . ALA A 1 77  ? 8.581   7.888   1.240   1.00 27.19 ? 77   ALA A CA  1 
ATOM   611  C C   . ALA A 1 77  ? 9.939   8.420   1.613   1.00 26.20 ? 77   ALA A C   1 
ATOM   612  O O   . ALA A 1 77  ? 10.820  7.622   1.851   1.00 23.54 ? 77   ALA A O   1 
ATOM   613  C CB  . ALA A 1 77  ? 8.277   8.213   -0.207  1.00 26.01 ? 77   ALA A CB  1 
ATOM   614  N N   . LYS A 1 78  ? 10.029  9.753   1.828   1.00 25.68 ? 78   LYS A N   1 
ATOM   615  C CA  . LYS A 1 78  ? 11.263  10.400  2.215   1.00 24.91 ? 78   LYS A CA  1 
ATOM   616  C C   . LYS A 1 78  ? 11.694  10.003  3.633   1.00 25.93 ? 78   LYS A C   1 
ATOM   617  O O   . LYS A 1 78  ? 12.916  9.889   3.881   1.00 25.02 ? 78   LYS A O   1 
ATOM   618  C CB  . LYS A 1 78  ? 11.204  11.930  2.068   1.00 26.13 ? 78   LYS A CB  1 
ATOM   619  C CG  . LYS A 1 78  ? 11.261  12.468  0.650   1.00 31.79 ? 78   LYS A CG  1 
ATOM   620  C CD  . LYS A 1 78  ? 11.395  13.992  0.637   0.01 30.25 ? 78   LYS A CD  1 
ATOM   621  C CE  . LYS A 1 78  ? 12.039  14.505  -0.644  0.01 30.44 ? 78   LYS A CE  1 
ATOM   622  N NZ  . LYS A 1 78  ? 12.703  15.822  -0.452  0.01 30.16 ? 78   LYS A NZ  1 
ATOM   623  N N   . LYS A 1 79  ? 10.751  9.784   4.573   1.00 22.36 ? 79   LYS A N   1 
ATOM   624  C CA  . LYS A 1 79  ? 11.144  9.394   5.860   1.00 22.98 ? 79   LYS A CA  1 
ATOM   625  C C   . LYS A 1 79  ? 11.897  8.073   5.901   1.00 23.07 ? 79   LYS A C   1 
ATOM   626  O O   . LYS A 1 79  ? 12.559  7.760   6.898   1.00 23.00 ? 79   LYS A O   1 
ATOM   627  C CB  . LYS A 1 79  ? 9.844   9.319   6.716   1.00 23.95 ? 79   LYS A CB  1 
ATOM   628  C CG  . LYS A 1 79  ? 9.994   8.928   8.185   1.00 25.33 ? 79   LYS A CG  1 
ATOM   629  C CD  . LYS A 1 79  ? 8.623   8.979   8.954   1.00 26.69 ? 79   LYS A CD  1 
ATOM   630  C CE  . LYS A 1 79  ? 8.780   8.451   10.420  1.00 30.07 ? 79   LYS A CE  1 
ATOM   631  N NZ  . LYS A 1 79  ? 9.878   7.384   10.601  1.00 41.05 ? 79   LYS A NZ  1 
ATOM   632  N N   . HIS A 1 80  ? 11.587  7.214   4.956   1.00 23.39 ? 80   HIS A N   1 
ATOM   633  C CA  . HIS A 1 80  ? 12.059  5.817   4.931   1.00 26.24 ? 80   HIS A CA  1 
ATOM   634  C C   . HIS A 1 80  ? 13.138  5.605   3.821   1.00 24.43 ? 80   HIS A C   1 
ATOM   635  O O   . HIS A 1 80  ? 13.394  4.562   3.529   1.00 24.96 ? 80   HIS A O   1 
ATOM   636  C CB  . HIS A 1 80  ? 10.872  4.838   4.845   1.00 24.78 ? 80   HIS A CB  1 
ATOM   637  C CG  . HIS A 1 80  ? 9.968   4.917   6.049   1.00 22.76 ? 80   HIS A CG  1 
ATOM   638  N ND1 . HIS A 1 80  ? 10.419  4.699   7.329   1.00 25.02 ? 80   HIS A ND1 1 
ATOM   639  C CD2 . HIS A 1 80  ? 8.753   5.466   6.180   1.00 24.50 ? 80   HIS A CD2 1 
ATOM   640  C CE1 . HIS A 1 80  ? 9.501   5.072   8.204   1.00 23.66 ? 80   HIS A CE1 1 
ATOM   641  N NE2 . HIS A 1 80  ? 8.435   5.436   7.524   1.00 25.00 ? 80   HIS A NE2 1 
ATOM   642  N N   . GLY A 1 81  ? 13.620  6.628   3.178   1.00 25.88 ? 81   GLY A N   1 
ATOM   643  C CA  . GLY A 1 81  ? 14.836  6.548   2.346   1.00 26.68 ? 81   GLY A CA  1 
ATOM   644  C C   . GLY A 1 81  ? 14.600  6.836   0.914   1.00 29.50 ? 81   GLY A C   1 
ATOM   645  O O   . GLY A 1 81  ? 15.594  6.660   0.113   1.00 32.07 ? 81   GLY A O   1 
ATOM   646  N N   . ALA A 1 82  ? 13.357  7.098   0.487   1.00 27.36 ? 82   ALA A N   1 
ATOM   647  C CA  . ALA A 1 82  ? 13.203  7.458   -0.973  1.00 30.42 ? 82   ALA A CA  1 
ATOM   648  C C   . ALA A 1 82  ? 13.750  8.813   -1.233  1.00 30.60 ? 82   ALA A C   1 
ATOM   649  O O   . ALA A 1 82  ? 13.476  9.698   -0.465  1.00 30.70 ? 82   ALA A O   1 
ATOM   650  C CB  . ALA A 1 82  ? 11.802  7.456   -1.530  1.00 27.58 ? 82   ALA A CB  1 
ATOM   651  N N   . ASP A 1 83  ? 14.501  8.987   -2.284  1.00 30.72 ? 83   ASP A N   1 
ATOM   652  C CA  . ASP A 1 83  ? 14.864  10.383  -2.655  1.00 32.55 ? 83   ASP A CA  1 
ATOM   653  C C   . ASP A 1 83  ? 13.651  11.014  -3.361  1.00 31.78 ? 83   ASP A C   1 
ATOM   654  O O   . ASP A 1 83  ? 12.599  10.349  -3.530  1.00 28.83 ? 83   ASP A O   1 
ATOM   655  C CB  . ASP A 1 83  ? 16.090  10.392  -3.618  1.00 33.16 ? 83   ASP A CB  1 
ATOM   656  C CG  . ASP A 1 83  ? 15.696  10.068  -5.020  1.00 36.30 ? 83   ASP A CG  1 
ATOM   657  O OD1 . ASP A 1 83  ? 15.760  8.923   -5.286  1.00 47.13 ? 83   ASP A OD1 1 
ATOM   658  O OD2 . ASP A 1 83  ? 15.282  10.814  -5.951  1.00 48.99 ? 83   ASP A OD2 1 
ATOM   659  N N   . GLU A 1 84  ? 13.806  12.253  -3.889  1.00 32.08 ? 84   GLU A N   1 
ATOM   660  C CA  . GLU A 1 84  ? 12.681  12.990  -4.493  1.00 34.33 ? 84   GLU A CA  1 
ATOM   661  C C   . GLU A 1 84  ? 12.129  12.315  -5.689  1.00 33.02 ? 84   GLU A C   1 
ATOM   662  O O   . GLU A 1 84  ? 10.876  12.200  -5.886  1.00 31.23 ? 84   GLU A O   1 
ATOM   663  C CB  . GLU A 1 84  ? 13.099  14.441  -4.962  1.00 37.16 ? 84   GLU A CB  1 
ATOM   664  C CG  . GLU A 1 84  ? 11.906  15.415  -5.143  1.00 40.06 ? 84   GLU A CG  1 
ATOM   665  C CD  . GLU A 1 84  ? 11.316  15.918  -3.837  0.01 38.94 ? 84   GLU A CD  1 
ATOM   666  O OE1 . GLU A 1 84  ? 11.907  15.674  -2.761  0.01 39.16 ? 84   GLU A OE1 1 
ATOM   667  O OE2 . GLU A 1 84  ? 10.250  16.567  -3.888  0.01 38.83 ? 84   GLU A OE2 1 
ATOM   668  N N   . THR A 1 85  ? 13.062  11.990  -6.587  1.00 32.74 ? 85   THR A N   1 
ATOM   669  C CA  . THR A 1 85  ? 12.703  11.371  -7.808  1.00 33.64 ? 85   THR A CA  1 
ATOM   670  C C   . THR A 1 85  ? 11.998  10.032  -7.614  1.00 32.01 ? 85   THR A C   1 
ATOM   671  O O   . THR A 1 85  ? 11.006  9.825   -8.269  1.00 34.39 ? 85   THR A O   1 
ATOM   672  C CB  . THR A 1 85  ? 13.918  11.211  -8.592  1.00 34.62 ? 85   THR A CB  1 
ATOM   673  O OG1 . THR A 1 85  ? 14.476  12.541  -8.707  1.00 37.57 ? 85   THR A OG1 1 
ATOM   674  C CG2 . THR A 1 85  ? 13.575  10.826  -10.040 1.00 37.11 ? 85   THR A CG2 1 
ATOM   675  N N   . MET A 1 86  ? 12.464  9.167   -6.732  1.00 29.18 ? 86   MET A N   1 
ATOM   676  C CA  . MET A 1 86  ? 11.718  7.906   -6.448  1.00 29.23 ? 86   MET A CA  1 
ATOM   677  C C   . MET A 1 86  ? 10.355  8.172   -5.810  1.00 27.18 ? 86   MET A C   1 
ATOM   678  O O   . MET A 1 86  ? 9.407   7.631   -6.211  1.00 24.50 ? 86   MET A O   1 
ATOM   679  C CB  . MET A 1 86  ? 12.492  7.017   -5.544  1.00 30.43 ? 86   MET A CB  1 
ATOM   680  C CG  . MET A 1 86  ? 11.875  5.659   -5.446  1.00 32.44 ? 86   MET A CG  1 
ATOM   681  S SD  . MET A 1 86  ? 12.787  4.666   -4.273  1.00 34.45 ? 86   MET A SD  1 
ATOM   682  C CE  . MET A 1 86  ? 11.613  3.246   -3.995  1.00 33.85 ? 86   MET A CE  1 
ATOM   683  N N   . ALA A 1 87  ? 10.288  9.088   -4.908  1.00 25.43 ? 87   ALA A N   1 
ATOM   684  C CA  . ALA A 1 87  ? 9.044   9.360   -4.252  1.00 28.33 ? 87   ALA A CA  1 
ATOM   685  C C   . ALA A 1 87  ? 7.979   9.866   -5.189  1.00 30.12 ? 87   ALA A C   1 
ATOM   686  O O   . ALA A 1 87  ? 6.886   9.409   -5.180  1.00 30.76 ? 87   ALA A O   1 
ATOM   687  C CB  . ALA A 1 87  ? 9.262   10.302  -3.125  1.00 26.82 ? 87   ALA A CB  1 
ATOM   688  N N   . GLN A 1 88  ? 8.331   10.789  -6.033  1.00 30.15 ? 88   GLN A N   1 
ATOM   689  C CA  . GLN A 1 88  ? 7.378   11.388  -6.919  1.00 31.16 ? 88   GLN A CA  1 
ATOM   690  C C   . GLN A 1 88  ? 6.925   10.319  -7.834  1.00 31.56 ? 88   GLN A C   1 
ATOM   691  O O   . GLN A 1 88  ? 5.744   10.175  -7.974  1.00 29.72 ? 88   GLN A O   1 
ATOM   692  C CB  . GLN A 1 88  ? 8.035   12.542  -7.721  1.00 33.26 ? 88   GLN A CB  1 
ATOM   693  C CG  . GLN A 1 88  ? 7.102   13.223  -8.732  1.00 35.34 ? 88   GLN A CG  1 
ATOM   694  C CD  . GLN A 1 88  ? 5.933   13.828  -7.947  1.00 38.68 ? 88   GLN A CD  1 
ATOM   695  O OE1 . GLN A 1 88  ? 4.791   13.372  -8.058  1.00 38.39 ? 88   GLN A OE1 1 
ATOM   696  N NE2 . GLN A 1 88  ? 6.243   14.813  -7.113  1.00 34.98 ? 88   GLN A NE2 1 
ATOM   697  N N   . GLN A 1 89  ? 7.842   9.465   -8.366  1.00 30.90 ? 89   GLN A N   1 
ATOM   698  C CA  . GLN A 1 89  ? 7.450   8.198   -9.105  1.00 30.99 ? 89   GLN A CA  1 
ATOM   699  C C   . GLN A 1 89  ? 6.399   7.253   -8.442  1.00 26.02 ? 89   GLN A C   1 
ATOM   700  O O   . GLN A 1 89  ? 5.493   6.853   -9.097  1.00 27.68 ? 89   GLN A O   1 
ATOM   701  C CB  . GLN A 1 89  ? 8.692   7.286   -9.472  1.00 29.85 ? 89   GLN A CB  1 
ATOM   702  C CG  . GLN A 1 89  ? 9.589   7.967   -10.433 1.00 39.42 ? 89   GLN A CG  1 
ATOM   703  C CD  . GLN A 1 89  ? 10.761  7.114   -10.783 1.00 38.60 ? 89   GLN A CD  1 
ATOM   704  O OE1 . GLN A 1 89  ? 10.597  6.159   -11.584 1.00 43.03 ? 89   GLN A OE1 1 
ATOM   705  N NE2 . GLN A 1 89  ? 11.872  7.337   -10.108 1.00 35.91 ? 89   GLN A NE2 1 
ATOM   706  N N   . LEU A 1 90  ? 6.630   6.861   -7.209  1.00 25.38 ? 90   LEU A N   1 
ATOM   707  C CA  . LEU A 1 90  ? 5.628   6.164   -6.298  1.00 26.44 ? 90   LEU A CA  1 
ATOM   708  C C   . LEU A 1 90  ? 4.274   6.845   -6.258  1.00 27.31 ? 90   LEU A C   1 
ATOM   709  O O   . LEU A 1 90  ? 3.268   6.174   -6.431  1.00 27.12 ? 90   LEU A O   1 
ATOM   710  C CB  . LEU A 1 90  ? 6.176   5.967   -4.845  1.00 26.42 ? 90   LEU A CB  1 
ATOM   711  C CG  . LEU A 1 90  ? 7.476   5.190   -4.704  1.00 24.85 ? 90   LEU A CG  1 
ATOM   712  C CD1 . LEU A 1 90  ? 7.973   5.034   -3.278  1.00 26.10 ? 90   LEU A CD1 1 
ATOM   713  C CD2 . LEU A 1 90  ? 7.341   3.882   -5.404  1.00 28.84 ? 90   LEU A CD2 1 
ATOM   714  N N   . ILE A 1 91  ? 4.305   8.162   -6.074  1.00 27.12 ? 91   ILE A N   1 
ATOM   715  C CA  . ILE A 1 91  ? 3.128   9.048   -6.154  1.00 28.22 ? 91   ILE A CA  1 
ATOM   716  C C   . ILE A 1 91  ? 2.454   9.025   -7.468  1.00 26.31 ? 91   ILE A C   1 
ATOM   717  O O   . ILE A 1 91  ? 1.269   8.823   -7.433  1.00 25.92 ? 91   ILE A O   1 
ATOM   718  C CB  . ILE A 1 91  ? 3.485   10.574  -5.731  1.00 29.80 ? 91   ILE A CB  1 
ATOM   719  C CG1 . ILE A 1 91  ? 4.076   10.666  -4.206  1.00 37.63 ? 91   ILE A CG1 1 
ATOM   720  C CG2 . ILE A 1 91  ? 2.319   11.456  -6.024  1.00 33.62 ? 91   ILE A CG2 1 
ATOM   721  C CD1 . ILE A 1 91  ? 4.693   12.163  -3.646  1.00 46.27 ? 91   ILE A CD1 1 
ATOM   722  N N   . ASP A 1 92  ? 3.157   9.133   -8.634  1.00 26.71 ? 92   ASP A N   1 
ATOM   723  C CA  . ASP A 1 92  ? 2.490   9.118   -9.943  1.00 25.60 ? 92   ASP A CA  1 
ATOM   724  C C   . ASP A 1 92  ? 1.803   7.813   -10.200 1.00 23.94 ? 92   ASP A C   1 
ATOM   725  O O   . ASP A 1 92  ? 0.815   7.763   -10.740 1.00 26.32 ? 92   ASP A O   1 
ATOM   726  C CB  . ASP A 1 92  ? 3.414   9.406   -11.098 1.00 27.74 ? 92   ASP A CB  1 
ATOM   727  C CG  . ASP A 1 92  ? 4.168   10.708  -10.960 1.00 33.75 ? 92   ASP A CG  1 
ATOM   728  O OD1 . ASP A 1 92  ? 5.354   10.838  -11.526 1.00 33.17 ? 92   ASP A OD1 1 
ATOM   729  O OD2 . ASP A 1 92  ? 3.640   11.637  -10.279 1.00 35.67 ? 92   ASP A OD2 1 
ATOM   730  N N   . ILE A 1 93  ? 2.290   6.730   -9.664  1.00 25.61 ? 93   ILE A N   1 
ATOM   731  C CA  . ILE A 1 93  ? 1.762   5.369   -9.809  1.00 26.71 ? 93   ILE A CA  1 
ATOM   732  C C   . ILE A 1 93  ? 0.485   5.277   -8.973  1.00 26.76 ? 93   ILE A C   1 
ATOM   733  O O   . ILE A 1 93  ? -0.570  4.897   -9.489  1.00 26.64 ? 93   ILE A O   1 
ATOM   734  C CB  . ILE A 1 93  ? 2.801   4.266   -9.350  1.00 26.74 ? 93   ILE A CB  1 
ATOM   735  C CG1 . ILE A 1 93  ? 3.910   4.188   -10.368 1.00 28.89 ? 93   ILE A CG1 1 
ATOM   736  C CG2 . ILE A 1 93  ? 2.214   2.922   -9.372  1.00 26.06 ? 93   ILE A CG2 1 
ATOM   737  C CD1 . ILE A 1 93  ? 5.034   3.314   -9.943  1.00 27.06 ? 93   ILE A CD1 1 
ATOM   738  N N   . VAL A 1 94  ? 0.558   5.634   -7.700  1.00 28.20 ? 94   VAL A N   1 
ATOM   739  C CA  . VAL A 1 94  ? -0.705  5.528   -6.866  1.00 28.45 ? 94   VAL A CA  1 
ATOM   740  C C   . VAL A 1 94  ? -1.770  6.406   -7.528  1.00 29.50 ? 94   VAL A C   1 
ATOM   741  O O   . VAL A 1 94  ? -2.885  5.996   -7.775  1.00 29.07 ? 94   VAL A O   1 
ATOM   742  C CB  . VAL A 1 94  ? -0.491  5.834   -5.437  1.00 27.20 ? 94   VAL A CB  1 
ATOM   743  C CG1 . VAL A 1 94  ? -1.831  5.535   -4.602  1.00 24.64 ? 94   VAL A CG1 1 
ATOM   744  C CG2 . VAL A 1 94  ? 0.629   4.978   -4.898  1.00 29.31 ? 94   VAL A CG2 1 
ATOM   745  N N   . HIS A 1 95  ? -1.415  7.628   -7.876  1.00 30.14 ? 95   HIS A N   1 
ATOM   746  C CA  . HIS A 1 95  ? -2.397  8.512   -8.466  1.00 30.56 ? 95   HIS A CA  1 
ATOM   747  C C   . HIS A 1 95  ? -2.944  7.906   -9.771  1.00 31.14 ? 95   HIS A C   1 
ATOM   748  O O   . HIS A 1 95  ? -4.111  7.850   -9.945  1.00 29.35 ? 95   HIS A O   1 
ATOM   749  C CB  . HIS A 1 95  ? -1.775  9.852   -8.822  1.00 29.68 ? 95   HIS A CB  1 
ATOM   750  C CG  . HIS A 1 95  ? -2.776  10.888  -9.211  1.00 29.88 ? 95   HIS A CG  1 
ATOM   751  N ND1 . HIS A 1 95  ? -2.451  11.966  -9.982  1.00 30.29 ? 95   HIS A ND1 1 
ATOM   752  C CD2 . HIS A 1 95  ? -4.078  11.051  -8.870  1.00 30.90 ? 95   HIS A CD2 1 
ATOM   753  C CE1 . HIS A 1 95  ? -3.522  12.687  -10.195 1.00 30.96 ? 95   HIS A CE1 1 
ATOM   754  N NE2 . HIS A 1 95  ? -4.506  12.203  -9.487  1.00 28.23 ? 95   HIS A NE2 1 
ATOM   755  N N   . GLY A 1 96  ? -2.060  7.519   -10.686 1.00 30.26 ? 96   GLY A N   1 
ATOM   756  C CA  . GLY A 1 96  ? -2.520  6.773   -11.863 1.00 30.69 ? 96   GLY A CA  1 
ATOM   757  C C   . GLY A 1 96  ? -3.473  5.600   -11.648 1.00 28.65 ? 96   GLY A C   1 
ATOM   758  O O   . GLY A 1 96  ? -4.462  5.462   -12.323 1.00 25.68 ? 96   GLY A O   1 
ATOM   759  N N   . CYS A 1 97  ? -3.137  4.723   -10.688 1.00 27.47 ? 97   CYS A N   1 
ATOM   760  C CA  . CYS A 1 97  ? -4.040  3.659   -10.323 1.00 26.81 ? 97   CYS A CA  1 
ATOM   761  C C   . CYS A 1 97  ? -5.304  4.109   -9.695  1.00 25.72 ? 97   CYS A C   1 
ATOM   762  O O   . CYS A 1 97  ? -6.305  3.379   -9.785  1.00 25.97 ? 97   CYS A O   1 
ATOM   763  C CB  . CYS A 1 97  ? -3.349  2.762   -9.295  1.00 29.14 ? 97   CYS A CB  1 
ATOM   764  S SG  . CYS A 1 97  ? -1.795  1.966   -10.001 1.00 28.67 ? 97   CYS A SG  1 
ATOM   765  N N   . GLU A 1 98  ? -5.281  5.162   -8.925  1.00 25.03 ? 98   GLU A N   1 
ATOM   766  C CA  . GLU A 1 98  ? -6.575  5.794   -8.398  1.00 28.63 ? 98   GLU A CA  1 
ATOM   767  C C   . GLU A 1 98  ? -7.497  6.149   -9.505  1.00 30.04 ? 98   GLU A C   1 
ATOM   768  O O   . GLU A 1 98  ? -8.714  5.973   -9.389  1.00 29.35 ? 98   GLU A O   1 
ATOM   769  C CB  . GLU A 1 98  ? -6.379  7.043   -7.567  1.00 28.27 ? 98   GLU A CB  1 
ATOM   770  C CG  . GLU A 1 98  ? -5.700  6.702   -6.267  1.00 30.48 ? 98   GLU A CG  1 
ATOM   771  C CD  . GLU A 1 98  ? -5.513  7.864   -5.344  1.00 34.87 ? 98   GLU A CD  1 
ATOM   772  O OE1 . GLU A 1 98  ? -5.526  8.999   -5.827  1.00 33.90 ? 98   GLU A OE1 1 
ATOM   773  O OE2 . GLU A 1 98  ? -5.285  7.600   -4.150  1.00 32.68 ? 98   GLU A OE2 1 
ATOM   774  N N   . LYS A 1 99  ? -6.911  6.712   -10.561 1.00 32.46 ? 99   LYS A N   1 
ATOM   775  C CA  . LYS A 1 99  ? -7.742  7.162   -11.699 1.00 34.87 ? 99   LYS A CA  1 
ATOM   776  C C   . LYS A 1 99  ? -8.235  5.981   -12.508 1.00 35.66 ? 99   LYS A C   1 
ATOM   777  O O   . LYS A 1 99  ? -9.384  5.993   -12.851 1.00 38.29 ? 99   LYS A O   1 
ATOM   778  C CB  . LYS A 1 99  ? -7.070  8.197   -12.553 1.00 34.03 ? 99   LYS A CB  1 
ATOM   779  C CG  . LYS A 1 99  ? -6.643  9.390   -11.719 1.00 39.25 ? 99   LYS A CG  1 
ATOM   780  C CD  . LYS A 1 99  ? -6.050  10.506  -12.483 1.00 42.66 ? 99   LYS A CD  1 
ATOM   781  C CE  . LYS A 1 99  ? -4.815  9.993   -13.258 1.00 46.96 ? 99   LYS A CE  1 
ATOM   782  N NZ  . LYS A 1 99  ? -4.295  11.090  -14.119 1.00 45.17 ? 99   LYS A NZ  1 
ATOM   783  N N   . SER A 1 100 ? -7.409  4.958   -12.740 1.00 34.81 ? 100  SER A N   1 
ATOM   784  C CA  . SER A 1 100 ? -7.790  3.740   -13.439 1.00 36.06 ? 100  SER A CA  1 
ATOM   785  C C   . SER A 1 100 ? -8.680  2.707   -12.780 1.00 35.80 ? 100  SER A C   1 
ATOM   786  O O   . SER A 1 100 ? -9.263  1.832   -13.476 1.00 38.08 ? 100  SER A O   1 
ATOM   787  C CB  . SER A 1 100 ? -6.524  3.037   -13.920 1.00 37.96 ? 100  SER A CB  1 
ATOM   788  O OG  . SER A 1 100 ? -5.973  2.147   -12.888 1.00 43.24 ? 100  SER A OG  1 
ATOM   789  N N   . THR A 1 101 ? -8.772  2.696   -11.457 1.00 36.84 ? 101  THR A N   1 
ATOM   790  C CA  . THR A 1 101 ? -9.479  1.649   -10.748 1.00 36.10 ? 101  THR A CA  1 
ATOM   791  C C   . THR A 1 101 ? -10.935 2.082   -10.741 1.00 37.61 ? 101  THR A C   1 
ATOM   792  O O   . THR A 1 101 ? -11.295 3.283   -10.364 1.00 34.14 ? 101  THR A O   1 
ATOM   793  C CB  . THR A 1 101 ? -8.960  1.469   -9.251  1.00 35.77 ? 101  THR A CB  1 
ATOM   794  O OG1 . THR A 1 101 ? -8.623  2.711   -8.742  1.00 44.85 ? 101  THR A OG1 1 
ATOM   795  C CG2 . THR A 1 101 ? -7.612  0.915   -9.163  1.00 27.07 ? 101  THR A CG2 1 
ATOM   796  N N   . PRO A 1 102 ? -11.816 1.174   -11.145 1.00 38.52 ? 102  PRO A N   1 
ATOM   797  C CA  . PRO A 1 102 ? -13.269 1.512   -11.112 1.00 39.79 ? 102  PRO A CA  1 
ATOM   798  C C   . PRO A 1 102 ? -13.719 2.066   -9.833  1.00 39.68 ? 102  PRO A C   1 
ATOM   799  O O   . PRO A 1 102 ? -13.369 1.475   -8.811  1.00 39.81 ? 102  PRO A O   1 
ATOM   800  C CB  . PRO A 1 102 ? -13.926 0.197   -11.357 1.00 38.90 ? 102  PRO A CB  1 
ATOM   801  C CG  . PRO A 1 102 ? -13.031 -0.378  -12.333 1.00 40.44 ? 102  PRO A CG  1 
ATOM   802  C CD  . PRO A 1 102 ? -11.611 -0.169  -11.715 1.00 40.11 ? 102  PRO A CD  1 
ATOM   803  N N   . ALA A 1 103 ? -14.494 3.143   -9.827  1.00 40.32 ? 103  ALA A N   1 
ATOM   804  C CA  . ALA A 1 103 ? -15.017 3.636   -8.592  1.00 40.36 ? 103  ALA A CA  1 
ATOM   805  C C   . ALA A 1 103 ? -15.928 2.636   -7.866  1.00 42.33 ? 103  ALA A C   1 
ATOM   806  O O   . ALA A 1 103 ? -16.414 1.728   -8.477  1.00 42.55 ? 103  ALA A O   1 
ATOM   807  C CB  . ALA A 1 103 ? -15.745 4.996   -8.798  1.00 44.27 ? 103  ALA A CB  1 
ATOM   808  N N   . ASN A 1 104 ? -16.068 2.777   -6.522  1.00 41.76 ? 104  ASN A N   1 
ATOM   809  C CA  . ASN A 1 104 ? -16.670 1.770   -5.691  1.00 42.60 ? 104  ASN A CA  1 
ATOM   810  C C   . ASN A 1 104 ? -16.981 2.399   -4.367  1.00 44.23 ? 104  ASN A C   1 
ATOM   811  O O   . ASN A 1 104 ? -16.143 3.103   -3.793  1.00 45.57 ? 104  ASN A O   1 
ATOM   812  C CB  . ASN A 1 104 ? -15.740 0.548   -5.357  1.00 43.48 ? 104  ASN A CB  1 
ATOM   813  C CG  . ASN A 1 104 ? -16.487 -0.794  -5.191  1.00 42.77 ? 104  ASN A CG  1 
ATOM   814  O OD1 . ASN A 1 104 ? -16.188 -1.715  -5.896  1.00 44.16 ? 104  ASN A OD1 1 
ATOM   815  N ND2 . ASN A 1 104 ? -17.378 -0.911  -4.214  1.00 36.71 ? 104  ASN A ND2 1 
ATOM   816  N N   . ASP A 1 105 ? -18.195 2.114   -3.879  1.00 43.63 ? 105  ASP A N   1 
ATOM   817  C CA  . ASP A 1 105 ? -18.628 2.532   -2.593  1.00 43.97 ? 105  ASP A CA  1 
ATOM   818  C C   . ASP A 1 105 ? -17.821 1.811   -1.518  1.00 39.50 ? 105  ASP A C   1 
ATOM   819  O O   . ASP A 1 105 ? -17.591 2.335   -0.413  1.00 32.91 ? 105  ASP A O   1 
ATOM   820  C CB  . ASP A 1 105 ? -20.165 2.223   -2.460  1.00 47.36 ? 105  ASP A CB  1 
ATOM   821  C CG  . ASP A 1 105 ? -21.038 3.480   -2.694  1.00 51.05 ? 105  ASP A CG  1 
ATOM   822  O OD1 . ASP A 1 105 ? -22.286 3.321   -2.563  1.00 59.62 ? 105  ASP A OD1 1 
ATOM   823  O OD2 . ASP A 1 105 ? -20.549 4.625   -3.034  1.00 54.57 ? 105  ASP A OD2 1 
ATOM   824  N N   . ASP A 1 106 ? -17.403 0.579   -1.874  1.00 37.00 ? 106  ASP A N   1 
ATOM   825  C CA  . ASP A 1 106 ? -16.750 -0.263  -0.914  1.00 36.09 ? 106  ASP A CA  1 
ATOM   826  C C   . ASP A 1 106 ? -15.284 0.145   -0.944  1.00 35.63 ? 106  ASP A C   1 
ATOM   827  O O   . ASP A 1 106 ? -14.569 -0.304  -1.816  1.00 36.04 ? 106  ASP A O   1 
ATOM   828  C CB  . ASP A 1 106 ? -16.948 -1.714  -1.289  1.00 35.04 ? 106  ASP A CB  1 
ATOM   829  C CG  . ASP A 1 106 ? -16.372 -2.631  -0.283  1.00 34.58 ? 106  ASP A CG  1 
ATOM   830  O OD1 . ASP A 1 106 ? -15.344 -2.278  0.400   1.00 30.92 ? 106  ASP A OD1 1 
ATOM   831  O OD2 . ASP A 1 106 ? -16.859 -3.757  -0.094  1.00 37.75 ? 106  ASP A OD2 1 
ATOM   832  N N   . LYS A 1 107 ? -14.899 0.992   -0.013  1.00 35.16 ? 107  LYS A N   1 
ATOM   833  C CA  . LYS A 1 107 ? -13.541 1.580   0.028   1.00 36.47 ? 107  LYS A CA  1 
ATOM   834  C C   . LYS A 1 107 ? -12.432 0.472   0.115   1.00 34.86 ? 107  LYS A C   1 
ATOM   835  O O   . LYS A 1 107 ? -11.380 0.636   -0.557  1.00 33.99 ? 107  LYS A O   1 
ATOM   836  C CB  . LYS A 1 107 ? -13.384 2.572   1.189   1.00 35.74 ? 107  LYS A CB  1 
ATOM   837  C CG  . LYS A 1 107 ? -14.484 3.731   1.137   1.00 38.14 ? 107  LYS A CG  1 
ATOM   838  C CD  . LYS A 1 107 ? -14.439 4.549   -0.245  1.00 42.28 ? 107  LYS A CD  1 
ATOM   839  C CE  . LYS A 1 107 ? -15.664 4.385   -1.091  0.01 41.03 ? 107  LYS A CE  1 
ATOM   840  N NZ  . LYS A 1 107 ? -15.655 5.314   -2.256  0.01 41.05 ? 107  LYS A NZ  1 
ATOM   841  N N   . CYS A 1 108 ? -12.769 -0.587  0.856   1.00 32.10 ? 108  CYS A N   1 
ATOM   842  C CA  . CYS A 1 108 ? -11.918 -1.706  1.090   1.00 30.96 ? 108  CYS A CA  1 
ATOM   843  C C   . CYS A 1 108 ? -11.558 -2.450  -0.211  1.00 31.68 ? 108  CYS A C   1 
ATOM   844  O O   . CYS A 1 108 ? -10.335 -2.708  -0.607  1.00 26.27 ? 108  CYS A O   1 
ATOM   845  C CB  . CYS A 1 108 ? -12.514 -2.565  2.124   1.00 30.09 ? 108  CYS A CB  1 
ATOM   846  S SG  . CYS A 1 108 ? -12.656 -2.039  3.861   1.00 31.80 ? 108  CYS A SG  1 
ATOM   847  N N   . ILE A 1 109 ? -12.595 -2.707  -0.974  1.00 30.54 ? 109  ILE A N   1 
ATOM   848  C CA  . ILE A 1 109 ? -12.347 -3.265  -2.277  1.00 30.85 ? 109  ILE A CA  1 
ATOM   849  C C   . ILE A 1 109 ? -11.685 -2.306  -3.260  1.00 29.90 ? 109  ILE A C   1 
ATOM   850  O O   . ILE A 1 109 ? -10.822 -2.753  -4.058  1.00 27.89 ? 109  ILE A O   1 
ATOM   851  C CB  . ILE A 1 109 ? -13.624 -3.831  -2.799  1.00 32.06 ? 109  ILE A CB  1 
ATOM   852  C CG1 . ILE A 1 109 ? -14.074 -4.925  -1.833  1.00 35.92 ? 109  ILE A CG1 1 
ATOM   853  C CG2 . ILE A 1 109 ? -13.504 -4.294  -4.223  1.00 30.53 ? 109  ILE A CG2 1 
ATOM   854  C CD1 . ILE A 1 109 ? -15.358 -5.377  -2.163  1.00 42.26 ? 109  ILE A CD1 1 
ATOM   855  N N   . TRP A 1 110 ? -12.080 -1.048  -3.251  1.00 27.34 ? 110  TRP A N   1 
ATOM   856  C CA  . TRP A 1 110 ? -11.491 -0.106  -4.166  1.00 30.47 ? 110  TRP A CA  1 
ATOM   857  C C   . TRP A 1 110 ? -9.945  -0.073  -3.806  1.00 25.97 ? 110  TRP A C   1 
ATOM   858  O O   . TRP A 1 110 ? -9.114  -0.098  -4.673  1.00 27.08 ? 110  TRP A O   1 
ATOM   859  C CB  . TRP A 1 110 ? -12.141 1.267   -3.968  1.00 33.19 ? 110  TRP A CB  1 
ATOM   860  C CG  . TRP A 1 110 ? -11.654 2.310   -4.895  1.00 33.37 ? 110  TRP A CG  1 
ATOM   861  C CD1 . TRP A 1 110 ? -11.993 2.472   -6.229  1.00 34.54 ? 110  TRP A CD1 1 
ATOM   862  C CD2 . TRP A 1 110 ? -10.703 3.327   -4.594  1.00 34.97 ? 110  TRP A CD2 1 
ATOM   863  N NE1 . TRP A 1 110 ? -11.251 3.489   -6.756  1.00 31.41 ? 110  TRP A NE1 1 
ATOM   864  C CE2 . TRP A 1 110 ? -10.457 4.028   -5.776  1.00 33.56 ? 110  TRP A CE2 1 
ATOM   865  C CE3 . TRP A 1 110 ? -9.960  3.642   -3.474  1.00 36.74 ? 110  TRP A CE3 1 
ATOM   866  C CZ2 . TRP A 1 110 ? -9.652  5.144   -5.820  1.00 35.78 ? 110  TRP A CZ2 1 
ATOM   867  C CZ3 . TRP A 1 110 ? -9.059  4.716   -3.573  1.00 36.96 ? 110  TRP A CZ3 1 
ATOM   868  C CH2 . TRP A 1 110 ? -8.956  5.445   -4.725  1.00 30.48 ? 110  TRP A CH2 1 
ATOM   869  N N   . THR A 1 111 ? -9.642  -0.190  -2.523  1.00 22.96 ? 111  THR A N   1 
ATOM   870  C CA  . THR A 1 111 ? -8.253  -0.132  -2.021  1.00 24.40 ? 111  THR A CA  1 
ATOM   871  C C   . THR A 1 111 ? -7.389  -1.342  -2.412  1.00 22.73 ? 111  THR A C   1 
ATOM   872  O O   . THR A 1 111 ? -6.288  -1.135  -2.905  1.00 25.28 ? 111  THR A O   1 
ATOM   873  C CB  . THR A 1 111 ? -8.215  0.050   -0.539  1.00 24.13 ? 111  THR A CB  1 
ATOM   874  O OG1 . THR A 1 111 ? -8.736  1.329   -0.218  1.00 27.30 ? 111  THR A OG1 1 
ATOM   875  C CG2 . THR A 1 111 ? -6.737  0.150   -0.049  1.00 24.66 ? 111  THR A CG2 1 
ATOM   876  N N   . LEU A 1 112 ? -7.991  -2.518  -2.411  1.00 21.18 ? 112  LEU A N   1 
ATOM   877  C CA  . LEU A 1 112 ? -7.461  -3.634  -3.175  1.00 24.14 ? 112  LEU A CA  1 
ATOM   878  C C   . LEU A 1 112 ? -7.064  -3.460  -4.583  1.00 24.66 ? 112  LEU A C   1 
ATOM   879  O O   . LEU A 1 112 ? -5.927  -3.898  -5.036  1.00 26.26 ? 112  LEU A O   1 
ATOM   880  C CB  . LEU A 1 112 ? -8.393  -4.774  -3.033  1.00 25.10 ? 112  LEU A CB  1 
ATOM   881  C CG  . LEU A 1 112 ? -8.070  -5.948  -2.093  1.00 28.36 ? 112  LEU A CG  1 
ATOM   882  C CD1 . LEU A 1 112 ? -7.333  -5.597  -0.812  1.00 36.26 ? 112  LEU A CD1 1 
ATOM   883  C CD2 . LEU A 1 112 ? -9.251  -6.861  -1.899  1.00 30.60 ? 112  LEU A CD2 1 
ATOM   884  N N   . GLY A 1 113 ? -7.908  -2.806  -5.362  1.00 22.71 ? 113  GLY A N   1 
ATOM   885  C CA  . GLY A 1 113 ? -7.655  -2.591  -6.724  1.00 22.58 ? 113  GLY A CA  1 
ATOM   886  C C   . GLY A 1 113 ? -6.523  -1.631  -6.905  1.00 22.24 ? 113  GLY A C   1 
ATOM   887  O O   . GLY A 1 113 ? -5.669  -1.777  -7.702  1.00 23.81 ? 113  GLY A O   1 
ATOM   888  N N   . VAL A 1 114 ? -6.518  -0.576  -6.156  1.00 22.95 ? 114  VAL A N   1 
ATOM   889  C CA  . VAL A 1 114 ? -5.450  0.464   -6.256  1.00 22.05 ? 114  VAL A CA  1 
ATOM   890  C C   . VAL A 1 114 ? -4.134  -0.207  -5.885  1.00 21.67 ? 114  VAL A C   1 
ATOM   891  O O   . VAL A 1 114 ? -3.117  -0.029  -6.594  1.00 23.73 ? 114  VAL A O   1 
ATOM   892  C CB  . VAL A 1 114 ? -5.731  1.638   -5.337  1.00 19.92 ? 114  VAL A CB  1 
ATOM   893  C CG1 . VAL A 1 114 ? -4.463  2.594   -5.223  1.00 25.56 ? 114  VAL A CG1 1 
ATOM   894  C CG2 . VAL A 1 114 ? -6.973  2.424   -5.804  1.00 21.91 ? 114  VAL A CG2 1 
ATOM   895  N N   . ALA A 1 115 ? -4.126  -0.928  -4.760  1.00 24.86 ? 115  ALA A N   1 
ATOM   896  C CA  . ALA A 1 115 ? -2.887  -1.613  -4.237  1.00 25.53 ? 115  ALA A CA  1 
ATOM   897  C C   . ALA A 1 115 ? -2.354  -2.711  -5.202  1.00 27.20 ? 115  ALA A C   1 
ATOM   898  O O   . ALA A 1 115 ? -1.131  -2.827  -5.406  1.00 25.35 ? 115  ALA A O   1 
ATOM   899  C CB  . ALA A 1 115 ? -3.172  -2.230  -2.906  1.00 27.96 ? 115  ALA A CB  1 
ATOM   900  N N   . THR A 1 116 ? -3.270  -3.499  -5.794  1.00 26.66 ? 116  THR A N   1 
ATOM   901  C CA  . THR A 1 116 ? -2.929  -4.331  -6.962  1.00 27.58 ? 116  THR A CA  1 
ATOM   902  C C   . THR A 1 116 ? -2.344  -3.727  -8.239  1.00 26.78 ? 116  THR A C   1 
ATOM   903  O O   . THR A 1 116 ? -1.258  -4.176  -8.665  1.00 25.34 ? 116  THR A O   1 
ATOM   904  C CB  . THR A 1 116 ? -3.884  -5.433  -7.302  1.00 29.14 ? 116  THR A CB  1 
ATOM   905  O OG1 . THR A 1 116 ? -4.856  -4.905  -8.150  1.00 41.34 ? 116  THR A OG1 1 
ATOM   906  C CG2 . THR A 1 116 ? -4.529  -5.959  -6.145  1.00 19.26 ? 116  THR A CG2 1 
ATOM   907  N N   . CYS A 1 117 ? -2.974  -2.689  -8.746  1.00 26.13 ? 117  CYS A N   1 
ATOM   908  C CA  . CYS A 1 117 ? -2.414  -1.823  -9.728  1.00 26.95 ? 117  CYS A CA  1 
ATOM   909  C C   . CYS A 1 117 ? -1.051  -1.319  -9.298  1.00 29.25 ? 117  CYS A C   1 
ATOM   910  O O   . CYS A 1 117 ? -0.078  -1.435  -10.075 1.00 30.10 ? 117  CYS A O   1 
ATOM   911  C CB  . CYS A 1 117 ? -3.368  -0.706  -10.046 1.00 28.31 ? 117  CYS A CB  1 
ATOM   912  S SG  . CYS A 1 117 ? -2.733  0.534   -11.186 1.00 32.67 ? 117  CYS A SG  1 
ATOM   913  N N   . PHE A 1 118 ? -0.923  -0.820  -8.052  1.00 27.89 ? 118  PHE A N   1 
ATOM   914  C CA  . PHE A 1 118 ? 0.389   -0.284  -7.622  1.00 26.90 ? 118  PHE A CA  1 
ATOM   915  C C   . PHE A 1 118 ? 1.504   -1.399  -7.681  1.00 27.15 ? 118  PHE A C   1 
ATOM   916  O O   . PHE A 1 118 ? 2.615   -1.125  -8.151  1.00 27.13 ? 118  PHE A O   1 
ATOM   917  C CB  . PHE A 1 118 ? 0.309   0.374   -6.205  1.00 24.70 ? 118  PHE A CB  1 
ATOM   918  C CG  . PHE A 1 118 ? 1.640   0.802   -5.563  1.00 25.53 ? 118  PHE A CG  1 
ATOM   919  C CD1 . PHE A 1 118 ? 2.242   1.984   -5.885  1.00 26.66 ? 118  PHE A CD1 1 
ATOM   920  C CD2 . PHE A 1 118 ? 2.288   -0.023  -4.580  1.00 29.14 ? 118  PHE A CD2 1 
ATOM   921  C CE1 . PHE A 1 118 ? 3.457   2.341   -5.334  1.00 28.56 ? 118  PHE A CE1 1 
ATOM   922  C CE2 . PHE A 1 118 ? 3.504   0.391   -4.013  1.00 26.35 ? 118  PHE A CE2 1 
ATOM   923  C CZ  . PHE A 1 118 ? 4.057   1.543   -4.411  1.00 25.11 ? 118  PHE A CZ  1 
ATOM   924  N N   . LYS A 1 119 ? 1.212   -2.578  -7.151  1.00 25.27 ? 119  LYS A N   1 
ATOM   925  C CA  . LYS A 1 119 ? 2.167   -3.689  -6.997  1.00 25.67 ? 119  LYS A CA  1 
ATOM   926  C C   . LYS A 1 119 ? 2.654   -4.021  -8.441  1.00 28.71 ? 119  LYS A C   1 
ATOM   927  O O   . LYS A 1 119 ? 3.817   -4.272  -8.684  1.00 28.76 ? 119  LYS A O   1 
ATOM   928  C CB  . LYS A 1 119 ? 1.432   -4.877  -6.306  1.00 24.17 ? 119  LYS A CB  1 
ATOM   929  C CG  . LYS A 1 119 ? 1.867   -6.263  -6.590  1.00 31.03 ? 119  LYS A CG  1 
ATOM   930  C CD  . LYS A 1 119 ? 1.064   -7.327  -5.914  1.00 33.48 ? 119  LYS A CD  1 
ATOM   931  C CE  . LYS A 1 119 ? 1.693   -8.767  -6.295  1.00 36.67 ? 119  LYS A CE  1 
ATOM   932  N NZ  . LYS A 1 119 ? 3.018   -8.999  -5.684  1.00 25.44 ? 119  LYS A NZ  1 
ATOM   933  N N   . ALA A 1 120 ? 1.722   -4.006  -9.389  1.00 27.83 ? 120  ALA A N   1 
ATOM   934  C CA  . ALA A 1 120 ? 2.076   -4.421  -10.743 1.00 29.54 ? 120  ALA A CA  1 
ATOM   935  C C   . ALA A 1 120 ? 2.996   -3.439  -11.423 1.00 30.28 ? 120  ALA A C   1 
ATOM   936  O O   . ALA A 1 120 ? 4.036   -3.831  -12.093 1.00 24.57 ? 120  ALA A O   1 
ATOM   937  C CB  . ALA A 1 120 ? 0.807   -4.715  -11.488 1.00 30.63 ? 120  ALA A CB  1 
ATOM   938  N N   . GLU A 1 121 ? 2.711   -2.133  -11.141 1.00 31.21 ? 121  GLU A N   1 
ATOM   939  C CA  . GLU A 1 121 ? 3.618   -1.059  -11.595 1.00 33.44 ? 121  GLU A CA  1 
ATOM   940  C C   . GLU A 1 121 ? 5.054   -1.128  -10.960 1.00 31.19 ? 121  GLU A C   1 
ATOM   941  O O   . GLU A 1 121 ? 6.027   -0.885  -11.573 1.00 30.98 ? 121  GLU A O   1 
ATOM   942  C CB  . GLU A 1 121 ? 2.985   0.317   -11.433 1.00 33.42 ? 121  GLU A CB  1 
ATOM   943  C CG  . GLU A 1 121 ? 1.813   0.506   -12.344 1.00 37.65 ? 121  GLU A CG  1 
ATOM   944  C CD  . GLU A 1 121 ? 2.204   0.666   -13.782 1.00 44.76 ? 121  GLU A CD  1 
ATOM   945  O OE1 . GLU A 1 121 ? 1.318   0.394   -14.619 1.00 54.77 ? 121  GLU A OE1 1 
ATOM   946  O OE2 . GLU A 1 121 ? 3.382   1.007   -14.109 1.00 46.24 ? 121  GLU A OE2 1 
ATOM   947  N N   . ILE A 1 122 ? 5.125   -1.474  -9.720  1.00 29.49 ? 122  ILE A N   1 
ATOM   948  C CA  . ILE A 1 122 ? 6.360   -1.573  -9.069  1.00 30.19 ? 122  ILE A CA  1 
ATOM   949  C C   . ILE A 1 122 ? 7.213   -2.794  -9.620  1.00 29.80 ? 122  ILE A C   1 
ATOM   950  O O   . ILE A 1 122 ? 8.355   -2.623  -9.675  1.00 28.83 ? 122  ILE A O   1 
ATOM   951  C CB  . ILE A 1 122 ? 6.094   -1.682  -7.563  1.00 30.85 ? 122  ILE A CB  1 
ATOM   952  C CG1 . ILE A 1 122 ? 5.437   -0.353  -6.944  1.00 31.60 ? 122  ILE A CG1 1 
ATOM   953  C CG2 . ILE A 1 122 ? 7.384   -1.943  -6.803  1.00 28.39 ? 122  ILE A CG2 1 
ATOM   954  C CD1 . ILE A 1 122 ? 6.402   0.909   -7.126  1.00 29.53 ? 122  ILE A CD1 1 
ATOM   955  N N   . HIS A 1 123 ? 6.635   -3.983  -9.918  1.00 30.63 ? 123  HIS A N   1 
ATOM   956  C CA  . HIS A 1 123 ? 7.316   -5.136  -10.557 1.00 30.28 ? 123  HIS A CA  1 
ATOM   957  C C   . HIS A 1 123 ? 7.837   -4.754  -11.933 1.00 31.10 ? 123  HIS A C   1 
ATOM   958  O O   . HIS A 1 123 ? 8.994   -5.030  -12.262 1.00 31.11 ? 123  HIS A O   1 
ATOM   959  C CB  . HIS A 1 123 ? 6.440   -6.432  -10.667 1.00 31.66 ? 123  HIS A CB  1 
ATOM   960  C CG  . HIS A 1 123 ? 6.082   -7.129  -9.380  1.00 34.09 ? 123  HIS A CG  1 
ATOM   961  N ND1 . HIS A 1 123 ? 6.943   -8.002  -8.734  1.00 34.33 ? 123  HIS A ND1 1 
ATOM   962  C CD2 . HIS A 1 123 ? 4.880   -7.250  -8.733  1.00 29.75 ? 123  HIS A CD2 1 
ATOM   963  C CE1 . HIS A 1 123 ? 6.351   -8.444  -7.629  1.00 32.15 ? 123  HIS A CE1 1 
ATOM   964  N NE2 . HIS A 1 123 ? 5.083   -8.043  -7.641  1.00 29.70 ? 123  HIS A NE2 1 
ATOM   965  N N   . LYS A 1 124 ? 7.044   -4.013  -12.696 1.00 32.93 ? 124  LYS A N   1 
ATOM   966  C CA  . LYS A 1 124 ? 7.415   -3.517  -13.944 1.00 32.33 ? 124  LYS A CA  1 
ATOM   967  C C   . LYS A 1 124 ? 8.666   -2.662  -13.864 1.00 34.50 ? 124  LYS A C   1 
ATOM   968  O O   . LYS A 1 124 ? 9.357   -2.410  -14.865 1.00 34.13 ? 124  LYS A O   1 
ATOM   969  C CB  . LYS A 1 124 ? 6.305   -2.611  -14.443 1.00 34.67 ? 124  LYS A CB  1 
ATOM   970  C CG  . LYS A 1 124 ? 5.147   -3.265  -15.167 1.00 37.20 ? 124  LYS A CG  1 
ATOM   971  C CD  . LYS A 1 124 ? 4.304   -2.273  -15.985 1.00 41.68 ? 124  LYS A CD  1 
ATOM   972  C CE  . LYS A 1 124 ? 2.835   -2.888  -16.155 1.00 45.46 ? 124  LYS A CE  1 
ATOM   973  N NZ  . LYS A 1 124 ? 1.956   -2.028  -16.998 0.01 44.24 ? 124  LYS A NZ  1 
ATOM   974  N N   . LEU A 1 125 ? 8.857   -1.995  -12.766 1.00 33.79 ? 125  LEU A N   1 
ATOM   975  C CA  . LEU A 1 125 ? 10.025  -1.147  -12.670 1.00 33.42 ? 125  LEU A CA  1 
ATOM   976  C C   . LEU A 1 125 ? 11.221  -1.885  -12.166 1.00 33.79 ? 125  LEU A C   1 
ATOM   977  O O   . LEU A 1 125 ? 12.319  -1.262  -12.171 1.00 34.75 ? 125  LEU A O   1 
ATOM   978  C CB  . LEU A 1 125 ? 9.808   -0.046  -11.656 1.00 33.43 ? 125  LEU A CB  1 
ATOM   979  C CG  . LEU A 1 125 ? 8.766   0.826   -12.191 1.00 35.72 ? 125  LEU A CG  1 
ATOM   980  C CD1 . LEU A 1 125 ? 8.556   1.793   -11.104 1.00 39.14 ? 125  LEU A CD1 1 
ATOM   981  C CD2 . LEU A 1 125 ? 9.289   1.484   -13.491 1.00 37.28 ? 125  LEU A CD2 1 
ATOM   982  N N   . ASN A 1 126 ? 10.987  -3.108  -11.658 1.00 32.68 ? 126  ASN A N   1 
ATOM   983  C CA  . ASN A 1 126 ? 11.966  -4.022  -11.187 1.00 35.92 ? 126  ASN A CA  1 
ATOM   984  C C   . ASN A 1 126 ? 12.262  -3.571  -9.784  1.00 35.39 ? 126  ASN A C   1 
ATOM   985  O O   . ASN A 1 126 ? 13.409  -3.708  -9.332  1.00 35.46 ? 126  ASN A O   1 
ATOM   986  C CB  . ASN A 1 126 ? 13.276  -4.041  -12.065 1.00 36.35 ? 126  ASN A CB  1 
ATOM   987  C CG  . ASN A 1 126 ? 13.078  -4.659  -13.495 1.00 39.21 ? 126  ASN A CG  1 
ATOM   988  O OD1 . ASN A 1 126 ? 12.453  -5.704  -13.627 1.00 44.98 ? 126  ASN A OD1 1 
ATOM   989  N ND2 . ASN A 1 126 ? 13.631  -4.019  -14.552 1.00 44.58 ? 126  ASN A ND2 1 
ATOM   990  N N   . TRP A 1 127 ? 11.259  -2.949  -9.096  1.00 33.12 ? 127  TRP A N   1 
ATOM   991  C CA  . TRP A 1 127 ? 11.479  -2.443  -7.726  1.00 30.96 ? 127  TRP A CA  1 
ATOM   992  C C   . TRP A 1 127 ? 10.832  -3.251  -6.653  1.00 30.97 ? 127  TRP A C   1 
ATOM   993  O O   . TRP A 1 127 ? 10.892  -2.878  -5.496  1.00 30.86 ? 127  TRP A O   1 
ATOM   994  C CB  . TRP A 1 127 ? 10.943  -1.023  -7.585  1.00 32.10 ? 127  TRP A CB  1 
ATOM   995  C CG  . TRP A 1 127 ? 11.643  0.087   -8.279  1.00 29.10 ? 127  TRP A CG  1 
ATOM   996  C CD1 . TRP A 1 127 ? 12.792  -0.005  -9.124  1.00 38.81 ? 127  TRP A CD1 1 
ATOM   997  C CD2 . TRP A 1 127 ? 11.291  1.443   -8.255  1.00 32.33 ? 127  TRP A CD2 1 
ATOM   998  N NE1 . TRP A 1 127 ? 13.129  1.237   -9.579  1.00 33.26 ? 127  TRP A NE1 1 
ATOM   999  C CE2 . TRP A 1 127 ? 12.227  2.147   -9.105  1.00 35.58 ? 127  TRP A CE2 1 
ATOM   1000 C CE3 . TRP A 1 127 ? 10.260  2.182   -7.621  1.00 33.92 ? 127  TRP A CE3 1 
ATOM   1001 C CZ2 . TRP A 1 127 ? 12.162  3.523   -9.312  1.00 35.13 ? 127  TRP A CZ2 1 
ATOM   1002 C CZ3 . TRP A 1 127 ? 10.195  3.564   -7.813  1.00 34.73 ? 127  TRP A CZ3 1 
ATOM   1003 C CH2 . TRP A 1 127 ? 11.132  4.233   -8.662  1.00 35.52 ? 127  TRP A CH2 1 
ATOM   1004 N N   . ALA A 1 128 ? 10.093  -4.282  -7.006  1.00 31.14 ? 128  ALA A N   1 
ATOM   1005 C CA  . ALA A 1 128 ? 9.400   -5.095  -6.013  1.00 31.72 ? 128  ALA A CA  1 
ATOM   1006 C C   . ALA A 1 128 ? 10.410  -5.883  -5.294  1.00 35.42 ? 128  ALA A C   1 
ATOM   1007 O O   . ALA A 1 128 ? 11.155  -6.574  -5.987  1.00 36.76 ? 128  ALA A O   1 
ATOM   1008 C CB  . ALA A 1 128 ? 8.544   -5.998  -6.661  1.00 32.59 ? 128  ALA A CB  1 
ATOM   1009 N N   . PRO A 1 129 ? 10.451  -5.799  -3.947  1.00 36.30 ? 129  PRO A N   1 
ATOM   1010 C CA  . PRO A 1 129 ? 11.410  -6.501  -3.118  1.00 38.31 ? 129  PRO A CA  1 
ATOM   1011 C C   . PRO A 1 129 ? 11.101  -8.046  -2.738  1.00 40.78 ? 129  PRO A C   1 
ATOM   1012 O O   . PRO A 1 129 ? 10.017  -8.507  -2.843  1.00 37.02 ? 129  PRO A O   1 
ATOM   1013 C CB  . PRO A 1 129 ? 11.432  -5.634  -1.818  1.00 37.90 ? 129  PRO A CB  1 
ATOM   1014 C CG  . PRO A 1 129 ? 10.149  -4.929  -1.749  1.00 36.66 ? 129  PRO A CG  1 
ATOM   1015 C CD  . PRO A 1 129 ? 9.565   -4.956  -3.103  1.00 37.73 ? 129  PRO A CD  1 
ATOM   1016 N N   . SER A 1 130 ? 12.133  -8.773  -2.286  1.00 45.25 ? 130  SER A N   1 
ATOM   1017 C CA  . SER A 1 130 ? 12.053  -10.200 -2.048  1.00 49.78 ? 130  SER A CA  1 
ATOM   1018 C C   . SER A 1 130 ? 11.560  -10.525 -0.662  1.00 53.36 ? 130  SER A C   1 
ATOM   1019 O O   . SER A 1 130 ? 11.625  -11.760 -0.343  1.00 57.86 ? 130  SER A O   1 
ATOM   1020 C CB  . SER A 1 130 ? 13.416  -10.883 -2.205  1.00 48.53 ? 130  SER A CB  1 
ATOM   1021 O OG  . SER A 1 130 ? 14.261  -10.627 -1.097  0.01 49.39 ? 130  SER A OG  1 
ATOM   1022 N N   . MET A 1 131 ? 11.131  -9.531  0.156   1.00 54.14 ? 131  MET A N   1 
ATOM   1023 C CA  . MET A 1 131 ? 10.737  -9.705  1.614   1.00 54.69 ? 131  MET A CA  1 
ATOM   1024 C C   . MET A 1 131 ? 10.912  -11.094 2.177   1.00 57.10 ? 131  MET A C   1 
ATOM   1025 O O   . MET A 1 131 ? 9.997   -11.977 2.041   1.00 58.91 ? 131  MET A O   1 
ATOM   1026 C CB  . MET A 1 131 ? 9.273   -9.319  1.988   1.00 53.22 ? 131  MET A CB  1 
ATOM   1027 C CG  . MET A 1 131 ? 8.632   -8.094  1.425   1.00 51.13 ? 131  MET A CG  1 
ATOM   1028 S SD  . MET A 1 131 ? 9.423   -6.533  1.838   1.00 40.64 ? 131  MET A SD  1 
ATOM   1029 C CE  . MET A 1 131 ? 9.014   -6.291  3.613   1.00 44.03 ? 131  MET A CE  1 
ATOM   1030 N N   . ASP A 1 132 ? 12.017  -11.329 2.871   1.00 58.38 ? 132  ASP A N   1 
ATOM   1031 C CA  . ASP A 1 132 ? 12.227  -12.704 3.404   1.00 58.61 ? 132  ASP A CA  1 
ATOM   1032 C C   . ASP A 1 132 ? 10.983  -13.285 4.246   1.00 58.81 ? 132  ASP A C   1 
ATOM   1033 O O   . ASP A 1 132 ? 10.451  -14.416 4.099   1.00 54.49 ? 132  ASP A O   1 
ATOM   1034 C CB  . ASP A 1 132 ? 13.623  -12.792 4.076   1.00 58.99 ? 132  ASP A CB  1 
ATOM   1035 C CG  . ASP A 1 132 ? 14.756  -12.373 3.115   1.00 56.69 ? 132  ASP A CG  1 
ATOM   1036 O OD1 . ASP A 1 132 ? 14.951  -13.057 2.088   0.01 57.46 ? 132  ASP A OD1 1 
ATOM   1037 O OD2 . ASP A 1 132 ? 15.484  -11.379 3.317   0.01 57.61 ? 132  ASP A OD2 1 
ATOM   1038 O OXT . ASP A 1 132 ? 10.311  -12.625 5.089   1.00 61.63 ? 132  ASP A OXT 1 
HETATM 1039 N N1  . PRZ B 2 .   ? -3.352  1.555   -1.600  1.00 52.33 ? 2961 PRZ A N1  1 
HETATM 1040 C C2  . PRZ B 2 .   ? -2.102  1.818   -1.131  1.00 53.34 ? 2961 PRZ A C2  1 
HETATM 1041 C C3  . PRZ B 2 .   ? -1.671  3.109   -0.677  1.00 54.98 ? 2961 PRZ A C3  1 
HETATM 1042 N N4  . PRZ B 2 .   ? -2.640  4.072   -0.674  1.00 57.53 ? 2961 PRZ A N4  1 
HETATM 1043 C C5  . PRZ B 2 .   ? -3.921  3.771   -1.075  1.00 55.75 ? 2961 PRZ A C5  1 
HETATM 1044 C C6  . PRZ B 2 .   ? -4.292  2.481   -1.496  1.00 54.74 ? 2961 PRZ A C6  1 
HETATM 1045 C C21 . PRZ B 2 .   ? -1.187  0.780   -1.416  1.00 56.16 ? 2961 PRZ A C21 1 
HETATM 1046 C C22 . PRZ B 2 .   ? -0.498  1.169   -2.466  1.00 54.03 ? 2961 PRZ A C22 1 
HETATM 1047 C C23 . PRZ B 2 .   ? 0.229   0.197   -2.945  1.00 51.25 ? 2961 PRZ A C23 1 
HETATM 1048 C C24 . PRZ B 2 .   ? -0.412  2.584   -3.028  1.00 52.97 ? 2961 PRZ A C24 1 
HETATM 1049 O O31 . PRZ B 2 .   ? -0.489  3.304   -0.325  1.00 53.39 ? 2961 PRZ A O31 1 
HETATM 1050 C C31 . PRZ B 2 .   ? -0.326  4.693   0.011   1.00 56.10 ? 2961 PRZ A C31 1 
HETATM 1051 N N1  . PRZ C 2 .   ? 4.910   0.003   0.348   1.00 56.24 ? 2962 PRZ A N1  1 
HETATM 1052 C C2  . PRZ C 2 .   ? 3.641   0.319   0.580   1.00 54.55 ? 2962 PRZ A C2  1 
HETATM 1053 C C3  . PRZ C 2 .   ? 3.291   1.804   0.536   1.00 57.18 ? 2962 PRZ A C3  1 
HETATM 1054 N N4  . PRZ C 2 .   ? 4.189   2.756   0.053   1.00 59.95 ? 2962 PRZ A N4  1 
HETATM 1055 C C5  . PRZ C 2 .   ? 5.420   2.304   -0.266  1.00 58.62 ? 2962 PRZ A C5  1 
HETATM 1056 C C6  . PRZ C 2 .   ? 5.754   0.950   -0.132  1.00 58.20 ? 2962 PRZ A C6  1 
HETATM 1057 C C21 . PRZ C 2 .   ? 2.842   -0.779  1.141   1.00 56.83 ? 2962 PRZ A C21 1 
HETATM 1058 C C22 . PRZ C 2 .   ? 2.701   -2.156  1.172   1.00 54.31 ? 2962 PRZ A C22 1 
HETATM 1059 C C23 . PRZ C 2 .   ? 3.356   -3.051  0.465   1.00 47.55 ? 2962 PRZ A C23 1 
HETATM 1060 C C24 . PRZ C 2 .   ? 1.677   -2.717  2.187   1.00 59.39 ? 2962 PRZ A C24 1 
HETATM 1061 O O31 . PRZ C 2 .   ? 2.180   2.254   0.812   1.00 53.83 ? 2962 PRZ A O31 1 
HETATM 1062 C C31 . PRZ C 2 .   ? 2.172   3.693   0.775   1.00 54.38 ? 2962 PRZ A C31 1 
HETATM 1063 O O   . HOH D 3 .   ? -6.366  -8.932  -6.069  1.00 34.89 ? 2963 HOH A O   1 
HETATM 1064 O O   . HOH D 3 .   ? 16.068  -2.064  2.932   1.00 32.31 ? 2964 HOH A O   1 
HETATM 1065 O O   . HOH D 3 .   ? -0.509  4.113   -12.583 1.00 38.92 ? 2965 HOH A O   1 
HETATM 1066 O O   . HOH D 3 .   ? -5.109  -15.285 2.682   1.00 33.65 ? 2966 HOH A O   1 
HETATM 1067 O O   . HOH D 3 .   ? -5.417  -13.748 -0.495  1.00 30.51 ? 2967 HOH A O   1 
HETATM 1068 O O   . HOH D 3 .   ? 6.528   5.868   9.512   1.00 30.38 ? 2968 HOH A O   1 
HETATM 1069 O O   . HOH D 3 .   ? -2.536  -21.123 4.942   1.00 35.46 ? 2969 HOH A O   1 
HETATM 1070 O O   . HOH D 3 .   ? 14.742  9.840   2.088   1.00 35.35 ? 2970 HOH A O   1 
HETATM 1071 O O   . HOH D 3 .   ? -3.013  -8.347  -5.338  1.00 45.53 ? 2971 HOH A O   1 
HETATM 1072 O O   . HOH D 3 .   ? -6.528  -0.600  -12.241 1.00 43.67 ? 2972 HOH A O   1 
HETATM 1073 O O   . HOH D 3 .   ? 3.402   11.118  6.096   1.00 29.80 ? 2973 HOH A O   1 
HETATM 1074 O O   . HOH D 3 .   ? -0.573  -6.894  -9.229  1.00 28.78 ? 2974 HOH A O   1 
HETATM 1075 O O   . HOH D 3 .   ? 3.938   -6.108  -13.485 1.00 35.44 ? 2975 HOH A O   1 
HETATM 1076 O O   . HOH D 3 .   ? 11.393  12.221  -2.587  1.00 49.39 ? 2976 HOH A O   1 
HETATM 1077 O O   . HOH D 3 .   ? -5.173  10.718  8.558   1.00 47.34 ? 2977 HOH A O   1 
HETATM 1078 O O   . HOH D 3 .   ? -4.763  11.304  -4.692  1.00 32.45 ? 2978 HOH A O   1 
HETATM 1079 O O   . HOH D 3 .   ? 0.824   12.707  -9.603  1.00 38.46 ? 2979 HOH A O   1 
HETATM 1080 O O   . HOH D 3 .   ? 14.784  -2.457  5.542   1.00 37.49 ? 2980 HOH A O   1 
HETATM 1081 O O   . HOH D 3 .   ? 5.791   1.205   -13.694 1.00 34.28 ? 2981 HOH A O   1 
HETATM 1082 O O   . HOH D 3 .   ? 15.233  3.739   -7.828  1.00 39.78 ? 2982 HOH A O   1 
HETATM 1083 O O   . HOH D 3 .   ? -5.266  5.401   -2.632  1.00 32.36 ? 2983 HOH A O   1 
HETATM 1084 O O   . HOH D 3 .   ? -11.184 -2.477  -6.800  1.00 32.64 ? 2984 HOH A O   1 
HETATM 1085 O O   . HOH D 3 .   ? 8.221   -13.562 -6.361  1.00 38.19 ? 2985 HOH A O   1 
HETATM 1086 O O   . HOH D 3 .   ? 5.761   -9.768  0.300   1.00 38.79 ? 2986 HOH A O   1 
HETATM 1087 O O   . HOH D 3 .   ? -5.335  13.806  -5.829  1.00 33.86 ? 2987 HOH A O   1 
HETATM 1088 O O   . HOH D 3 .   ? 11.114  -6.210  -8.699  1.00 34.92 ? 2988 HOH A O   1 
HETATM 1089 O O   . HOH D 3 .   ? 7.460   -11.782 3.117   1.00 35.54 ? 2989 HOH A O   1 
HETATM 1090 O O   . HOH D 3 .   ? 5.744   3.491   10.285  1.00 34.33 ? 2990 HOH A O   1 
# 
